data_2AJ1
# 
_entry.id   2AJ1 
# 
_audit_conform.dict_name       mmcif_pdbx.dic 
_audit_conform.dict_version    5.392 
_audit_conform.dict_location   http://mmcif.pdb.org/dictionaries/ascii/mmcif_pdbx.dic 
# 
loop_
_database_2.database_id 
_database_2.database_code 
_database_2.pdbx_database_accession 
_database_2.pdbx_DOI 
PDB   2AJ1         pdb_00002aj1 10.2210/pdb2aj1/pdb 
RCSB  RCSB033950   ?            ?                   
WWPDB D_1000033950 ?            ?                   
# 
loop_
_pdbx_audit_revision_history.ordinal 
_pdbx_audit_revision_history.data_content_type 
_pdbx_audit_revision_history.major_revision 
_pdbx_audit_revision_history.minor_revision 
_pdbx_audit_revision_history.revision_date 
1 'Structure model' 1 0 2006-05-02 
2 'Structure model' 1 1 2008-04-30 
3 'Structure model' 1 2 2011-07-13 
4 'Structure model' 1 3 2021-11-10 
5 'Structure model' 1 4 2024-05-29 
# 
_pdbx_audit_revision_details.ordinal             1 
_pdbx_audit_revision_details.revision_ordinal    1 
_pdbx_audit_revision_details.data_content_type   'Structure model' 
_pdbx_audit_revision_details.provider            repository 
_pdbx_audit_revision_details.type                'Initial release' 
_pdbx_audit_revision_details.description         ? 
_pdbx_audit_revision_details.details             ? 
# 
loop_
_pdbx_audit_revision_group.ordinal 
_pdbx_audit_revision_group.revision_ordinal 
_pdbx_audit_revision_group.data_content_type 
_pdbx_audit_revision_group.group 
1 2 'Structure model' 'Version format compliance' 
2 3 'Structure model' 'Version format compliance' 
3 4 'Structure model' 'Data collection'           
4 4 'Structure model' 'Database references'       
5 4 'Structure model' 'Derived calculations'      
6 5 'Structure model' 'Data collection'           
# 
loop_
_pdbx_audit_revision_category.ordinal 
_pdbx_audit_revision_category.revision_ordinal 
_pdbx_audit_revision_category.data_content_type 
_pdbx_audit_revision_category.category 
1 4 'Structure model' database_2            
2 4 'Structure model' pdbx_nmr_software     
3 4 'Structure model' pdbx_nmr_spectrometer 
4 4 'Structure model' pdbx_struct_assembly  
5 4 'Structure model' pdbx_struct_oper_list 
6 4 'Structure model' struct_ref_seq_dif    
7 5 'Structure model' chem_comp_atom        
8 5 'Structure model' chem_comp_bond        
# 
loop_
_pdbx_audit_revision_item.ordinal 
_pdbx_audit_revision_item.revision_ordinal 
_pdbx_audit_revision_item.data_content_type 
_pdbx_audit_revision_item.item 
1 4 'Structure model' '_database_2.pdbx_DOI'                
2 4 'Structure model' '_database_2.pdbx_database_accession' 
3 4 'Structure model' '_pdbx_nmr_software.name'             
4 4 'Structure model' '_pdbx_nmr_spectrometer.model'        
5 4 'Structure model' '_struct_ref_seq_dif.details'         
# 
_pdbx_database_status.status_code                     REL 
_pdbx_database_status.entry_id                        2AJ1 
_pdbx_database_status.recvd_initial_deposition_date   2005-08-01 
_pdbx_database_status.deposit_site                    RCSB 
_pdbx_database_status.process_site                    PDBJ 
_pdbx_database_status.status_code_sf                  ? 
_pdbx_database_status.status_code_mr                  REL 
_pdbx_database_status.SG_entry                        ? 
_pdbx_database_status.pdb_format_compatible           Y 
_pdbx_database_status.status_code_cs                  ? 
_pdbx_database_status.status_code_nmr_data            ? 
_pdbx_database_status.methods_development_category    ? 
# 
_pdbx_database_related.db_name        PDB 
_pdbx_database_related.db_id          2AJ0 
_pdbx_database_related.details        'The ensemble structure of the same protein' 
_pdbx_database_related.content_type   unspecified 
# 
loop_
_audit_author.name 
_audit_author.pdbx_ordinal 
'Banci, L.'         1  
'Bertini, I.'       2  
'Ciofi-Baffoni, S.' 3  
'Su, X.-C.'         4  
'Miras, R.'         5  
'Bal, N.'           6  
'Mintz, E.'         7  
'Catty, P.'         8  
'Shokes, J.E.'      9  
'Scott, R.A.'       10 
# 
_citation.id                        primary 
_citation.title                     
'Structural basis for metal binding specificity: the N-terminal cadmium binding domain of the P1-type ATPase CadA' 
_citation.journal_abbrev            J.Mol.Biol. 
_citation.journal_volume            356 
_citation.page_first                638 
_citation.page_last                 650 
_citation.year                      2006 
_citation.journal_id_ASTM           JMOBAK 
_citation.country                   UK 
_citation.journal_id_ISSN           0022-2836 
_citation.journal_id_CSD            0070 
_citation.book_publisher            ? 
_citation.pdbx_database_id_PubMed   16388822 
_citation.pdbx_database_id_DOI      10.1016/j.jmb.2005.11.055 
# 
loop_
_citation_author.citation_id 
_citation_author.name 
_citation_author.ordinal 
_citation_author.identifier_ORCID 
primary 'Banci, L.'         1  ? 
primary 'Bertini, I.'       2  ? 
primary 'Ciofi-Baffoni, S.' 3  ? 
primary 'Su, X.-C.'         4  ? 
primary 'Miras, R.'         5  ? 
primary 'Bal, N.'           6  ? 
primary 'Mintz, E.'         7  ? 
primary 'Catty, P.'         8  ? 
primary 'Shokes, J.E.'      9  ? 
primary 'Scott, R.A.'       10 ? 
# 
_entity.id                         1 
_entity.type                       polymer 
_entity.src_method                 man 
_entity.pdbx_description           'Probable cadmium-transporting ATPase' 
_entity.formula_weight             7708.727 
_entity.pdbx_number_of_molecules   1 
_entity.pdbx_ec                    3.6.3.3 
_entity.pdbx_mutation              S71A 
_entity.pdbx_fragment              'N-terminal domain' 
_entity.details                    ? 
# 
_entity_name_com.entity_id   1 
_entity_name_com.name        'CadA P-type ATPASE, Cadmium efflux ATPase' 
# 
_entity_poly.entity_id                      1 
_entity_poly.type                           'polypeptide(L)' 
_entity_poly.nstd_linkage                   no 
_entity_poly.nstd_monomer                   no 
_entity_poly.pdbx_seq_one_letter_code       MAEKTVYRVDGLSCTNCAAKFERNVKEIEGVTEAIVNFGASKITVTGEASIQQVEQAGAFEHLKIIPEKEA 
_entity_poly.pdbx_seq_one_letter_code_can   MAEKTVYRVDGLSCTNCAAKFERNVKEIEGVTEAIVNFGASKITVTGEASIQQVEQAGAFEHLKIIPEKEA 
_entity_poly.pdbx_strand_id                 A 
_entity_poly.pdbx_target_identifier         ? 
# 
loop_
_entity_poly_seq.entity_id 
_entity_poly_seq.num 
_entity_poly_seq.mon_id 
_entity_poly_seq.hetero 
1 1  MET n 
1 2  ALA n 
1 3  GLU n 
1 4  LYS n 
1 5  THR n 
1 6  VAL n 
1 7  TYR n 
1 8  ARG n 
1 9  VAL n 
1 10 ASP n 
1 11 GLY n 
1 12 LEU n 
1 13 SER n 
1 14 CYS n 
1 15 THR n 
1 16 ASN n 
1 17 CYS n 
1 18 ALA n 
1 19 ALA n 
1 20 LYS n 
1 21 PHE n 
1 22 GLU n 
1 23 ARG n 
1 24 ASN n 
1 25 VAL n 
1 26 LYS n 
1 27 GLU n 
1 28 ILE n 
1 29 GLU n 
1 30 GLY n 
1 31 VAL n 
1 32 THR n 
1 33 GLU n 
1 34 ALA n 
1 35 ILE n 
1 36 VAL n 
1 37 ASN n 
1 38 PHE n 
1 39 GLY n 
1 40 ALA n 
1 41 SER n 
1 42 LYS n 
1 43 ILE n 
1 44 THR n 
1 45 VAL n 
1 46 THR n 
1 47 GLY n 
1 48 GLU n 
1 49 ALA n 
1 50 SER n 
1 51 ILE n 
1 52 GLN n 
1 53 GLN n 
1 54 VAL n 
1 55 GLU n 
1 56 GLN n 
1 57 ALA n 
1 58 GLY n 
1 59 ALA n 
1 60 PHE n 
1 61 GLU n 
1 62 HIS n 
1 63 LEU n 
1 64 LYS n 
1 65 ILE n 
1 66 ILE n 
1 67 PRO n 
1 68 GLU n 
1 69 LYS n 
1 70 GLU n 
1 71 ALA n 
# 
_entity_src_gen.entity_id                          1 
_entity_src_gen.pdbx_src_id                        1 
_entity_src_gen.pdbx_alt_source_flag               sample 
_entity_src_gen.pdbx_seq_type                      ? 
_entity_src_gen.pdbx_beg_seq_num                   ? 
_entity_src_gen.pdbx_end_seq_num                   ? 
_entity_src_gen.gene_src_common_name               ? 
_entity_src_gen.gene_src_genus                     Listeria 
_entity_src_gen.pdbx_gene_src_gene                 cadA 
_entity_src_gen.gene_src_species                   ? 
_entity_src_gen.gene_src_strain                    ? 
_entity_src_gen.gene_src_tissue                    ? 
_entity_src_gen.gene_src_tissue_fraction           ? 
_entity_src_gen.gene_src_details                   ? 
_entity_src_gen.pdbx_gene_src_fragment             ? 
_entity_src_gen.pdbx_gene_src_scientific_name      'Listeria monocytogenes' 
_entity_src_gen.pdbx_gene_src_ncbi_taxonomy_id     1639 
_entity_src_gen.pdbx_gene_src_variant              ? 
_entity_src_gen.pdbx_gene_src_cell_line            ? 
_entity_src_gen.pdbx_gene_src_atcc                 ? 
_entity_src_gen.pdbx_gene_src_organ                ? 
_entity_src_gen.pdbx_gene_src_organelle            ? 
_entity_src_gen.pdbx_gene_src_cell                 ? 
_entity_src_gen.pdbx_gene_src_cellular_location    ? 
_entity_src_gen.host_org_common_name               ? 
_entity_src_gen.pdbx_host_org_scientific_name      'Escherichia coli' 
_entity_src_gen.pdbx_host_org_ncbi_taxonomy_id     562 
_entity_src_gen.host_org_genus                     Escherichia 
_entity_src_gen.pdbx_host_org_gene                 ? 
_entity_src_gen.pdbx_host_org_organ                ? 
_entity_src_gen.host_org_species                   ? 
_entity_src_gen.pdbx_host_org_tissue               ? 
_entity_src_gen.pdbx_host_org_tissue_fraction      ? 
_entity_src_gen.pdbx_host_org_strain               M15 
_entity_src_gen.pdbx_host_org_variant              ? 
_entity_src_gen.pdbx_host_org_cell_line            ? 
_entity_src_gen.pdbx_host_org_atcc                 ? 
_entity_src_gen.pdbx_host_org_culture_collection   ? 
_entity_src_gen.pdbx_host_org_cell                 ? 
_entity_src_gen.pdbx_host_org_organelle            ? 
_entity_src_gen.pdbx_host_org_cellular_location    ? 
_entity_src_gen.pdbx_host_org_vector_type          plasmid 
_entity_src_gen.pdbx_host_org_vector               ? 
_entity_src_gen.host_org_details                   ? 
_entity_src_gen.expression_system_id               ? 
_entity_src_gen.plasmid_name                       'pQE-60 vector (Qiagen)' 
_entity_src_gen.plasmid_details                    ? 
_entity_src_gen.pdbx_description                   ? 
# 
loop_
_chem_comp.id 
_chem_comp.type 
_chem_comp.mon_nstd_flag 
_chem_comp.name 
_chem_comp.pdbx_synonyms 
_chem_comp.formula 
_chem_comp.formula_weight 
ALA 'L-peptide linking' y ALANINE         ? 'C3 H7 N O2'     89.093  
ARG 'L-peptide linking' y ARGININE        ? 'C6 H15 N4 O2 1' 175.209 
ASN 'L-peptide linking' y ASPARAGINE      ? 'C4 H8 N2 O3'    132.118 
ASP 'L-peptide linking' y 'ASPARTIC ACID' ? 'C4 H7 N O4'     133.103 
CYS 'L-peptide linking' y CYSTEINE        ? 'C3 H7 N O2 S'   121.158 
GLN 'L-peptide linking' y GLUTAMINE       ? 'C5 H10 N2 O3'   146.144 
GLU 'L-peptide linking' y 'GLUTAMIC ACID' ? 'C5 H9 N O4'     147.129 
GLY 'peptide linking'   y GLYCINE         ? 'C2 H5 N O2'     75.067  
HIS 'L-peptide linking' y HISTIDINE       ? 'C6 H10 N3 O2 1' 156.162 
ILE 'L-peptide linking' y ISOLEUCINE      ? 'C6 H13 N O2'    131.173 
LEU 'L-peptide linking' y LEUCINE         ? 'C6 H13 N O2'    131.173 
LYS 'L-peptide linking' y LYSINE          ? 'C6 H15 N2 O2 1' 147.195 
MET 'L-peptide linking' y METHIONINE      ? 'C5 H11 N O2 S'  149.211 
PHE 'L-peptide linking' y PHENYLALANINE   ? 'C9 H11 N O2'    165.189 
PRO 'L-peptide linking' y PROLINE         ? 'C5 H9 N O2'     115.130 
SER 'L-peptide linking' y SERINE          ? 'C3 H7 N O3'     105.093 
THR 'L-peptide linking' y THREONINE       ? 'C4 H9 N O3'     119.119 
TYR 'L-peptide linking' y TYROSINE        ? 'C9 H11 N O3'    181.189 
VAL 'L-peptide linking' y VALINE          ? 'C5 H11 N O2'    117.146 
# 
loop_
_pdbx_poly_seq_scheme.asym_id 
_pdbx_poly_seq_scheme.entity_id 
_pdbx_poly_seq_scheme.seq_id 
_pdbx_poly_seq_scheme.mon_id 
_pdbx_poly_seq_scheme.ndb_seq_num 
_pdbx_poly_seq_scheme.pdb_seq_num 
_pdbx_poly_seq_scheme.auth_seq_num 
_pdbx_poly_seq_scheme.pdb_mon_id 
_pdbx_poly_seq_scheme.auth_mon_id 
_pdbx_poly_seq_scheme.pdb_strand_id 
_pdbx_poly_seq_scheme.pdb_ins_code 
_pdbx_poly_seq_scheme.hetero 
A 1 1  MET 1  1  1  MET MET A . n 
A 1 2  ALA 2  2  2  ALA ALA A . n 
A 1 3  GLU 3  3  3  GLU GLU A . n 
A 1 4  LYS 4  4  4  LYS LYS A . n 
A 1 5  THR 5  5  5  THR THR A . n 
A 1 6  VAL 6  6  6  VAL VAL A . n 
A 1 7  TYR 7  7  7  TYR TYR A . n 
A 1 8  ARG 8  8  8  ARG ARG A . n 
A 1 9  VAL 9  9  9  VAL VAL A . n 
A 1 10 ASP 10 10 10 ASP ASP A . n 
A 1 11 GLY 11 11 11 GLY GLY A . n 
A 1 12 LEU 12 12 12 LEU LEU A . n 
A 1 13 SER 13 13 13 SER SER A . n 
A 1 14 CYS 14 14 14 CYS CYS A . n 
A 1 15 THR 15 15 15 THR THR A . n 
A 1 16 ASN 16 16 16 ASN ASN A . n 
A 1 17 CYS 17 17 17 CYS CYS A . n 
A 1 18 ALA 18 18 18 ALA ALA A . n 
A 1 19 ALA 19 19 19 ALA ALA A . n 
A 1 20 LYS 20 20 20 LYS LYS A . n 
A 1 21 PHE 21 21 21 PHE PHE A . n 
A 1 22 GLU 22 22 22 GLU GLU A . n 
A 1 23 ARG 23 23 23 ARG ARG A . n 
A 1 24 ASN 24 24 24 ASN ASN A . n 
A 1 25 VAL 25 25 25 VAL VAL A . n 
A 1 26 LYS 26 26 26 LYS LYS A . n 
A 1 27 GLU 27 27 27 GLU GLU A . n 
A 1 28 ILE 28 28 28 ILE ILE A . n 
A 1 29 GLU 29 29 29 GLU GLU A . n 
A 1 30 GLY 30 30 30 GLY GLY A . n 
A 1 31 VAL 31 31 31 VAL VAL A . n 
A 1 32 THR 32 32 32 THR THR A . n 
A 1 33 GLU 33 33 33 GLU GLU A . n 
A 1 34 ALA 34 34 34 ALA ALA A . n 
A 1 35 ILE 35 35 35 ILE ILE A . n 
A 1 36 VAL 36 36 36 VAL VAL A . n 
A 1 37 ASN 37 37 37 ASN ASN A . n 
A 1 38 PHE 38 38 38 PHE PHE A . n 
A 1 39 GLY 39 39 39 GLY GLY A . n 
A 1 40 ALA 40 40 40 ALA ALA A . n 
A 1 41 SER 41 41 41 SER SER A . n 
A 1 42 LYS 42 42 42 LYS LYS A . n 
A 1 43 ILE 43 43 43 ILE ILE A . n 
A 1 44 THR 44 44 44 THR THR A . n 
A 1 45 VAL 45 45 45 VAL VAL A . n 
A 1 46 THR 46 46 46 THR THR A . n 
A 1 47 GLY 47 47 47 GLY GLY A . n 
A 1 48 GLU 48 48 48 GLU GLU A . n 
A 1 49 ALA 49 49 49 ALA ALA A . n 
A 1 50 SER 50 50 50 SER SER A . n 
A 1 51 ILE 51 51 51 ILE ILE A . n 
A 1 52 GLN 52 52 52 GLN GLN A . n 
A 1 53 GLN 53 53 53 GLN GLN A . n 
A 1 54 VAL 54 54 54 VAL VAL A . n 
A 1 55 GLU 55 55 55 GLU GLU A . n 
A 1 56 GLN 56 56 56 GLN GLN A . n 
A 1 57 ALA 57 57 57 ALA ALA A . n 
A 1 58 GLY 58 58 58 GLY GLY A . n 
A 1 59 ALA 59 59 59 ALA ALA A . n 
A 1 60 PHE 60 60 60 PHE PHE A . n 
A 1 61 GLU 61 61 61 GLU GLU A . n 
A 1 62 HIS 62 62 62 HIS HIS A . n 
A 1 63 LEU 63 63 63 LEU LEU A . n 
A 1 64 LYS 64 64 64 LYS LYS A . n 
A 1 65 ILE 65 65 65 ILE ILE A . n 
A 1 66 ILE 66 66 66 ILE ILE A . n 
A 1 67 PRO 67 67 67 PRO PRO A . n 
A 1 68 GLU 68 68 68 GLU GLU A . n 
A 1 69 LYS 69 69 69 LYS LYS A . n 
A 1 70 GLU 70 70 70 GLU GLU A . n 
A 1 71 ALA 71 71 71 ALA ALA A . n 
# 
_exptl.entry_id          2AJ1 
_exptl.method            'SOLUTION NMR' 
_exptl.crystals_number   ? 
# 
_struct.entry_id                  2AJ1 
_struct.title                     'Solution structure of apoCadA' 
_struct.pdbx_model_details        ? 
_struct.pdbx_CASP_flag            ? 
_struct.pdbx_model_type_details   'minimized average' 
# 
_struct_keywords.entry_id        2AJ1 
_struct_keywords.pdbx_keywords   HYDROLASE 
_struct_keywords.text            'ferrodoxin-like fold, beta-alpha-beta-beta-alpha-beta, metal binding protein, Hydrolase' 
# 
_struct_asym.id                            A 
_struct_asym.pdbx_blank_PDB_chainid_flag   N 
_struct_asym.pdbx_modified                 N 
_struct_asym.entity_id                     1 
_struct_asym.details                       ? 
# 
_struct_ref.id                         1 
_struct_ref.db_name                    UNP 
_struct_ref.db_code                    CADA2_LISMO 
_struct_ref.pdbx_db_accession          Q60048 
_struct_ref.entity_id                  1 
_struct_ref.pdbx_align_begin           1 
_struct_ref.pdbx_db_isoform            ? 
_struct_ref.pdbx_seq_one_letter_code   ? 
# 
_struct_ref_seq.align_id                      1 
_struct_ref_seq.ref_id                        1 
_struct_ref_seq.pdbx_PDB_id_code              2AJ1 
_struct_ref_seq.pdbx_strand_id                A 
_struct_ref_seq.seq_align_beg                 1 
_struct_ref_seq.pdbx_seq_align_beg_ins_code   ? 
_struct_ref_seq.seq_align_end                 71 
_struct_ref_seq.pdbx_seq_align_end_ins_code   ? 
_struct_ref_seq.pdbx_db_accession             Q60048 
_struct_ref_seq.db_align_beg                  1 
_struct_ref_seq.pdbx_db_align_beg_ins_code    ? 
_struct_ref_seq.db_align_end                  71 
_struct_ref_seq.pdbx_db_align_end_ins_code    ? 
_struct_ref_seq.pdbx_auth_seq_align_beg       1 
_struct_ref_seq.pdbx_auth_seq_align_end       71 
# 
_struct_ref_seq_dif.align_id                     1 
_struct_ref_seq_dif.pdbx_pdb_id_code             2AJ1 
_struct_ref_seq_dif.mon_id                       ALA 
_struct_ref_seq_dif.pdbx_pdb_strand_id           A 
_struct_ref_seq_dif.seq_num                      71 
_struct_ref_seq_dif.pdbx_pdb_ins_code            ? 
_struct_ref_seq_dif.pdbx_seq_db_name             UNP 
_struct_ref_seq_dif.pdbx_seq_db_accession_code   Q60048 
_struct_ref_seq_dif.db_mon_id                    SER 
_struct_ref_seq_dif.pdbx_seq_db_seq_num          71 
_struct_ref_seq_dif.details                      'engineered mutation' 
_struct_ref_seq_dif.pdbx_auth_seq_num            71 
_struct_ref_seq_dif.pdbx_ordinal                 1 
# 
_pdbx_struct_assembly.id                   1 
_pdbx_struct_assembly.details              author_defined_assembly 
_pdbx_struct_assembly.method_details       ? 
_pdbx_struct_assembly.oligomeric_details   monomeric 
_pdbx_struct_assembly.oligomeric_count     1 
# 
_pdbx_struct_assembly_gen.assembly_id       1 
_pdbx_struct_assembly_gen.oper_expression   1 
_pdbx_struct_assembly_gen.asym_id_list      A 
# 
_pdbx_struct_oper_list.id                   1 
_pdbx_struct_oper_list.type                 'identity operation' 
_pdbx_struct_oper_list.name                 1_555 
_pdbx_struct_oper_list.symmetry_operation   ? 
_pdbx_struct_oper_list.matrix[1][1]         1.0000000000 
_pdbx_struct_oper_list.matrix[1][2]         0.0000000000 
_pdbx_struct_oper_list.matrix[1][3]         0.0000000000 
_pdbx_struct_oper_list.vector[1]            0.0000000000 
_pdbx_struct_oper_list.matrix[2][1]         0.0000000000 
_pdbx_struct_oper_list.matrix[2][2]         1.0000000000 
_pdbx_struct_oper_list.matrix[2][3]         0.0000000000 
_pdbx_struct_oper_list.vector[2]            0.0000000000 
_pdbx_struct_oper_list.matrix[3][1]         0.0000000000 
_pdbx_struct_oper_list.matrix[3][2]         0.0000000000 
_pdbx_struct_oper_list.matrix[3][3]         1.0000000000 
_pdbx_struct_oper_list.vector[3]            0.0000000000 
# 
_struct_biol.id   1 
# 
loop_
_struct_conf.conf_type_id 
_struct_conf.id 
_struct_conf.pdbx_PDB_helix_id 
_struct_conf.beg_label_comp_id 
_struct_conf.beg_label_asym_id 
_struct_conf.beg_label_seq_id 
_struct_conf.pdbx_beg_PDB_ins_code 
_struct_conf.end_label_comp_id 
_struct_conf.end_label_asym_id 
_struct_conf.end_label_seq_id 
_struct_conf.pdbx_end_PDB_ins_code 
_struct_conf.beg_auth_comp_id 
_struct_conf.beg_auth_asym_id 
_struct_conf.beg_auth_seq_id 
_struct_conf.end_auth_comp_id 
_struct_conf.end_auth_asym_id 
_struct_conf.end_auth_seq_id 
_struct_conf.pdbx_PDB_helix_class 
_struct_conf.details 
_struct_conf.pdbx_PDB_helix_length 
HELX_P HELX_P1 1 CYS A 14 ? GLU A 27 ? CYS A 14 GLU A 27 1 ? 14 
HELX_P HELX_P2 2 SER A 50 ? GLY A 58 ? SER A 50 GLY A 58 1 ? 9  
HELX_P HELX_P3 3 ALA A 59 ? GLU A 61 ? ALA A 59 GLU A 61 5 ? 3  
# 
_struct_conf_type.id          HELX_P 
_struct_conf_type.criteria    ? 
_struct_conf_type.reference   ? 
# 
_struct_sheet.id               A 
_struct_sheet.type             ? 
_struct_sheet.number_strands   4 
_struct_sheet.details          ? 
# 
loop_
_struct_sheet_order.sheet_id 
_struct_sheet_order.range_id_1 
_struct_sheet_order.range_id_2 
_struct_sheet_order.offset 
_struct_sheet_order.sense 
A 1 2 ? anti-parallel 
A 2 3 ? anti-parallel 
A 3 4 ? anti-parallel 
# 
loop_
_struct_sheet_range.sheet_id 
_struct_sheet_range.id 
_struct_sheet_range.beg_label_comp_id 
_struct_sheet_range.beg_label_asym_id 
_struct_sheet_range.beg_label_seq_id 
_struct_sheet_range.pdbx_beg_PDB_ins_code 
_struct_sheet_range.end_label_comp_id 
_struct_sheet_range.end_label_asym_id 
_struct_sheet_range.end_label_seq_id 
_struct_sheet_range.pdbx_end_PDB_ins_code 
_struct_sheet_range.beg_auth_comp_id 
_struct_sheet_range.beg_auth_asym_id 
_struct_sheet_range.beg_auth_seq_id 
_struct_sheet_range.end_auth_comp_id 
_struct_sheet_range.end_auth_asym_id 
_struct_sheet_range.end_auth_seq_id 
A 1 VAL A 31 ? ASN A 37 ? VAL A 31 ASN A 37 
A 2 LYS A 42 ? GLY A 47 ? LYS A 42 GLY A 47 
A 3 GLU A 3  ? ASP A 10 ? GLU A 3  ASP A 10 
A 4 LYS A 64 ? ILE A 66 ? LYS A 64 ILE A 66 
# 
loop_
_pdbx_struct_sheet_hbond.sheet_id 
_pdbx_struct_sheet_hbond.range_id_1 
_pdbx_struct_sheet_hbond.range_id_2 
_pdbx_struct_sheet_hbond.range_1_label_atom_id 
_pdbx_struct_sheet_hbond.range_1_label_comp_id 
_pdbx_struct_sheet_hbond.range_1_label_asym_id 
_pdbx_struct_sheet_hbond.range_1_label_seq_id 
_pdbx_struct_sheet_hbond.range_1_PDB_ins_code 
_pdbx_struct_sheet_hbond.range_1_auth_atom_id 
_pdbx_struct_sheet_hbond.range_1_auth_comp_id 
_pdbx_struct_sheet_hbond.range_1_auth_asym_id 
_pdbx_struct_sheet_hbond.range_1_auth_seq_id 
_pdbx_struct_sheet_hbond.range_2_label_atom_id 
_pdbx_struct_sheet_hbond.range_2_label_comp_id 
_pdbx_struct_sheet_hbond.range_2_label_asym_id 
_pdbx_struct_sheet_hbond.range_2_label_seq_id 
_pdbx_struct_sheet_hbond.range_2_PDB_ins_code 
_pdbx_struct_sheet_hbond.range_2_auth_atom_id 
_pdbx_struct_sheet_hbond.range_2_auth_comp_id 
_pdbx_struct_sheet_hbond.range_2_auth_asym_id 
_pdbx_struct_sheet_hbond.range_2_auth_seq_id 
A 1 2 N ASN A 37 ? N ASN A 37 O LYS A 42 ? O LYS A 42 
A 2 3 O VAL A 45 ? O VAL A 45 N THR A 5  ? N THR A 5  
A 3 4 N ARG A 8  ? N ARG A 8  O ILE A 66 ? O ILE A 66 
# 
_pdbx_validate_rmsd_bond.id                        1 
_pdbx_validate_rmsd_bond.PDB_model_num             1 
_pdbx_validate_rmsd_bond.auth_atom_id_1            CA 
_pdbx_validate_rmsd_bond.auth_asym_id_1            A 
_pdbx_validate_rmsd_bond.auth_comp_id_1            ALA 
_pdbx_validate_rmsd_bond.auth_seq_id_1             2 
_pdbx_validate_rmsd_bond.PDB_ins_code_1            ? 
_pdbx_validate_rmsd_bond.label_alt_id_1            ? 
_pdbx_validate_rmsd_bond.auth_atom_id_2            CB 
_pdbx_validate_rmsd_bond.auth_asym_id_2            A 
_pdbx_validate_rmsd_bond.auth_comp_id_2            ALA 
_pdbx_validate_rmsd_bond.auth_seq_id_2             2 
_pdbx_validate_rmsd_bond.PDB_ins_code_2            ? 
_pdbx_validate_rmsd_bond.label_alt_id_2            ? 
_pdbx_validate_rmsd_bond.bond_value                1.091 
_pdbx_validate_rmsd_bond.bond_target_value         1.520 
_pdbx_validate_rmsd_bond.bond_deviation            -0.429 
_pdbx_validate_rmsd_bond.bond_standard_deviation   0.021 
_pdbx_validate_rmsd_bond.linker_flag               N 
# 
_pdbx_validate_rmsd_angle.id                         1 
_pdbx_validate_rmsd_angle.PDB_model_num              1 
_pdbx_validate_rmsd_angle.auth_atom_id_1             NE 
_pdbx_validate_rmsd_angle.auth_asym_id_1             A 
_pdbx_validate_rmsd_angle.auth_comp_id_1             ARG 
_pdbx_validate_rmsd_angle.auth_seq_id_1              8 
_pdbx_validate_rmsd_angle.PDB_ins_code_1             ? 
_pdbx_validate_rmsd_angle.label_alt_id_1             ? 
_pdbx_validate_rmsd_angle.auth_atom_id_2             CZ 
_pdbx_validate_rmsd_angle.auth_asym_id_2             A 
_pdbx_validate_rmsd_angle.auth_comp_id_2             ARG 
_pdbx_validate_rmsd_angle.auth_seq_id_2              8 
_pdbx_validate_rmsd_angle.PDB_ins_code_2             ? 
_pdbx_validate_rmsd_angle.label_alt_id_2             ? 
_pdbx_validate_rmsd_angle.auth_atom_id_3             NH2 
_pdbx_validate_rmsd_angle.auth_asym_id_3             A 
_pdbx_validate_rmsd_angle.auth_comp_id_3             ARG 
_pdbx_validate_rmsd_angle.auth_seq_id_3              8 
_pdbx_validate_rmsd_angle.PDB_ins_code_3             ? 
_pdbx_validate_rmsd_angle.label_alt_id_3             ? 
_pdbx_validate_rmsd_angle.angle_value                116.93 
_pdbx_validate_rmsd_angle.angle_target_value         120.30 
_pdbx_validate_rmsd_angle.angle_deviation            -3.37 
_pdbx_validate_rmsd_angle.angle_standard_deviation   0.50 
_pdbx_validate_rmsd_angle.linker_flag                N 
# 
loop_
_pdbx_validate_torsion.id 
_pdbx_validate_torsion.PDB_model_num 
_pdbx_validate_torsion.auth_comp_id 
_pdbx_validate_torsion.auth_asym_id 
_pdbx_validate_torsion.auth_seq_id 
_pdbx_validate_torsion.PDB_ins_code 
_pdbx_validate_torsion.label_alt_id 
_pdbx_validate_torsion.phi 
_pdbx_validate_torsion.psi 
1 1 ALA A 2  ? ? 163.78  68.00   
2 1 SER A 13 ? ? -168.21 69.11   
3 1 ASN A 37 ? ? -101.65 72.52   
4 1 ALA A 40 ? ? -168.27 55.22   
5 1 SER A 41 ? ? -155.84 -112.15 
6 1 GLU A 48 ? ? -155.69 54.68   
7 1 GLU A 68 ? ? -67.04  60.55   
# 
loop_
_pdbx_validate_planes.id 
_pdbx_validate_planes.PDB_model_num 
_pdbx_validate_planes.auth_comp_id 
_pdbx_validate_planes.auth_asym_id 
_pdbx_validate_planes.auth_seq_id 
_pdbx_validate_planes.PDB_ins_code 
_pdbx_validate_planes.label_alt_id 
_pdbx_validate_planes.rmsd 
_pdbx_validate_planes.type 
1 1 TYR A 7  ? ? 0.079 'SIDE CHAIN' 
2 1 PHE A 38 ? ? 0.122 'SIDE CHAIN' 
# 
_pdbx_nmr_ensemble.entry_id                             2AJ1 
_pdbx_nmr_ensemble.conformers_calculated_total_number   ? 
_pdbx_nmr_ensemble.conformers_submitted_total_number    1 
_pdbx_nmr_ensemble.conformer_selection_criteria         ? 
# 
_pdbx_nmr_representative.entry_id             2AJ1 
_pdbx_nmr_representative.conformer_id         1 
_pdbx_nmr_representative.selection_criteria   'minimized average structure' 
# 
_pdbx_nmr_sample_details.solution_id      1 
_pdbx_nmr_sample_details.contents         
'2mM CadA N-terminal domain U-15N, 350mM sodium phosphate buffer, pH 7, in the presence of 5mM TCEP' 
_pdbx_nmr_sample_details.solvent_system   '90% H2O/10% D2O' 
# 
_pdbx_nmr_exptl_sample_conditions.conditions_id       1 
_pdbx_nmr_exptl_sample_conditions.temperature         298 
_pdbx_nmr_exptl_sample_conditions.pressure            ambient 
_pdbx_nmr_exptl_sample_conditions.pH                  7.0 
_pdbx_nmr_exptl_sample_conditions.ionic_strength      '350mM sodium phosphate' 
_pdbx_nmr_exptl_sample_conditions.pressure_units      . 
_pdbx_nmr_exptl_sample_conditions.temperature_units   K 
# 
loop_
_pdbx_nmr_exptl.experiment_id 
_pdbx_nmr_exptl.conditions_id 
_pdbx_nmr_exptl.type 
_pdbx_nmr_exptl.solution_id 
1 1 '2D NOESY'             1 
2 1 '2D TOCSY'             1 
3 1 3D_15N-separated_NOESY 1 
4 1 HNHA                   1 
5 1 HNHB                   1 
# 
_pdbx_nmr_details.entry_id   2AJ1 
_pdbx_nmr_details.text       'This structure was determined using standard 3D 15N heteonuclear techniques' 
# 
_pdbx_nmr_refine.entry_id           2AJ1 
_pdbx_nmr_refine.method             'simulated annealing' 
_pdbx_nmr_refine.details            
'the structures are based on a total of 1269 NOE-derived, distance and dihedral angle restraints.' 
_pdbx_nmr_refine.software_ordinal   1 
# 
loop_
_pdbx_nmr_software.classification 
_pdbx_nmr_software.name 
_pdbx_nmr_software.version 
_pdbx_nmr_software.authors 
_pdbx_nmr_software.ordinal 
collection           XwinNMR ?   ? 1 
processing           XwinNMR ?   ? 2 
'data analysis'      NEASY   ?   ? 3 
'structure solution' DYANA   ?   ? 4 
refinement           Amber   5.0 ? 5 
# 
loop_
_chem_comp_atom.comp_id 
_chem_comp_atom.atom_id 
_chem_comp_atom.type_symbol 
_chem_comp_atom.pdbx_aromatic_flag 
_chem_comp_atom.pdbx_stereo_config 
_chem_comp_atom.pdbx_ordinal 
ALA N    N N N 1   
ALA CA   C N S 2   
ALA C    C N N 3   
ALA O    O N N 4   
ALA CB   C N N 5   
ALA OXT  O N N 6   
ALA H    H N N 7   
ALA H2   H N N 8   
ALA HA   H N N 9   
ALA HB1  H N N 10  
ALA HB2  H N N 11  
ALA HB3  H N N 12  
ALA HXT  H N N 13  
ARG N    N N N 14  
ARG CA   C N S 15  
ARG C    C N N 16  
ARG O    O N N 17  
ARG CB   C N N 18  
ARG CG   C N N 19  
ARG CD   C N N 20  
ARG NE   N N N 21  
ARG CZ   C N N 22  
ARG NH1  N N N 23  
ARG NH2  N N N 24  
ARG OXT  O N N 25  
ARG H    H N N 26  
ARG H2   H N N 27  
ARG HA   H N N 28  
ARG HB2  H N N 29  
ARG HB3  H N N 30  
ARG HG2  H N N 31  
ARG HG3  H N N 32  
ARG HD2  H N N 33  
ARG HD3  H N N 34  
ARG HE   H N N 35  
ARG HH11 H N N 36  
ARG HH12 H N N 37  
ARG HH21 H N N 38  
ARG HH22 H N N 39  
ARG HXT  H N N 40  
ASN N    N N N 41  
ASN CA   C N S 42  
ASN C    C N N 43  
ASN O    O N N 44  
ASN CB   C N N 45  
ASN CG   C N N 46  
ASN OD1  O N N 47  
ASN ND2  N N N 48  
ASN OXT  O N N 49  
ASN H    H N N 50  
ASN H2   H N N 51  
ASN HA   H N N 52  
ASN HB2  H N N 53  
ASN HB3  H N N 54  
ASN HD21 H N N 55  
ASN HD22 H N N 56  
ASN HXT  H N N 57  
ASP N    N N N 58  
ASP CA   C N S 59  
ASP C    C N N 60  
ASP O    O N N 61  
ASP CB   C N N 62  
ASP CG   C N N 63  
ASP OD1  O N N 64  
ASP OD2  O N N 65  
ASP OXT  O N N 66  
ASP H    H N N 67  
ASP H2   H N N 68  
ASP HA   H N N 69  
ASP HB2  H N N 70  
ASP HB3  H N N 71  
ASP HD2  H N N 72  
ASP HXT  H N N 73  
CYS N    N N N 74  
CYS CA   C N R 75  
CYS C    C N N 76  
CYS O    O N N 77  
CYS CB   C N N 78  
CYS SG   S N N 79  
CYS OXT  O N N 80  
CYS H    H N N 81  
CYS H2   H N N 82  
CYS HA   H N N 83  
CYS HB2  H N N 84  
CYS HB3  H N N 85  
CYS HG   H N N 86  
CYS HXT  H N N 87  
GLN N    N N N 88  
GLN CA   C N S 89  
GLN C    C N N 90  
GLN O    O N N 91  
GLN CB   C N N 92  
GLN CG   C N N 93  
GLN CD   C N N 94  
GLN OE1  O N N 95  
GLN NE2  N N N 96  
GLN OXT  O N N 97  
GLN H    H N N 98  
GLN H2   H N N 99  
GLN HA   H N N 100 
GLN HB2  H N N 101 
GLN HB3  H N N 102 
GLN HG2  H N N 103 
GLN HG3  H N N 104 
GLN HE21 H N N 105 
GLN HE22 H N N 106 
GLN HXT  H N N 107 
GLU N    N N N 108 
GLU CA   C N S 109 
GLU C    C N N 110 
GLU O    O N N 111 
GLU CB   C N N 112 
GLU CG   C N N 113 
GLU CD   C N N 114 
GLU OE1  O N N 115 
GLU OE2  O N N 116 
GLU OXT  O N N 117 
GLU H    H N N 118 
GLU H2   H N N 119 
GLU HA   H N N 120 
GLU HB2  H N N 121 
GLU HB3  H N N 122 
GLU HG2  H N N 123 
GLU HG3  H N N 124 
GLU HE2  H N N 125 
GLU HXT  H N N 126 
GLY N    N N N 127 
GLY CA   C N N 128 
GLY C    C N N 129 
GLY O    O N N 130 
GLY OXT  O N N 131 
GLY H    H N N 132 
GLY H2   H N N 133 
GLY HA2  H N N 134 
GLY HA3  H N N 135 
GLY HXT  H N N 136 
HIS N    N N N 137 
HIS CA   C N S 138 
HIS C    C N N 139 
HIS O    O N N 140 
HIS CB   C N N 141 
HIS CG   C Y N 142 
HIS ND1  N Y N 143 
HIS CD2  C Y N 144 
HIS CE1  C Y N 145 
HIS NE2  N Y N 146 
HIS OXT  O N N 147 
HIS H    H N N 148 
HIS H2   H N N 149 
HIS HA   H N N 150 
HIS HB2  H N N 151 
HIS HB3  H N N 152 
HIS HD1  H N N 153 
HIS HD2  H N N 154 
HIS HE1  H N N 155 
HIS HE2  H N N 156 
HIS HXT  H N N 157 
ILE N    N N N 158 
ILE CA   C N S 159 
ILE C    C N N 160 
ILE O    O N N 161 
ILE CB   C N S 162 
ILE CG1  C N N 163 
ILE CG2  C N N 164 
ILE CD1  C N N 165 
ILE OXT  O N N 166 
ILE H    H N N 167 
ILE H2   H N N 168 
ILE HA   H N N 169 
ILE HB   H N N 170 
ILE HG12 H N N 171 
ILE HG13 H N N 172 
ILE HG21 H N N 173 
ILE HG22 H N N 174 
ILE HG23 H N N 175 
ILE HD11 H N N 176 
ILE HD12 H N N 177 
ILE HD13 H N N 178 
ILE HXT  H N N 179 
LEU N    N N N 180 
LEU CA   C N S 181 
LEU C    C N N 182 
LEU O    O N N 183 
LEU CB   C N N 184 
LEU CG   C N N 185 
LEU CD1  C N N 186 
LEU CD2  C N N 187 
LEU OXT  O N N 188 
LEU H    H N N 189 
LEU H2   H N N 190 
LEU HA   H N N 191 
LEU HB2  H N N 192 
LEU HB3  H N N 193 
LEU HG   H N N 194 
LEU HD11 H N N 195 
LEU HD12 H N N 196 
LEU HD13 H N N 197 
LEU HD21 H N N 198 
LEU HD22 H N N 199 
LEU HD23 H N N 200 
LEU HXT  H N N 201 
LYS N    N N N 202 
LYS CA   C N S 203 
LYS C    C N N 204 
LYS O    O N N 205 
LYS CB   C N N 206 
LYS CG   C N N 207 
LYS CD   C N N 208 
LYS CE   C N N 209 
LYS NZ   N N N 210 
LYS OXT  O N N 211 
LYS H    H N N 212 
LYS H2   H N N 213 
LYS HA   H N N 214 
LYS HB2  H N N 215 
LYS HB3  H N N 216 
LYS HG2  H N N 217 
LYS HG3  H N N 218 
LYS HD2  H N N 219 
LYS HD3  H N N 220 
LYS HE2  H N N 221 
LYS HE3  H N N 222 
LYS HZ1  H N N 223 
LYS HZ2  H N N 224 
LYS HZ3  H N N 225 
LYS HXT  H N N 226 
MET N    N N N 227 
MET CA   C N S 228 
MET C    C N N 229 
MET O    O N N 230 
MET CB   C N N 231 
MET CG   C N N 232 
MET SD   S N N 233 
MET CE   C N N 234 
MET OXT  O N N 235 
MET H    H N N 236 
MET H2   H N N 237 
MET HA   H N N 238 
MET HB2  H N N 239 
MET HB3  H N N 240 
MET HG2  H N N 241 
MET HG3  H N N 242 
MET HE1  H N N 243 
MET HE2  H N N 244 
MET HE3  H N N 245 
MET HXT  H N N 246 
PHE N    N N N 247 
PHE CA   C N S 248 
PHE C    C N N 249 
PHE O    O N N 250 
PHE CB   C N N 251 
PHE CG   C Y N 252 
PHE CD1  C Y N 253 
PHE CD2  C Y N 254 
PHE CE1  C Y N 255 
PHE CE2  C Y N 256 
PHE CZ   C Y N 257 
PHE OXT  O N N 258 
PHE H    H N N 259 
PHE H2   H N N 260 
PHE HA   H N N 261 
PHE HB2  H N N 262 
PHE HB3  H N N 263 
PHE HD1  H N N 264 
PHE HD2  H N N 265 
PHE HE1  H N N 266 
PHE HE2  H N N 267 
PHE HZ   H N N 268 
PHE HXT  H N N 269 
PRO N    N N N 270 
PRO CA   C N S 271 
PRO C    C N N 272 
PRO O    O N N 273 
PRO CB   C N N 274 
PRO CG   C N N 275 
PRO CD   C N N 276 
PRO OXT  O N N 277 
PRO H    H N N 278 
PRO HA   H N N 279 
PRO HB2  H N N 280 
PRO HB3  H N N 281 
PRO HG2  H N N 282 
PRO HG3  H N N 283 
PRO HD2  H N N 284 
PRO HD3  H N N 285 
PRO HXT  H N N 286 
SER N    N N N 287 
SER CA   C N S 288 
SER C    C N N 289 
SER O    O N N 290 
SER CB   C N N 291 
SER OG   O N N 292 
SER OXT  O N N 293 
SER H    H N N 294 
SER H2   H N N 295 
SER HA   H N N 296 
SER HB2  H N N 297 
SER HB3  H N N 298 
SER HG   H N N 299 
SER HXT  H N N 300 
THR N    N N N 301 
THR CA   C N S 302 
THR C    C N N 303 
THR O    O N N 304 
THR CB   C N R 305 
THR OG1  O N N 306 
THR CG2  C N N 307 
THR OXT  O N N 308 
THR H    H N N 309 
THR H2   H N N 310 
THR HA   H N N 311 
THR HB   H N N 312 
THR HG1  H N N 313 
THR HG21 H N N 314 
THR HG22 H N N 315 
THR HG23 H N N 316 
THR HXT  H N N 317 
TYR N    N N N 318 
TYR CA   C N S 319 
TYR C    C N N 320 
TYR O    O N N 321 
TYR CB   C N N 322 
TYR CG   C Y N 323 
TYR CD1  C Y N 324 
TYR CD2  C Y N 325 
TYR CE1  C Y N 326 
TYR CE2  C Y N 327 
TYR CZ   C Y N 328 
TYR OH   O N N 329 
TYR OXT  O N N 330 
TYR H    H N N 331 
TYR H2   H N N 332 
TYR HA   H N N 333 
TYR HB2  H N N 334 
TYR HB3  H N N 335 
TYR HD1  H N N 336 
TYR HD2  H N N 337 
TYR HE1  H N N 338 
TYR HE2  H N N 339 
TYR HH   H N N 340 
TYR HXT  H N N 341 
VAL N    N N N 342 
VAL CA   C N S 343 
VAL C    C N N 344 
VAL O    O N N 345 
VAL CB   C N N 346 
VAL CG1  C N N 347 
VAL CG2  C N N 348 
VAL OXT  O N N 349 
VAL H    H N N 350 
VAL H2   H N N 351 
VAL HA   H N N 352 
VAL HB   H N N 353 
VAL HG11 H N N 354 
VAL HG12 H N N 355 
VAL HG13 H N N 356 
VAL HG21 H N N 357 
VAL HG22 H N N 358 
VAL HG23 H N N 359 
VAL HXT  H N N 360 
# 
loop_
_chem_comp_bond.comp_id 
_chem_comp_bond.atom_id_1 
_chem_comp_bond.atom_id_2 
_chem_comp_bond.value_order 
_chem_comp_bond.pdbx_aromatic_flag 
_chem_comp_bond.pdbx_stereo_config 
_chem_comp_bond.pdbx_ordinal 
ALA N   CA   sing N N 1   
ALA N   H    sing N N 2   
ALA N   H2   sing N N 3   
ALA CA  C    sing N N 4   
ALA CA  CB   sing N N 5   
ALA CA  HA   sing N N 6   
ALA C   O    doub N N 7   
ALA C   OXT  sing N N 8   
ALA CB  HB1  sing N N 9   
ALA CB  HB2  sing N N 10  
ALA CB  HB3  sing N N 11  
ALA OXT HXT  sing N N 12  
ARG N   CA   sing N N 13  
ARG N   H    sing N N 14  
ARG N   H2   sing N N 15  
ARG CA  C    sing N N 16  
ARG CA  CB   sing N N 17  
ARG CA  HA   sing N N 18  
ARG C   O    doub N N 19  
ARG C   OXT  sing N N 20  
ARG CB  CG   sing N N 21  
ARG CB  HB2  sing N N 22  
ARG CB  HB3  sing N N 23  
ARG CG  CD   sing N N 24  
ARG CG  HG2  sing N N 25  
ARG CG  HG3  sing N N 26  
ARG CD  NE   sing N N 27  
ARG CD  HD2  sing N N 28  
ARG CD  HD3  sing N N 29  
ARG NE  CZ   sing N N 30  
ARG NE  HE   sing N N 31  
ARG CZ  NH1  sing N N 32  
ARG CZ  NH2  doub N N 33  
ARG NH1 HH11 sing N N 34  
ARG NH1 HH12 sing N N 35  
ARG NH2 HH21 sing N N 36  
ARG NH2 HH22 sing N N 37  
ARG OXT HXT  sing N N 38  
ASN N   CA   sing N N 39  
ASN N   H    sing N N 40  
ASN N   H2   sing N N 41  
ASN CA  C    sing N N 42  
ASN CA  CB   sing N N 43  
ASN CA  HA   sing N N 44  
ASN C   O    doub N N 45  
ASN C   OXT  sing N N 46  
ASN CB  CG   sing N N 47  
ASN CB  HB2  sing N N 48  
ASN CB  HB3  sing N N 49  
ASN CG  OD1  doub N N 50  
ASN CG  ND2  sing N N 51  
ASN ND2 HD21 sing N N 52  
ASN ND2 HD22 sing N N 53  
ASN OXT HXT  sing N N 54  
ASP N   CA   sing N N 55  
ASP N   H    sing N N 56  
ASP N   H2   sing N N 57  
ASP CA  C    sing N N 58  
ASP CA  CB   sing N N 59  
ASP CA  HA   sing N N 60  
ASP C   O    doub N N 61  
ASP C   OXT  sing N N 62  
ASP CB  CG   sing N N 63  
ASP CB  HB2  sing N N 64  
ASP CB  HB3  sing N N 65  
ASP CG  OD1  doub N N 66  
ASP CG  OD2  sing N N 67  
ASP OD2 HD2  sing N N 68  
ASP OXT HXT  sing N N 69  
CYS N   CA   sing N N 70  
CYS N   H    sing N N 71  
CYS N   H2   sing N N 72  
CYS CA  C    sing N N 73  
CYS CA  CB   sing N N 74  
CYS CA  HA   sing N N 75  
CYS C   O    doub N N 76  
CYS C   OXT  sing N N 77  
CYS CB  SG   sing N N 78  
CYS CB  HB2  sing N N 79  
CYS CB  HB3  sing N N 80  
CYS SG  HG   sing N N 81  
CYS OXT HXT  sing N N 82  
GLN N   CA   sing N N 83  
GLN N   H    sing N N 84  
GLN N   H2   sing N N 85  
GLN CA  C    sing N N 86  
GLN CA  CB   sing N N 87  
GLN CA  HA   sing N N 88  
GLN C   O    doub N N 89  
GLN C   OXT  sing N N 90  
GLN CB  CG   sing N N 91  
GLN CB  HB2  sing N N 92  
GLN CB  HB3  sing N N 93  
GLN CG  CD   sing N N 94  
GLN CG  HG2  sing N N 95  
GLN CG  HG3  sing N N 96  
GLN CD  OE1  doub N N 97  
GLN CD  NE2  sing N N 98  
GLN NE2 HE21 sing N N 99  
GLN NE2 HE22 sing N N 100 
GLN OXT HXT  sing N N 101 
GLU N   CA   sing N N 102 
GLU N   H    sing N N 103 
GLU N   H2   sing N N 104 
GLU CA  C    sing N N 105 
GLU CA  CB   sing N N 106 
GLU CA  HA   sing N N 107 
GLU C   O    doub N N 108 
GLU C   OXT  sing N N 109 
GLU CB  CG   sing N N 110 
GLU CB  HB2  sing N N 111 
GLU CB  HB3  sing N N 112 
GLU CG  CD   sing N N 113 
GLU CG  HG2  sing N N 114 
GLU CG  HG3  sing N N 115 
GLU CD  OE1  doub N N 116 
GLU CD  OE2  sing N N 117 
GLU OE2 HE2  sing N N 118 
GLU OXT HXT  sing N N 119 
GLY N   CA   sing N N 120 
GLY N   H    sing N N 121 
GLY N   H2   sing N N 122 
GLY CA  C    sing N N 123 
GLY CA  HA2  sing N N 124 
GLY CA  HA3  sing N N 125 
GLY C   O    doub N N 126 
GLY C   OXT  sing N N 127 
GLY OXT HXT  sing N N 128 
HIS N   CA   sing N N 129 
HIS N   H    sing N N 130 
HIS N   H2   sing N N 131 
HIS CA  C    sing N N 132 
HIS CA  CB   sing N N 133 
HIS CA  HA   sing N N 134 
HIS C   O    doub N N 135 
HIS C   OXT  sing N N 136 
HIS CB  CG   sing N N 137 
HIS CB  HB2  sing N N 138 
HIS CB  HB3  sing N N 139 
HIS CG  ND1  sing Y N 140 
HIS CG  CD2  doub Y N 141 
HIS ND1 CE1  doub Y N 142 
HIS ND1 HD1  sing N N 143 
HIS CD2 NE2  sing Y N 144 
HIS CD2 HD2  sing N N 145 
HIS CE1 NE2  sing Y N 146 
HIS CE1 HE1  sing N N 147 
HIS NE2 HE2  sing N N 148 
HIS OXT HXT  sing N N 149 
ILE N   CA   sing N N 150 
ILE N   H    sing N N 151 
ILE N   H2   sing N N 152 
ILE CA  C    sing N N 153 
ILE CA  CB   sing N N 154 
ILE CA  HA   sing N N 155 
ILE C   O    doub N N 156 
ILE C   OXT  sing N N 157 
ILE CB  CG1  sing N N 158 
ILE CB  CG2  sing N N 159 
ILE CB  HB   sing N N 160 
ILE CG1 CD1  sing N N 161 
ILE CG1 HG12 sing N N 162 
ILE CG1 HG13 sing N N 163 
ILE CG2 HG21 sing N N 164 
ILE CG2 HG22 sing N N 165 
ILE CG2 HG23 sing N N 166 
ILE CD1 HD11 sing N N 167 
ILE CD1 HD12 sing N N 168 
ILE CD1 HD13 sing N N 169 
ILE OXT HXT  sing N N 170 
LEU N   CA   sing N N 171 
LEU N   H    sing N N 172 
LEU N   H2   sing N N 173 
LEU CA  C    sing N N 174 
LEU CA  CB   sing N N 175 
LEU CA  HA   sing N N 176 
LEU C   O    doub N N 177 
LEU C   OXT  sing N N 178 
LEU CB  CG   sing N N 179 
LEU CB  HB2  sing N N 180 
LEU CB  HB3  sing N N 181 
LEU CG  CD1  sing N N 182 
LEU CG  CD2  sing N N 183 
LEU CG  HG   sing N N 184 
LEU CD1 HD11 sing N N 185 
LEU CD1 HD12 sing N N 186 
LEU CD1 HD13 sing N N 187 
LEU CD2 HD21 sing N N 188 
LEU CD2 HD22 sing N N 189 
LEU CD2 HD23 sing N N 190 
LEU OXT HXT  sing N N 191 
LYS N   CA   sing N N 192 
LYS N   H    sing N N 193 
LYS N   H2   sing N N 194 
LYS CA  C    sing N N 195 
LYS CA  CB   sing N N 196 
LYS CA  HA   sing N N 197 
LYS C   O    doub N N 198 
LYS C   OXT  sing N N 199 
LYS CB  CG   sing N N 200 
LYS CB  HB2  sing N N 201 
LYS CB  HB3  sing N N 202 
LYS CG  CD   sing N N 203 
LYS CG  HG2  sing N N 204 
LYS CG  HG3  sing N N 205 
LYS CD  CE   sing N N 206 
LYS CD  HD2  sing N N 207 
LYS CD  HD3  sing N N 208 
LYS CE  NZ   sing N N 209 
LYS CE  HE2  sing N N 210 
LYS CE  HE3  sing N N 211 
LYS NZ  HZ1  sing N N 212 
LYS NZ  HZ2  sing N N 213 
LYS NZ  HZ3  sing N N 214 
LYS OXT HXT  sing N N 215 
MET N   CA   sing N N 216 
MET N   H    sing N N 217 
MET N   H2   sing N N 218 
MET CA  C    sing N N 219 
MET CA  CB   sing N N 220 
MET CA  HA   sing N N 221 
MET C   O    doub N N 222 
MET C   OXT  sing N N 223 
MET CB  CG   sing N N 224 
MET CB  HB2  sing N N 225 
MET CB  HB3  sing N N 226 
MET CG  SD   sing N N 227 
MET CG  HG2  sing N N 228 
MET CG  HG3  sing N N 229 
MET SD  CE   sing N N 230 
MET CE  HE1  sing N N 231 
MET CE  HE2  sing N N 232 
MET CE  HE3  sing N N 233 
MET OXT HXT  sing N N 234 
PHE N   CA   sing N N 235 
PHE N   H    sing N N 236 
PHE N   H2   sing N N 237 
PHE CA  C    sing N N 238 
PHE CA  CB   sing N N 239 
PHE CA  HA   sing N N 240 
PHE C   O    doub N N 241 
PHE C   OXT  sing N N 242 
PHE CB  CG   sing N N 243 
PHE CB  HB2  sing N N 244 
PHE CB  HB3  sing N N 245 
PHE CG  CD1  doub Y N 246 
PHE CG  CD2  sing Y N 247 
PHE CD1 CE1  sing Y N 248 
PHE CD1 HD1  sing N N 249 
PHE CD2 CE2  doub Y N 250 
PHE CD2 HD2  sing N N 251 
PHE CE1 CZ   doub Y N 252 
PHE CE1 HE1  sing N N 253 
PHE CE2 CZ   sing Y N 254 
PHE CE2 HE2  sing N N 255 
PHE CZ  HZ   sing N N 256 
PHE OXT HXT  sing N N 257 
PRO N   CA   sing N N 258 
PRO N   CD   sing N N 259 
PRO N   H    sing N N 260 
PRO CA  C    sing N N 261 
PRO CA  CB   sing N N 262 
PRO CA  HA   sing N N 263 
PRO C   O    doub N N 264 
PRO C   OXT  sing N N 265 
PRO CB  CG   sing N N 266 
PRO CB  HB2  sing N N 267 
PRO CB  HB3  sing N N 268 
PRO CG  CD   sing N N 269 
PRO CG  HG2  sing N N 270 
PRO CG  HG3  sing N N 271 
PRO CD  HD2  sing N N 272 
PRO CD  HD3  sing N N 273 
PRO OXT HXT  sing N N 274 
SER N   CA   sing N N 275 
SER N   H    sing N N 276 
SER N   H2   sing N N 277 
SER CA  C    sing N N 278 
SER CA  CB   sing N N 279 
SER CA  HA   sing N N 280 
SER C   O    doub N N 281 
SER C   OXT  sing N N 282 
SER CB  OG   sing N N 283 
SER CB  HB2  sing N N 284 
SER CB  HB3  sing N N 285 
SER OG  HG   sing N N 286 
SER OXT HXT  sing N N 287 
THR N   CA   sing N N 288 
THR N   H    sing N N 289 
THR N   H2   sing N N 290 
THR CA  C    sing N N 291 
THR CA  CB   sing N N 292 
THR CA  HA   sing N N 293 
THR C   O    doub N N 294 
THR C   OXT  sing N N 295 
THR CB  OG1  sing N N 296 
THR CB  CG2  sing N N 297 
THR CB  HB   sing N N 298 
THR OG1 HG1  sing N N 299 
THR CG2 HG21 sing N N 300 
THR CG2 HG22 sing N N 301 
THR CG2 HG23 sing N N 302 
THR OXT HXT  sing N N 303 
TYR N   CA   sing N N 304 
TYR N   H    sing N N 305 
TYR N   H2   sing N N 306 
TYR CA  C    sing N N 307 
TYR CA  CB   sing N N 308 
TYR CA  HA   sing N N 309 
TYR C   O    doub N N 310 
TYR C   OXT  sing N N 311 
TYR CB  CG   sing N N 312 
TYR CB  HB2  sing N N 313 
TYR CB  HB3  sing N N 314 
TYR CG  CD1  doub Y N 315 
TYR CG  CD2  sing Y N 316 
TYR CD1 CE1  sing Y N 317 
TYR CD1 HD1  sing N N 318 
TYR CD2 CE2  doub Y N 319 
TYR CD2 HD2  sing N N 320 
TYR CE1 CZ   doub Y N 321 
TYR CE1 HE1  sing N N 322 
TYR CE2 CZ   sing Y N 323 
TYR CE2 HE2  sing N N 324 
TYR CZ  OH   sing N N 325 
TYR OH  HH   sing N N 326 
TYR OXT HXT  sing N N 327 
VAL N   CA   sing N N 328 
VAL N   H    sing N N 329 
VAL N   H2   sing N N 330 
VAL CA  C    sing N N 331 
VAL CA  CB   sing N N 332 
VAL CA  HA   sing N N 333 
VAL C   O    doub N N 334 
VAL C   OXT  sing N N 335 
VAL CB  CG1  sing N N 336 
VAL CB  CG2  sing N N 337 
VAL CB  HB   sing N N 338 
VAL CG1 HG11 sing N N 339 
VAL CG1 HG12 sing N N 340 
VAL CG1 HG13 sing N N 341 
VAL CG2 HG21 sing N N 342 
VAL CG2 HG22 sing N N 343 
VAL CG2 HG23 sing N N 344 
VAL OXT HXT  sing N N 345 
# 
loop_
_pdbx_nmr_spectrometer.spectrometer_id 
_pdbx_nmr_spectrometer.model 
_pdbx_nmr_spectrometer.manufacturer 
_pdbx_nmr_spectrometer.field_strength 
_pdbx_nmr_spectrometer.type 
1 AVANCE Bruker 700 ? 
2 AVANCE Bruker 600 ? 
3 AVANCE Bruker 500 ? 
# 
_atom_sites.entry_id                    2AJ1 
_atom_sites.fract_transf_matrix[1][1]   1.000000 
_atom_sites.fract_transf_matrix[1][2]   0.000000 
_atom_sites.fract_transf_matrix[1][3]   0.000000 
_atom_sites.fract_transf_matrix[2][1]   0.000000 
_atom_sites.fract_transf_matrix[2][2]   1.000000 
_atom_sites.fract_transf_matrix[2][3]   0.000000 
_atom_sites.fract_transf_matrix[3][1]   0.000000 
_atom_sites.fract_transf_matrix[3][2]   0.000000 
_atom_sites.fract_transf_matrix[3][3]   1.000000 
_atom_sites.fract_transf_vector[1]      0.00000 
_atom_sites.fract_transf_vector[2]      0.00000 
_atom_sites.fract_transf_vector[3]      0.00000 
# 
loop_
_atom_type.symbol 
C 
H 
N 
O 
S 
# 
loop_
_atom_site.group_PDB 
_atom_site.id 
_atom_site.type_symbol 
_atom_site.label_atom_id 
_atom_site.label_alt_id 
_atom_site.label_comp_id 
_atom_site.label_asym_id 
_atom_site.label_entity_id 
_atom_site.label_seq_id 
_atom_site.pdbx_PDB_ins_code 
_atom_site.Cartn_x 
_atom_site.Cartn_y 
_atom_site.Cartn_z 
_atom_site.occupancy 
_atom_site.B_iso_or_equiv 
_atom_site.pdbx_formal_charge 
_atom_site.auth_seq_id 
_atom_site.auth_comp_id 
_atom_site.auth_asym_id 
_atom_site.auth_atom_id 
_atom_site.pdbx_PDB_model_num 
ATOM 1    N N    . MET A 1 1  ? 11.301  -15.405 -4.075  1.00 10.00 ? 1  MET A N    1 
ATOM 2    C CA   . MET A 1 1  ? 12.514  -14.925 -3.375  1.00 10.00 ? 1  MET A CA   1 
ATOM 3    C C    . MET A 1 1  ? 12.177  -14.492 -1.942  1.00 10.00 ? 1  MET A C    1 
ATOM 4    O O    . MET A 1 1  ? 12.591  -15.145 -0.992  1.00 10.00 ? 1  MET A O    1 
ATOM 5    C CB   . MET A 1 1  ? 13.223  -13.793 -4.161  1.00 10.00 ? 1  MET A CB   1 
ATOM 6    C CG   . MET A 1 1  ? 14.599  -14.213 -4.681  1.00 10.00 ? 1  MET A CG   1 
ATOM 7    S SD   . MET A 1 1  ? 14.606  -15.654 -5.777  1.00 10.00 ? 1  MET A SD   1 
ATOM 8    C CE   . MET A 1 1  ? 16.378  -15.750 -6.154  1.00 10.00 ? 1  MET A CE   1 
ATOM 9    H H1   . MET A 1 1  ? 11.209  -14.415 -4.284  1.00 10.00 ? 1  MET A H1   1 
ATOM 10   H H2   . MET A 1 1  ? 10.355  -15.020 -4.030  1.00 10.00 ? 1  MET A H2   1 
ATOM 11   H H3   . MET A 1 1  ? 10.997  -15.919 -3.262  1.00 10.00 ? 1  MET A H3   1 
ATOM 12   H HA   . MET A 1 1  ? 13.194  -15.773 -3.287  1.00 10.00 ? 1  MET A HA   1 
ATOM 13   H HB2  . MET A 1 1  ? 12.635  -13.472 -5.023  1.00 10.00 ? 1  MET A HB2  1 
ATOM 14   H HB3  . MET A 1 1  ? 13.369  -12.922 -3.521  1.00 10.00 ? 1  MET A HB3  1 
ATOM 15   H HG2  . MET A 1 1  ? 15.016  -13.375 -5.241  1.00 10.00 ? 1  MET A HG2  1 
ATOM 16   H HG3  . MET A 1 1  ? 15.249  -14.414 -3.829  1.00 10.00 ? 1  MET A HG3  1 
ATOM 17   H HE1  . MET A 1 1  ? 15.960  -16.359 -6.955  1.00 10.00 ? 1  MET A HE1  1 
ATOM 18   H HE2  . MET A 1 1  ? 16.495  -15.968 -5.093  1.00 10.00 ? 1  MET A HE2  1 
ATOM 19   H HE3  . MET A 1 1  ? 17.077  -16.581 -6.233  1.00 10.00 ? 1  MET A HE3  1 
ATOM 20   N N    . ALA A 1 2  ? 11.406  -13.415 -1.804  1.00 10.00 ? 2  ALA A N    1 
ATOM 21   C CA   . ALA A 1 2  ? 11.078  -12.756 -0.547  1.00 10.00 ? 2  ALA A CA   1 
ATOM 22   C C    . ALA A 1 2  ? 10.534  -11.376 -0.908  1.00 10.00 ? 2  ALA A C    1 
ATOM 23   O O    . ALA A 1 2  ? 11.196  -10.360 -0.692  1.00 10.00 ? 2  ALA A O    1 
ATOM 24   C CB   . ALA A 1 2  ? 11.981  -12.631 0.052   1.00 10.00 ? 2  ALA A CB   1 
ATOM 25   H H    . ALA A 1 2  ? 11.029  -12.989 -2.652  1.00 10.00 ? 2  ALA A H    1 
ATOM 26   H HA   . ALA A 1 2  ? 10.055  -13.579 0.245   1.00 10.00 ? 2  ALA A HA   1 
ATOM 27   H HB1  . ALA A 1 2  ? 11.752  -12.108 0.980   1.00 0.00  ? 2  ALA A HB1  1 
ATOM 28   H HB2  . ALA A 1 2  ? 12.396  -13.612 0.286   1.00 0.00  ? 2  ALA A HB2  1 
ATOM 29   H HB3  . ALA A 1 2  ? 12.713  -12.054 -0.515  1.00 0.00  ? 2  ALA A HB3  1 
ATOM 30   N N    . GLU A 1 3  ? 9.355   -11.361 -1.531  1.00 10.00 ? 3  GLU A N    1 
ATOM 31   C CA   . GLU A 1 3  ? 8.865   -10.209 -2.257  1.00 10.00 ? 3  GLU A CA   1 
ATOM 32   C C    . GLU A 1 3  ? 8.391   -9.121  -1.287  1.00 10.00 ? 3  GLU A C    1 
ATOM 33   O O    . GLU A 1 3  ? 7.204   -9.009  -0.971  1.00 10.00 ? 3  GLU A O    1 
ATOM 34   C CB   . GLU A 1 3  ? 7.799   -10.633 -3.282  1.00 10.00 ? 3  GLU A CB   1 
ATOM 35   C CG   . GLU A 1 3  ? 8.092   -11.959 -4.012  1.00 10.00 ? 3  GLU A CG   1 
ATOM 36   C CD   . GLU A 1 3  ? 9.549   -12.177 -4.397  1.00 10.00 ? 3  GLU A CD   1 
ATOM 37   O OE1  . GLU A 1 3  ? 10.165  -11.256 -4.967  1.00 10.00 ? 3  GLU A OE1  1 
ATOM 38   O OE2  . GLU A 1 3  ? 10.051  -13.277 -4.067  1.00 10.00 ? 3  GLU A OE2  1 
ATOM 39   H H    . GLU A 1 3  ? 8.855   -12.227 -1.666  1.00 10.00 ? 3  GLU A H    1 
ATOM 40   H HA   . GLU A 1 3  ? 9.696   -9.797  -2.833  1.00 10.00 ? 3  GLU A HA   1 
ATOM 41   H HB2  . GLU A 1 3  ? 6.833   -10.739 -2.788  1.00 10.00 ? 3  GLU A HB2  1 
ATOM 42   H HB3  . GLU A 1 3  ? 7.721   -9.837  -4.024  1.00 10.00 ? 3  GLU A HB3  1 
ATOM 43   H HG2  . GLU A 1 3  ? 7.777   -12.791 -3.382  1.00 10.00 ? 3  GLU A HG2  1 
ATOM 44   H HG3  . GLU A 1 3  ? 7.499   -11.996 -4.926  1.00 10.00 ? 3  GLU A HG3  1 
ATOM 45   N N    . LYS A 1 4  ? 9.349   -8.317  -0.824  1.00 10.00 ? 4  LYS A N    1 
ATOM 46   C CA   . LYS A 1 4  ? 9.106   -6.991  -0.280  1.00 10.00 ? 4  LYS A CA   1 
ATOM 47   C C    . LYS A 1 4  ? 9.172   -5.971  -1.413  1.00 10.00 ? 4  LYS A C    1 
ATOM 48   O O    . LYS A 1 4  ? 10.010  -6.085  -2.306  1.00 10.00 ? 4  LYS A O    1 
ATOM 49   C CB   . LYS A 1 4  ? 10.075  -6.668  0.866   1.00 10.00 ? 4  LYS A CB   1 
ATOM 50   C CG   . LYS A 1 4  ? 11.553  -6.654  0.452   1.00 10.00 ? 4  LYS A CG   1 
ATOM 51   C CD   . LYS A 1 4  ? 12.413  -6.203  1.640   1.00 10.00 ? 4  LYS A CD   1 
ATOM 52   C CE   . LYS A 1 4  ? 13.881  -6.070  1.214   1.00 10.00 ? 4  LYS A CE   1 
ATOM 53   N NZ   . LYS A 1 4  ? 14.741  -5.612  2.325   1.00 10.00 ? 4  LYS A NZ   1 
ATOM 54   H H    . LYS A 1 4  ? 10.301  -8.585  -1.043  1.00 10.00 ? 4  LYS A H    1 
ATOM 55   H HA   . LYS A 1 4  ? 8.107   -6.957  0.128   1.00 10.00 ? 4  LYS A HA   1 
ATOM 56   H HB2  . LYS A 1 4  ? 9.806   -5.686  1.260   1.00 10.00 ? 4  LYS A HB2  1 
ATOM 57   H HB3  . LYS A 1 4  ? 9.936   -7.402  1.661   1.00 10.00 ? 4  LYS A HB3  1 
ATOM 58   H HG2  . LYS A 1 4  ? 11.854  -7.655  0.135   1.00 10.00 ? 4  LYS A HG2  1 
ATOM 59   H HG3  . LYS A 1 4  ? 11.698  -5.961  -0.377  1.00 10.00 ? 4  LYS A HG3  1 
ATOM 60   H HD2  . LYS A 1 4  ? 12.038  -5.239  1.994   1.00 10.00 ? 4  LYS A HD2  1 
ATOM 61   H HD3  . LYS A 1 4  ? 12.309  -6.938  2.442   1.00 10.00 ? 4  LYS A HD3  1 
ATOM 62   H HE2  . LYS A 1 4  ? 14.240  -7.038  0.857   1.00 10.00 ? 4  LYS A HE2  1 
ATOM 63   H HE3  . LYS A 1 4  ? 13.953  -5.351  0.395   1.00 10.00 ? 4  LYS A HE3  1 
ATOM 64   H HZ1  . LYS A 1 4  ? 14.711  -6.276  3.087   1.00 10.00 ? 4  LYS A HZ1  1 
ATOM 65   H HZ2  . LYS A 1 4  ? 15.697  -5.529  2.005   1.00 10.00 ? 4  LYS A HZ2  1 
ATOM 66   H HZ3  . LYS A 1 4  ? 14.431  -4.711  2.660   1.00 10.00 ? 4  LYS A HZ3  1 
ATOM 67   N N    . THR A 1 5  ? 8.302   -4.962  -1.400  1.00 10.00 ? 5  THR A N    1 
ATOM 68   C CA   . THR A 1 5  ? 8.342   -3.874  -2.366  1.00 10.00 ? 5  THR A CA   1 
ATOM 69   C C    . THR A 1 5  ? 7.750   -2.680  -1.683  1.00 10.00 ? 5  THR A C    1 
ATOM 70   O O    . THR A 1 5  ? 6.888   -2.849  -0.822  1.00 10.00 ? 5  THR A O    1 
ATOM 71   C CB   . THR A 1 5  ? 7.525   -4.207  -3.624  1.00 10.00 ? 5  THR A CB   1 
ATOM 72   O OG1  . THR A 1 5  ? 8.109   -5.346  -4.168  1.00 10.00 ? 5  THR A OG1  1 
ATOM 73   C CG2  . THR A 1 5  ? 7.591   -3.117  -4.700  1.00 10.00 ? 5  THR A CG2  1 
ATOM 74   H H    . THR A 1 5  ? 7.627   -4.865  -0.639  1.00 10.00 ? 5  THR A H    1 
ATOM 75   H HA   . THR A 1 5  ? 9.376   -3.649  -2.634  1.00 10.00 ? 5  THR A HA   1 
ATOM 76   H HB   . THR A 1 5  ? 6.487   -4.418  -3.361  1.00 10.00 ? 5  THR A HB   1 
ATOM 77   H HG1  . THR A 1 5  ? 8.942   -5.420  -3.689  1.00 10.00 ? 5  THR A HG1  1 
ATOM 78   H HG21 . THR A 1 5  ? 7.079   -2.211  -4.378  1.00 10.00 ? 5  THR A HG21 1 
ATOM 79   H HG22 . THR A 1 5  ? 8.630   -2.880  -4.930  1.00 10.00 ? 5  THR A HG22 1 
ATOM 80   H HG23 . THR A 1 5  ? 7.109   -3.480  -5.609  1.00 10.00 ? 5  THR A HG23 1 
ATOM 81   N N    . VAL A 1 6  ? 8.193   -1.489  -2.080  1.00 10.00 ? 6  VAL A N    1 
ATOM 82   C CA   . VAL A 1 6  ? 7.556   -0.275  -1.661  1.00 10.00 ? 6  VAL A CA   1 
ATOM 83   C C    . VAL A 1 6  ? 7.240   0.628   -2.843  1.00 10.00 ? 6  VAL A C    1 
ATOM 84   O O    . VAL A 1 6  ? 8.023   0.728   -3.785  1.00 10.00 ? 6  VAL A O    1 
ATOM 85   C CB   . VAL A 1 6  ? 8.363   0.360   -0.521  1.00 10.00 ? 6  VAL A CB   1 
ATOM 86   C CG1  . VAL A 1 6  ? 9.856   0.518   -0.815  1.00 10.00 ? 6  VAL A CG1  1 
ATOM 87   C CG2  . VAL A 1 6  ? 7.803   1.712   -0.072  1.00 10.00 ? 6  VAL A CG2  1 
ATOM 88   H H    . VAL A 1 6  ? 8.933   -1.406  -2.756  1.00 10.00 ? 6  VAL A H    1 
ATOM 89   H HA   . VAL A 1 6  ? 6.596   -0.626  -1.312  1.00 10.00 ? 6  VAL A HA   1 
ATOM 90   H HB   . VAL A 1 6  ? 8.309   -0.356  0.292   1.00 10.00 ? 6  VAL A HB   1 
ATOM 91   H HG11 . VAL A 1 6  ? 10.330  0.936   0.074   1.00 10.00 ? 6  VAL A HG11 1 
ATOM 92   H HG12 . VAL A 1 6  ? 10.307  -0.454  -1.009  1.00 10.00 ? 6  VAL A HG12 1 
ATOM 93   H HG13 . VAL A 1 6  ? 10.011  1.181   -1.665  1.00 10.00 ? 6  VAL A HG13 1 
ATOM 94   H HG21 . VAL A 1 6  ? 8.322   2.037   0.829   1.00 10.00 ? 6  VAL A HG21 1 
ATOM 95   H HG22 . VAL A 1 6  ? 7.950   2.451   -0.859  1.00 10.00 ? 6  VAL A HG22 1 
ATOM 96   H HG23 . VAL A 1 6  ? 6.744   1.636   0.147   1.00 10.00 ? 6  VAL A HG23 1 
ATOM 97   N N    . TYR A 1 7  ? 6.044   1.220   -2.802  1.00 10.00 ? 7  TYR A N    1 
ATOM 98   C CA   . TYR A 1 7  ? 5.467   2.021   -3.866  1.00 10.00 ? 7  TYR A CA   1 
ATOM 99   C C    . TYR A 1 7  ? 5.146   3.398   -3.279  1.00 10.00 ? 7  TYR A C    1 
ATOM 100  O O    . TYR A 1 7  ? 4.872   3.485   -2.085  1.00 10.00 ? 7  TYR A O    1 
ATOM 101  C CB   . TYR A 1 7  ? 4.196   1.336   -4.395  1.00 10.00 ? 7  TYR A CB   1 
ATOM 102  C CG   . TYR A 1 7  ? 4.304   -0.139  -4.759  1.00 10.00 ? 7  TYR A CG   1 
ATOM 103  C CD1  . TYR A 1 7  ? 4.338   -1.121  -3.748  1.00 10.00 ? 7  TYR A CD1  1 
ATOM 104  C CD2  . TYR A 1 7  ? 4.148   -0.540  -6.101  1.00 10.00 ? 7  TYR A CD2  1 
ATOM 105  C CE1  . TYR A 1 7  ? 4.277   -2.485  -4.080  1.00 10.00 ? 7  TYR A CE1  1 
ATOM 106  C CE2  . TYR A 1 7  ? 4.106   -1.905  -6.434  1.00 10.00 ? 7  TYR A CE2  1 
ATOM 107  C CZ   . TYR A 1 7  ? 4.161   -2.876  -5.424  1.00 10.00 ? 7  TYR A CZ   1 
ATOM 108  O OH   . TYR A 1 7  ? 3.897   -4.176  -5.733  1.00 10.00 ? 7  TYR A OH   1 
ATOM 109  H H    . TYR A 1 7  ? 5.472   1.091   -1.971  1.00 10.00 ? 7  TYR A H    1 
ATOM 110  H HA   . TYR A 1 7  ? 6.174   2.125   -4.683  1.00 10.00 ? 7  TYR A HA   1 
ATOM 111  H HB2  . TYR A 1 7  ? 3.418   1.428   -3.640  1.00 10.00 ? 7  TYR A HB2  1 
ATOM 112  H HB3  . TYR A 1 7  ? 3.876   1.892   -5.276  1.00 10.00 ? 7  TYR A HB3  1 
ATOM 113  H HD1  . TYR A 1 7  ? 4.326   -0.837  -2.709  1.00 10.00 ? 7  TYR A HD1  1 
ATOM 114  H HD2  . TYR A 1 7  ? 3.954   0.193   -6.870  1.00 10.00 ? 7  TYR A HD2  1 
ATOM 115  H HE1  . TYR A 1 7  ? 4.232   -3.221  -3.294  1.00 10.00 ? 7  TYR A HE1  1 
ATOM 116  H HE2  . TYR A 1 7  ? 3.940   -2.204  -7.459  1.00 10.00 ? 7  TYR A HE2  1 
ATOM 117  H HH   . TYR A 1 7  ? 4.241   -4.784  -5.073  1.00 10.00 ? 7  TYR A HH   1 
ATOM 118  N N    . ARG A 1 8  ? 5.179   4.472   -4.073  1.00 10.00 ? 8  ARG A N    1 
ATOM 119  C CA   . ARG A 1 8  ? 4.742   5.786   -3.604  1.00 10.00 ? 8  ARG A CA   1 
ATOM 120  C C    . ARG A 1 8  ? 3.242   5.904   -3.787  1.00 10.00 ? 8  ARG A C    1 
ATOM 121  O O    . ARG A 1 8  ? 2.734   5.459   -4.808  1.00 10.00 ? 8  ARG A O    1 
ATOM 122  C CB   . ARG A 1 8  ? 5.398   6.916   -4.401  1.00 10.00 ? 8  ARG A CB   1 
ATOM 123  C CG   . ARG A 1 8  ? 6.786   7.215   -3.853  1.00 10.00 ? 8  ARG A CG   1 
ATOM 124  C CD   . ARG A 1 8  ? 7.356   8.468   -4.514  1.00 10.00 ? 8  ARG A CD   1 
ATOM 125  N NE   . ARG A 1 8  ? 8.771   8.561   -4.167  1.00 10.00 ? 8  ARG A NE   1 
ATOM 126  C CZ   . ARG A 1 8  ? 9.644   9.520   -4.481  1.00 10.00 ? 8  ARG A CZ   1 
ATOM 127  N NH1  . ARG A 1 8  ? 9.230   10.667  -5.032  1.00 10.00 ? 8  ARG A NH1  1 
ATOM 128  N NH2  . ARG A 1 8  ? 10.928  9.277   -4.220  1.00 10.00 ? 8  ARG A NH2  1 
ATOM 129  H H    . ARG A 1 8  ? 5.278   4.341   -5.074  1.00 10.00 ? 8  ARG A H    1 
ATOM 130  H HA   . ARG A 1 8  ? 4.980   5.901   -2.547  1.00 10.00 ? 8  ARG A HA   1 
ATOM 131  H HB2  . ARG A 1 8  ? 5.446   6.653   -5.460  1.00 10.00 ? 8  ARG A HB2  1 
ATOM 132  H HB3  . ARG A 1 8  ? 4.795   7.821   -4.293  1.00 10.00 ? 8  ARG A HB3  1 
ATOM 133  H HG2  . ARG A 1 8  ? 6.728   7.383   -2.776  1.00 10.00 ? 8  ARG A HG2  1 
ATOM 134  H HG3  . ARG A 1 8  ? 7.426   6.355   -4.042  1.00 10.00 ? 8  ARG A HG3  1 
ATOM 135  H HD2  . ARG A 1 8  ? 7.258   8.382   -5.599  1.00 10.00 ? 8  ARG A HD2  1 
ATOM 136  H HD3  . ARG A 1 8  ? 6.805   9.341   -4.162  1.00 10.00 ? 8  ARG A HD3  1 
ATOM 137  H HE   . ARG A 1 8  ? 9.186   7.736   -3.734  1.00 10.00 ? 8  ARG A HE   1 
ATOM 138  H HH11 . ARG A 1 8  ? 8.244   10.798  -5.204  1.00 10.00 ? 8  ARG A HH11 1 
ATOM 139  H HH12 . ARG A 1 8  ? 9.873   11.406  -5.271  1.00 10.00 ? 8  ARG A HH12 1 
ATOM 140  H HH21 . ARG A 1 8  ? 11.126  8.339   -3.837  1.00 10.00 ? 8  ARG A HH21 1 
ATOM 141  H HH22 . ARG A 1 8  ? 11.679  9.915   -4.429  1.00 10.00 ? 8  ARG A HH22 1 
ATOM 142  N N    . VAL A 1 9  ? 2.554   6.546   -2.844  1.00 10.00 ? 9  VAL A N    1 
ATOM 143  C CA   . VAL A 1 9  ? 1.129   6.846   -2.922  1.00 10.00 ? 9  VAL A CA   1 
ATOM 144  C C    . VAL A 1 9  ? 0.971   8.358   -2.803  1.00 10.00 ? 9  VAL A C    1 
ATOM 145  O O    . VAL A 1 9  ? 1.772   8.987   -2.112  1.00 10.00 ? 9  VAL A O    1 
ATOM 146  C CB   . VAL A 1 9  ? 0.374   6.088   -1.817  1.00 10.00 ? 9  VAL A CB   1 
ATOM 147  C CG1  . VAL A 1 9  ? 1.139   6.165   -0.485  1.00 10.00 ? 9  VAL A CG1  1 
ATOM 148  C CG2  . VAL A 1 9  ? -1.048  6.625   -1.621  1.00 10.00 ? 9  VAL A CG2  1 
ATOM 149  H H    . VAL A 1 9  ? 3.066   7.011   -2.098  1.00 10.00 ? 9  VAL A H    1 
ATOM 150  H HA   . VAL A 1 9  ? 0.718   6.550   -3.883  1.00 10.00 ? 9  VAL A HA   1 
ATOM 151  H HB   . VAL A 1 9  ? 0.279   5.042   -2.127  1.00 10.00 ? 9  VAL A HB   1 
ATOM 152  H HG11 . VAL A 1 9  ? 0.456   6.022   0.343   1.00 10.00 ? 9  VAL A HG11 1 
ATOM 153  H HG12 . VAL A 1 9  ? 1.904   5.391   -0.453  1.00 10.00 ? 9  VAL A HG12 1 
ATOM 154  H HG13 . VAL A 1 9  ? 1.604   7.140   -0.348  1.00 10.00 ? 9  VAL A HG13 1 
ATOM 155  H HG21 . VAL A 1 9  ? -1.025  7.613   -1.156  1.00 10.00 ? 9  VAL A HG21 1 
ATOM 156  H HG22 . VAL A 1 9  ? -1.556  6.682   -2.583  1.00 10.00 ? 9  VAL A HG22 1 
ATOM 157  H HG23 . VAL A 1 9  ? -1.603  5.952   -0.969  1.00 10.00 ? 9  VAL A HG23 1 
ATOM 158  N N    . ASP A 1 10 ? -0.036  8.942   -3.467  1.00 10.00 ? 10 ASP A N    1 
ATOM 159  C CA   . ASP A 1 10 ? -0.225  10.385  -3.414  1.00 10.00 ? 10 ASP A CA   1 
ATOM 160  C C    . ASP A 1 10 ? -1.703  10.766  -3.534  1.00 10.00 ? 10 ASP A C    1 
ATOM 161  O O    . ASP A 1 10 ? -2.476  10.102  -4.232  1.00 10.00 ? 10 ASP A O    1 
ATOM 162  C CB   . ASP A 1 10 ? 0.625   11.034  -4.512  1.00 10.00 ? 10 ASP A CB   1 
ATOM 163  C CG   . ASP A 1 10 ? 0.712   12.549  -4.377  1.00 10.00 ? 10 ASP A CG   1 
ATOM 164  O OD1  . ASP A 1 10 ? 0.191   13.072  -3.367  1.00 10.00 ? 10 ASP A OD1  1 
ATOM 165  O OD2  . ASP A 1 10 ? 1.279   13.152  -5.310  1.00 10.00 ? 10 ASP A OD2  1 
ATOM 166  H H    . ASP A 1 10 ? -0.665  8.392   -4.047  1.00 10.00 ? 10 ASP A H    1 
ATOM 167  H HA   . ASP A 1 10 ? 0.123   10.744  -2.443  1.00 10.00 ? 10 ASP A HA   1 
ATOM 168  H HB2  . ASP A 1 10 ? 1.637   10.635  -4.467  1.00 10.00 ? 10 ASP A HB2  1 
ATOM 169  H HB3  . ASP A 1 10 ? 0.228   10.780  -5.491  1.00 10.00 ? 10 ASP A HB3  1 
ATOM 170  N N    . GLY A 1 11 ? -2.091  11.875  -2.905  1.00 10.00 ? 11 GLY A N    1 
ATOM 171  C CA   . GLY A 1 11 ? -3.438  12.429  -2.905  1.00 10.00 ? 11 GLY A CA   1 
ATOM 172  C C    . GLY A 1 11 ? -3.955  12.689  -1.490  1.00 10.00 ? 11 GLY A C    1 
ATOM 173  O O    . GLY A 1 11 ? -4.282  13.821  -1.150  1.00 10.00 ? 11 GLY A O    1 
ATOM 174  H H    . GLY A 1 11 ? -1.318  12.479  -2.608  1.00 10.00 ? 11 GLY A H    1 
ATOM 175  H HA2  . GLY A 1 11 ? -3.418  13.372  -3.453  1.00 10.00 ? 11 GLY A HA2  1 
ATOM 176  H HA3  . GLY A 1 11 ? -4.142  11.760  -3.401  1.00 10.00 ? 11 GLY A HA3  1 
ATOM 177  N N    . LEU A 1 12 ? -4.090  11.630  -0.687  1.00 10.00 ? 12 LEU A N    1 
ATOM 178  C CA   . LEU A 1 12 ? -4.741  11.714  0.619   1.00 10.00 ? 12 LEU A CA   1 
ATOM 179  C C    . LEU A 1 12 ? -3.844  12.336  1.692   1.00 10.00 ? 12 LEU A C    1 
ATOM 180  O O    . LEU A 1 12 ? -2.673  12.618  1.456   1.00 10.00 ? 12 LEU A O    1 
ATOM 181  C CB   . LEU A 1 12 ? -5.271  10.341  1.051   1.00 10.00 ? 12 LEU A CB   1 
ATOM 182  C CG   . LEU A 1 12 ? -4.259  9.185   1.044   1.00 10.00 ? 12 LEU A CG   1 
ATOM 183  C CD1  . LEU A 1 12 ? -2.946  9.435   1.796   1.00 10.00 ? 12 LEU A CD1  1 
ATOM 184  C CD2  . LEU A 1 12 ? -4.952  7.982   1.680   1.00 10.00 ? 12 LEU A CD2  1 
ATOM 185  H H    . LEU A 1 12 ? -3.759  10.733  -1.007  1.00 10.00 ? 12 LEU A H    1 
ATOM 186  H HA   . LEU A 1 12 ? -5.617  12.355  0.515   1.00 10.00 ? 12 LEU A HA   1 
ATOM 187  H HB2  . LEU A 1 12 ? -5.713  10.417  2.046   1.00 10.00 ? 12 LEU A HB2  1 
ATOM 188  H HB3  . LEU A 1 12 ? -6.081  10.079  0.371   1.00 10.00 ? 12 LEU A HB3  1 
ATOM 189  H HG   . LEU A 1 12 ? -4.013  8.927   0.014   1.00 10.00 ? 12 LEU A HG   1 
ATOM 190  H HD11 . LEU A 1 12 ? -3.142  9.823   2.795   1.00 10.00 ? 12 LEU A HD11 1 
ATOM 191  H HD12 . LEU A 1 12 ? -2.396  8.498   1.884   1.00 10.00 ? 12 LEU A HD12 1 
ATOM 192  H HD13 . LEU A 1 12 ? -2.321  10.129  1.238   1.00 10.00 ? 12 LEU A HD13 1 
ATOM 193  H HD21 . LEU A 1 12 ? -4.357  7.110   1.454   1.00 10.00 ? 12 LEU A HD21 1 
ATOM 194  H HD22 . LEU A 1 12 ? -5.045  8.117   2.758   1.00 10.00 ? 12 LEU A HD22 1 
ATOM 195  H HD23 . LEU A 1 12 ? -5.939  7.830   1.253   1.00 10.00 ? 12 LEU A HD23 1 
ATOM 196  N N    . SER A 1 13 ? -4.396  12.504  2.900   1.00 10.00 ? 13 SER A N    1 
ATOM 197  C CA   . SER A 1 13 ? -3.674  12.966  4.076   1.00 10.00 ? 13 SER A CA   1 
ATOM 198  C C    . SER A 1 13 ? -4.545  12.755  5.320   1.00 10.00 ? 13 SER A C    1 
ATOM 199  O O    . SER A 1 13 ? -4.997  13.731  5.917   1.00 10.00 ? 13 SER A O    1 
ATOM 200  C CB   . SER A 1 13 ? -3.270  14.440  3.889   1.00 10.00 ? 13 SER A CB   1 
ATOM 201  O OG   . SER A 1 13 ? -2.748  14.978  5.088   1.00 10.00 ? 13 SER A OG   1 
ATOM 202  H H    . SER A 1 13 ? -5.371  12.267  3.015   1.00 10.00 ? 13 SER A H    1 
ATOM 203  H HA   . SER A 1 13 ? -2.766  12.375  4.192   1.00 10.00 ? 13 SER A HA   1 
ATOM 204  H HB2  . SER A 1 13 ? -2.510  14.527  3.109   1.00 10.00 ? 13 SER A HB2  1 
ATOM 205  H HB3  . SER A 1 13 ? -4.143  15.025  3.597   1.00 10.00 ? 13 SER A HB3  1 
ATOM 206  H HG   . SER A 1 13 ? -3.454  14.943  5.747   1.00 10.00 ? 13 SER A HG   1 
ATOM 207  N N    . CYS A 1 14 ? -4.782  11.500  5.728   1.00 10.00 ? 14 CYS A N    1 
ATOM 208  C CA   . CYS A 1 14 ? -5.567  11.212  6.930   1.00 10.00 ? 14 CYS A CA   1 
ATOM 209  C C    . CYS A 1 14 ? -5.143  9.902   7.602   1.00 10.00 ? 14 CYS A C    1 
ATOM 210  O O    . CYS A 1 14 ? -5.154  8.838   6.981   1.00 10.00 ? 14 CYS A O    1 
ATOM 211  C CB   . CYS A 1 14 ? -7.059  11.179  6.594   1.00 10.00 ? 14 CYS A CB   1 
ATOM 212  S SG   . CYS A 1 14 ? -7.966  10.882  8.131   1.00 10.00 ? 14 CYS A SG   1 
ATOM 213  H H    . CYS A 1 14 ? -4.403  10.719  5.212   1.00 10.00 ? 14 CYS A H    1 
ATOM 214  H HA   . CYS A 1 14 ? -5.410  12.018  7.650   1.00 10.00 ? 14 CYS A HA   1 
ATOM 215  H HB2  . CYS A 1 14 ? -7.379  12.131  6.171   1.00 10.00 ? 14 CYS A HB2  1 
ATOM 216  H HB3  . CYS A 1 14 ? -7.275  10.378  5.888   1.00 10.00 ? 14 CYS A HB3  1 
ATOM 217  H HG   . CYS A 1 14 ? -7.608  12.021  8.733   1.00 10.00 ? 14 CYS A HG   1 
ATOM 218  N N    . THR A 1 15 ? -4.779  9.976   8.885   1.00 10.00 ? 15 THR A N    1 
ATOM 219  C CA   . THR A 1 15 ? -4.389  8.843   9.711   1.00 10.00 ? 15 THR A CA   1 
ATOM 220  C C    . THR A 1 15 ? -5.442  7.732   9.687   1.00 10.00 ? 15 THR A C    1 
ATOM 221  O O    . THR A 1 15 ? -5.104  6.559   9.567   1.00 10.00 ? 15 THR A O    1 
ATOM 222  C CB   . THR A 1 15 ? -4.155  9.364   11.135  1.00 10.00 ? 15 THR A CB   1 
ATOM 223  O OG1  . THR A 1 15 ? -3.550  10.642  11.059  1.00 10.00 ? 15 THR A OG1  1 
ATOM 224  C CG2  . THR A 1 15 ? -3.268  8.418   11.949  1.00 10.00 ? 15 THR A CG2  1 
ATOM 225  H H    . THR A 1 15 ? -4.726  10.871  9.352   1.00 10.00 ? 15 THR A H    1 
ATOM 226  H HA   . THR A 1 15 ? -3.450  8.453   9.315   1.00 10.00 ? 15 THR A HA   1 
ATOM 227  H HB   . THR A 1 15 ? -5.114  9.478   11.646  1.00 10.00 ? 15 THR A HB   1 
ATOM 228  H HG1  . THR A 1 15 ? -2.652  10.542  10.731  1.00 10.00 ? 15 THR A HG1  1 
ATOM 229  H HG21 . THR A 1 15 ? -3.746  7.441   12.035  1.00 10.00 ? 15 THR A HG21 1 
ATOM 230  H HG22 . THR A 1 15 ? -2.297  8.298   11.470  1.00 10.00 ? 15 THR A HG22 1 
ATOM 231  H HG23 . THR A 1 15 ? -3.124  8.826   12.950  1.00 10.00 ? 15 THR A HG23 1 
ATOM 232  N N    . ASN A 1 16 ? -6.727  8.085   9.791   1.00 10.00 ? 16 ASN A N    1 
ATOM 233  C CA   . ASN A 1 16 ? -7.805  7.109   9.770   1.00 10.00 ? 16 ASN A CA   1 
ATOM 234  C C    . ASN A 1 16 ? -7.739  6.292   8.483   1.00 10.00 ? 16 ASN A C    1 
ATOM 235  O O    . ASN A 1 16 ? -7.873  5.069   8.497   1.00 10.00 ? 16 ASN A O    1 
ATOM 236  C CB   . ASN A 1 16 ? -9.182  7.782   9.896   1.00 10.00 ? 16 ASN A CB   1 
ATOM 237  C CG   . ASN A 1 16 ? -9.408  8.459   11.245  1.00 10.00 ? 16 ASN A CG   1 
ATOM 238  O OD1  . ASN A 1 16 ? -8.544  8.454   12.116  1.00 10.00 ? 16 ASN A OD1  1 
ATOM 239  N ND2  . ASN A 1 16 ? -10.579 9.062   11.431  1.00 10.00 ? 16 ASN A ND2  1 
ATOM 240  H H    . ASN A 1 16 ? -6.967  9.053   9.914   1.00 10.00 ? 16 ASN A H    1 
ATOM 241  H HA   . ASN A 1 16 ? -7.658  6.454   10.622  1.00 10.00 ? 16 ASN A HA   1 
ATOM 242  H HB2  . ASN A 1 16 ? -9.310  8.511   9.097   1.00 10.00 ? 16 ASN A HB2  1 
ATOM 243  H HB3  . ASN A 1 16 ? -9.946  7.011   9.779   1.00 10.00 ? 16 ASN A HB3  1 
ATOM 244  H HD21 . ASN A 1 16 ? -11.275 9.073   10.702  1.00 10.00 ? 16 ASN A HD21 1 
ATOM 245  H HD22 . ASN A 1 16 ? -10.749 9.511   12.318  1.00 10.00 ? 16 ASN A HD22 1 
ATOM 246  N N    . CYS A 1 17 ? -7.509  6.978   7.361   1.00 10.00 ? 17 CYS A N    1 
ATOM 247  C CA   . CYS A 1 17 ? -7.392  6.326   6.068   1.00 10.00 ? 17 CYS A CA   1 
ATOM 248  C C    . CYS A 1 17 ? -6.138  5.470   6.028   1.00 10.00 ? 17 CYS A C    1 
ATOM 249  O O    . CYS A 1 17 ? -6.200  4.343   5.552   1.00 10.00 ? 17 CYS A O    1 
ATOM 250  C CB   . CYS A 1 17 ? -7.415  7.339   4.930   1.00 10.00 ? 17 CYS A CB   1 
ATOM 251  S SG   . CYS A 1 17 ? -9.109  7.959   4.789   1.00 10.00 ? 17 CYS A SG   1 
ATOM 252  H H    . CYS A 1 17 ? -7.348  7.974   7.410   1.00 10.00 ? 17 CYS A H    1 
ATOM 253  H HA   . CYS A 1 17 ? -8.247  5.663   5.932   1.00 10.00 ? 17 CYS A HA   1 
ATOM 254  H HB2  . CYS A 1 17 ? -6.715  8.154   5.105   1.00 10.00 ? 17 CYS A HB2  1 
ATOM 255  H HB3  . CYS A 1 17 ? -7.133  6.820   4.017   1.00 10.00 ? 17 CYS A HB3  1 
ATOM 256  H HG   . CYS A 1 17 ? -8.975  8.692   3.670   1.00 10.00 ? 17 CYS A HG   1 
ATOM 257  N N    . ALA A 1 18 ? -5.014  5.967   6.555   1.00 10.00 ? 18 ALA A N    1 
ATOM 258  C CA   . ALA A 1 18 ? -3.811  5.152   6.728   1.00 10.00 ? 18 ALA A CA   1 
ATOM 259  C C    . ALA A 1 18 ? -4.143  3.841   7.438   1.00 10.00 ? 18 ALA A C    1 
ATOM 260  O O    . ALA A 1 18 ? -3.810  2.762   6.950   1.00 10.00 ? 18 ALA A O    1 
ATOM 261  C CB   . ALA A 1 18 ? -2.734  5.933   7.487   1.00 10.00 ? 18 ALA A CB   1 
ATOM 262  H H    . ALA A 1 18 ? -5.021  6.922   6.904   1.00 10.00 ? 18 ALA A H    1 
ATOM 263  H HA   . ALA A 1 18 ? -3.420  4.895   5.747   1.00 10.00 ? 18 ALA A HA   1 
ATOM 264  H HB1  . ALA A 1 18 ? -2.662  6.949   7.100   1.00 10.00 ? 18 ALA A HB1  1 
ATOM 265  H HB2  . ALA A 1 18 ? -2.957  5.979   8.550   1.00 10.00 ? 18 ALA A HB2  1 
ATOM 266  H HB3  . ALA A 1 18 ? -1.775  5.426   7.370   1.00 10.00 ? 18 ALA A HB3  1 
ATOM 267  N N    . ALA A 1 19 ? -4.837  3.948   8.572   1.00 10.00 ? 19 ALA A N    1 
ATOM 268  C CA   . ALA A 1 19 ? -5.175  2.808   9.417   1.00 10.00 ? 19 ALA A CA   1 
ATOM 269  C C    . ALA A 1 19 ? -6.038  1.821   8.630   1.00 10.00 ? 19 ALA A C    1 
ATOM 270  O O    . ALA A 1 19 ? -5.730  0.631   8.526   1.00 10.00 ? 19 ALA A O    1 
ATOM 271  C CB   . ALA A 1 19 ? -5.880  3.290   10.689  1.00 10.00 ? 19 ALA A CB   1 
ATOM 272  H H    . ALA A 1 19 ? -5.143  4.881   8.833   1.00 10.00 ? 19 ALA A H    1 
ATOM 273  H HA   . ALA A 1 19 ? -4.254  2.318   9.729   1.00 10.00 ? 19 ALA A HA   1 
ATOM 274  H HB1  . ALA A 1 19 ? -5.234  3.982   11.226  1.00 10.00 ? 19 ALA A HB1  1 
ATOM 275  H HB2  . ALA A 1 19 ? -6.817  3.790   10.448  1.00 10.00 ? 19 ALA A HB2  1 
ATOM 276  H HB3  . ALA A 1 19 ? -6.091  2.433   11.329  1.00 10.00 ? 19 ALA A HB3  1 
ATOM 277  N N    . LYS A 1 20 ? -7.122  2.338   8.049   1.00 10.00 ? 20 LYS A N    1 
ATOM 278  C CA   . LYS A 1 20 ? -8.010  1.565   7.200   1.00 10.00 ? 20 LYS A CA   1 
ATOM 279  C C    . LYS A 1 20 ? -7.226  0.900   6.069   1.00 10.00 ? 20 LYS A C    1 
ATOM 280  O O    . LYS A 1 20 ? -7.503  -0.242  5.716   1.00 10.00 ? 20 LYS A O    1 
ATOM 281  C CB   . LYS A 1 20 ? -9.127  2.476   6.678   1.00 10.00 ? 20 LYS A CB   1 
ATOM 282  C CG   . LYS A 1 20 ? -10.182 1.698   5.880   1.00 10.00 ? 20 LYS A CG   1 
ATOM 283  C CD   . LYS A 1 20 ? -11.424 2.576   5.693   1.00 10.00 ? 20 LYS A CD   1 
ATOM 284  C CE   . LYS A 1 20 ? -12.479 1.848   4.851   1.00 10.00 ? 20 LYS A CE   1 
ATOM 285  N NZ   . LYS A 1 20 ? -13.766 2.575   4.834   1.00 10.00 ? 20 LYS A NZ   1 
ATOM 286  H H    . LYS A 1 20 ? -7.313  3.330   8.172   1.00 10.00 ? 20 LYS A H    1 
ATOM 287  H HA   . LYS A 1 20 ? -8.459  0.781   7.814   1.00 10.00 ? 20 LYS A HA   1 
ATOM 288  H HB2  . LYS A 1 20 ? -9.608  2.943   7.539   1.00 10.00 ? 20 LYS A HB2  1 
ATOM 289  H HB3  . LYS A 1 20 ? -8.702  3.258   6.048   1.00 10.00 ? 20 LYS A HB3  1 
ATOM 290  H HG2  . LYS A 1 20 ? -9.769  1.416   4.909   1.00 10.00 ? 20 LYS A HG2  1 
ATOM 291  H HG3  . LYS A 1 20 ? -10.451 0.790   6.421   1.00 10.00 ? 20 LYS A HG3  1 
ATOM 292  H HD2  . LYS A 1 20 ? -11.825 2.809   6.682   1.00 10.00 ? 20 LYS A HD2  1 
ATOM 293  H HD3  . LYS A 1 20 ? -11.129 3.508   5.201   1.00 10.00 ? 20 LYS A HD3  1 
ATOM 294  H HE2  . LYS A 1 20 ? -12.107 1.745   3.828   1.00 10.00 ? 20 LYS A HE2  1 
ATOM 295  H HE3  . LYS A 1 20 ? -12.645 0.849   5.261   1.00 10.00 ? 20 LYS A HE3  1 
ATOM 296  H HZ1  . LYS A 1 20 ? -13.636 3.506   4.462   1.00 10.00 ? 20 LYS A HZ1  1 
ATOM 297  H HZ2  . LYS A 1 20 ? -14.431 2.081   4.256   1.00 10.00 ? 20 LYS A HZ2  1 
ATOM 298  H HZ3  . LYS A 1 20 ? -14.138 2.641   5.772   1.00 10.00 ? 20 LYS A HZ3  1 
ATOM 299  N N    . PHE A 1 21 ? -6.253  1.605   5.491   1.00 10.00 ? 21 PHE A N    1 
ATOM 300  C CA   . PHE A 1 21 ? -5.471  1.085   4.388   1.00 10.00 ? 21 PHE A CA   1 
ATOM 301  C C    . PHE A 1 21 ? -4.586  -0.072  4.843   1.00 10.00 ? 21 PHE A C    1 
ATOM 302  O O    . PHE A 1 21 ? -4.684  -1.162  4.285   1.00 10.00 ? 21 PHE A O    1 
ATOM 303  C CB   . PHE A 1 21 ? -4.655  2.190   3.714   1.00 10.00 ? 21 PHE A CB   1 
ATOM 304  C CG   . PHE A 1 21 ? -4.380  1.872   2.264   1.00 10.00 ? 21 PHE A CG   1 
ATOM 305  C CD1  . PHE A 1 21 ? -5.468  1.758   1.384   1.00 10.00 ? 21 PHE A CD1  1 
ATOM 306  C CD2  . PHE A 1 21 ? -3.071  1.684   1.783   1.00 10.00 ? 21 PHE A CD2  1 
ATOM 307  C CE1  . PHE A 1 21 ? -5.246  1.449   0.042   1.00 10.00 ? 21 PHE A CE1  1 
ATOM 308  C CE2  . PHE A 1 21 ? -2.859  1.586   0.394   1.00 10.00 ? 21 PHE A CE2  1 
ATOM 309  C CZ   . PHE A 1 21 ? -3.952  1.488   -0.478  1.00 10.00 ? 21 PHE A CZ   1 
ATOM 310  H H    . PHE A 1 21 ? -6.068  2.547   5.815   1.00 10.00 ? 21 PHE A H    1 
ATOM 311  H HA   . PHE A 1 21 ? -6.188  0.714   3.649   1.00 10.00 ? 21 PHE A HA   1 
ATOM 312  H HB2  . PHE A 1 21 ? -5.230  3.112   3.710   1.00 10.00 ? 21 PHE A HB2  1 
ATOM 313  H HB3  . PHE A 1 21 ? -3.729  2.376   4.259   1.00 10.00 ? 21 PHE A HB3  1 
ATOM 314  H HD1  . PHE A 1 21 ? -6.481  1.865   1.734   1.00 10.00 ? 21 PHE A HD1  1 
ATOM 315  H HD2  . PHE A 1 21 ? -2.227  1.783   2.448   1.00 10.00 ? 21 PHE A HD2  1 
ATOM 316  H HE1  . PHE A 1 21 ? -6.058  1.148   -0.581  1.00 10.00 ? 21 PHE A HE1  1 
ATOM 317  H HE2  . PHE A 1 21 ? -1.866  1.638   -0.014  1.00 10.00 ? 21 PHE A HE2  1 
ATOM 318  H HZ   . PHE A 1 21 ? -3.818  1.348   -1.541  1.00 10.00 ? 21 PHE A HZ   1 
ATOM 319  N N    . GLU A 1 22 ? -3.731  0.131   5.857   1.00 10.00 ? 22 GLU A N    1 
ATOM 320  C CA   . GLU A 1 22 ? -2.861  -0.951  6.310   1.00 10.00 ? 22 GLU A CA   1 
ATOM 321  C C    . GLU A 1 22 ? -3.691  -2.175  6.682   1.00 10.00 ? 22 GLU A C    1 
ATOM 322  O O    . GLU A 1 22 ? -3.324  -3.299  6.350   1.00 10.00 ? 22 GLU A O    1 
ATOM 323  C CB   . GLU A 1 22 ? -1.930  -0.537  7.458   1.00 10.00 ? 22 GLU A CB   1 
ATOM 324  C CG   . GLU A 1 22 ? -2.606  -0.096  8.757   1.00 10.00 ? 22 GLU A CG   1 
ATOM 325  C CD   . GLU A 1 22 ? -1.616  -0.073  9.908   1.00 10.00 ? 22 GLU A CD   1 
ATOM 326  O OE1  . GLU A 1 22 ? -1.150  -1.183  10.254  1.00 10.00 ? 22 GLU A OE1  1 
ATOM 327  O OE2  . GLU A 1 22 ? -1.340  1.029   10.420  1.00 10.00 ? 22 GLU A OE2  1 
ATOM 328  H H    . GLU A 1 22 ? -3.711  1.025   6.338   1.00 10.00 ? 22 GLU A H    1 
ATOM 329  H HA   . GLU A 1 22 ? -2.225  -1.230  5.468   1.00 10.00 ? 22 GLU A HA   1 
ATOM 330  H HB2  . GLU A 1 22 ? -1.293  -1.395  7.677   1.00 10.00 ? 22 GLU A HB2  1 
ATOM 331  H HB3  . GLU A 1 22 ? -1.301  0.285   7.143   1.00 10.00 ? 22 GLU A HB3  1 
ATOM 332  H HG2  . GLU A 1 22 ? -3.022  0.897   8.613   1.00 10.00 ? 22 GLU A HG2  1 
ATOM 333  H HG3  . GLU A 1 22 ? -3.394  -0.779  9.054   1.00 10.00 ? 22 GLU A HG3  1 
ATOM 334  N N    . ARG A 1 23 ? -4.824  -1.951  7.354   1.00 10.00 ? 23 ARG A N    1 
ATOM 335  C CA   . ARG A 1 23 ? -5.748  -3.013  7.700   1.00 10.00 ? 23 ARG A CA   1 
ATOM 336  C C    . ARG A 1 23 ? -6.264  -3.695  6.432   1.00 10.00 ? 23 ARG A C    1 
ATOM 337  O O    . ARG A 1 23 ? -6.183  -4.915  6.334   1.00 10.00 ? 23 ARG A O    1 
ATOM 338  C CB   . ARG A 1 23 ? -6.892  -2.452  8.553   1.00 10.00 ? 23 ARG A CB   1 
ATOM 339  C CG   . ARG A 1 23 ? -7.881  -3.579  8.847   1.00 10.00 ? 23 ARG A CG   1 
ATOM 340  C CD   . ARG A 1 23 ? -8.974  -3.182  9.834   1.00 10.00 ? 23 ARG A CD   1 
ATOM 341  N NE   . ARG A 1 23 ? -9.881  -4.326  9.957   1.00 10.00 ? 23 ARG A NE   1 
ATOM 342  C CZ   . ARG A 1 23 ? -10.533 -4.754  11.040  1.00 10.00 ? 23 ARG A CZ   1 
ATOM 343  N NH1  . ARG A 1 23 ? -10.653 -3.971  12.118  1.00 10.00 ? 23 ARG A NH1  1 
ATOM 344  N NH2  . ARG A 1 23 ? -11.042 -5.987  11.006  1.00 10.00 ? 23 ARG A NH2  1 
ATOM 345  H H    . ARG A 1 23 ? -5.036  -0.993  7.622   1.00 10.00 ? 23 ARG A H    1 
ATOM 346  H HA   . ARG A 1 23 ? -5.201  -3.765  8.282   1.00 10.00 ? 23 ARG A HA   1 
ATOM 347  H HB2  . ARG A 1 23 ? -6.482  -2.059  9.483   1.00 10.00 ? 23 ARG A HB2  1 
ATOM 348  H HB3  . ARG A 1 23 ? -7.403  -1.650  8.020   1.00 10.00 ? 23 ARG A HB3  1 
ATOM 349  H HG2  . ARG A 1 23 ? -8.368  -3.886  7.919   1.00 10.00 ? 23 ARG A HG2  1 
ATOM 350  H HG3  . ARG A 1 23 ? -7.338  -4.435  9.253   1.00 10.00 ? 23 ARG A HG3  1 
ATOM 351  H HD2  . ARG A 1 23 ? -8.507  -2.928  10.788  1.00 10.00 ? 23 ARG A HD2  1 
ATOM 352  H HD3  . ARG A 1 23 ? -9.520  -2.319  9.446   1.00 10.00 ? 23 ARG A HD3  1 
ATOM 353  H HE   . ARG A 1 23 ? -9.877  -4.993  9.181   1.00 10.00 ? 23 ARG A HE   1 
ATOM 354  H HH11 . ARG A 1 23 ? -10.275 -3.037  12.085  1.00 10.00 ? 23 ARG A HH11 1 
ATOM 355  H HH12 . ARG A 1 23 ? -11.128 -4.286  12.951  1.00 10.00 ? 23 ARG A HH12 1 
ATOM 356  H HH21 . ARG A 1 23 ? -10.821 -6.519  10.149  1.00 10.00 ? 23 ARG A HH21 1 
ATOM 357  H HH22 . ARG A 1 23 ? -11.542 -6.420  11.763  1.00 10.00 ? 23 ARG A HH22 1 
ATOM 358  N N    . ASN A 1 24 ? -6.785  -2.926  5.467   1.00 10.00 ? 24 ASN A N    1 
ATOM 359  C CA   . ASN A 1 24 ? -7.238  -3.465  4.187   1.00 10.00 ? 24 ASN A CA   1 
ATOM 360  C C    . ASN A 1 24 ? -6.167  -4.396  3.625   1.00 10.00 ? 24 ASN A C    1 
ATOM 361  O O    . ASN A 1 24 ? -6.476  -5.525  3.261   1.00 10.00 ? 24 ASN A O    1 
ATOM 362  C CB   . ASN A 1 24 ? -7.542  -2.354  3.163   1.00 10.00 ? 24 ASN A CB   1 
ATOM 363  C CG   . ASN A 1 24 ? -8.986  -1.861  3.152   1.00 10.00 ? 24 ASN A CG   1 
ATOM 364  O OD1  . ASN A 1 24 ? -9.711  -1.931  4.139   1.00 10.00 ? 24 ASN A OD1  1 
ATOM 365  N ND2  . ASN A 1 24 ? -9.426  -1.352  2.001   1.00 10.00 ? 24 ASN A ND2  1 
ATOM 366  H H    . ASN A 1 24 ? -6.838  -1.925  5.611   1.00 10.00 ? 24 ASN A H    1 
ATOM 367  H HA   . ASN A 1 24 ? -8.139  -4.057  4.353   1.00 10.00 ? 24 ASN A HA   1 
ATOM 368  H HB2  . ASN A 1 24 ? -6.881  -1.503  3.300   1.00 10.00 ? 24 ASN A HB2  1 
ATOM 369  H HB3  . ASN A 1 24 ? -7.346  -2.766  2.173   1.00 10.00 ? 24 ASN A HB3  1 
ATOM 370  H HD21 . ASN A 1 24 ? -8.806  -1.282  1.212   1.00 10.00 ? 24 ASN A HD21 1 
ATOM 371  H HD22 . ASN A 1 24 ? -10.397 -1.108  1.895   1.00 10.00 ? 24 ASN A HD22 1 
ATOM 372  N N    . VAL A 1 25 ? -4.913  -3.936  3.571   1.00 10.00 ? 25 VAL A N    1 
ATOM 373  C CA   . VAL A 1 25 ? -3.809  -4.753  3.081   1.00 10.00 ? 25 VAL A CA   1 
ATOM 374  C C    . VAL A 1 25 ? -3.649  -6.018  3.930   1.00 10.00 ? 25 VAL A C    1 
ATOM 375  O O    . VAL A 1 25 ? -3.621  -7.120  3.393   1.00 10.00 ? 25 VAL A O    1 
ATOM 376  C CB   . VAL A 1 25 ? -2.508  -3.935  2.987   1.00 10.00 ? 25 VAL A CB   1 
ATOM 377  C CG1  . VAL A 1 25 ? -1.372  -4.797  2.426   1.00 10.00 ? 25 VAL A CG1  1 
ATOM 378  C CG2  . VAL A 1 25 ? -2.698  -2.728  2.061   1.00 10.00 ? 25 VAL A CG2  1 
ATOM 379  H H    . VAL A 1 25 ? -4.725  -2.997  3.919   1.00 10.00 ? 25 VAL A H    1 
ATOM 380  H HA   . VAL A 1 25 ? -4.066  -5.094  2.078   1.00 10.00 ? 25 VAL A HA   1 
ATOM 381  H HB   . VAL A 1 25 ? -2.211  -3.575  3.973   1.00 10.00 ? 25 VAL A HB   1 
ATOM 382  H HG11 . VAL A 1 25 ? -1.072  -5.533  3.171   1.00 10.00 ? 25 VAL A HG11 1 
ATOM 383  H HG12 . VAL A 1 25 ? -1.691  -5.307  1.517   1.00 10.00 ? 25 VAL A HG12 1 
ATOM 384  H HG13 . VAL A 1 25 ? -0.507  -4.176  2.192   1.00 10.00 ? 25 VAL A HG13 1 
ATOM 385  H HG21 . VAL A 1 25 ? -3.219  -3.043  1.160   1.00 10.00 ? 25 VAL A HG21 1 
ATOM 386  H HG22 . VAL A 1 25 ? -3.288  -1.956  2.542   1.00 10.00 ? 25 VAL A HG22 1 
ATOM 387  H HG23 . VAL A 1 25 ? -1.733  -2.294  1.800   1.00 10.00 ? 25 VAL A HG23 1 
ATOM 388  N N    . LYS A 1 26 ? -3.552  -5.875  5.249   1.00 10.00 ? 26 LYS A N    1 
ATOM 389  C CA   . LYS A 1 26 ? -3.434  -6.983  6.183   1.00 10.00 ? 26 LYS A CA   1 
ATOM 390  C C    . LYS A 1 26 ? -4.537  -8.033  5.994   1.00 10.00 ? 26 LYS A C    1 
ATOM 391  O O    . LYS A 1 26 ? -4.269  -9.225  6.123   1.00 10.00 ? 26 LYS A O    1 
ATOM 392  C CB   . LYS A 1 26 ? -3.411  -6.384  7.593   1.00 10.00 ? 26 LYS A CB   1 
ATOM 393  C CG   . LYS A 1 26 ? -2.000  -5.853  7.873   1.00 10.00 ? 26 LYS A CG   1 
ATOM 394  C CD   . LYS A 1 26 ? -1.995  -4.866  9.041   1.00 10.00 ? 26 LYS A CD   1 
ATOM 395  C CE   . LYS A 1 26 ? -0.559  -4.692  9.560   1.00 10.00 ? 26 LYS A CE   1 
ATOM 396  N NZ   . LYS A 1 26 ? -0.463  -3.663  10.614  1.00 10.00 ? 26 LYS A NZ   1 
ATOM 397  H H    . LYS A 1 26 ? -3.599  -4.945  5.656   1.00 10.00 ? 26 LYS A H    1 
ATOM 398  H HA   . LYS A 1 26 ? -2.487  -7.494  6.000   1.00 10.00 ? 26 LYS A HA   1 
ATOM 399  H HB2  . LYS A 1 26 ? -4.131  -5.576  7.652   1.00 10.00 ? 26 LYS A HB2  1 
ATOM 400  H HB3  . LYS A 1 26 ? -3.691  -7.116  8.347   1.00 10.00 ? 26 LYS A HB3  1 
ATOM 401  H HG2  . LYS A 1 26 ? -1.371  -6.712  8.102   1.00 10.00 ? 26 LYS A HG2  1 
ATOM 402  H HG3  . LYS A 1 26 ? -1.599  -5.350  6.991   1.00 10.00 ? 26 LYS A HG3  1 
ATOM 403  H HD2  . LYS A 1 26 ? -2.394  -3.910  8.699   1.00 10.00 ? 26 LYS A HD2  1 
ATOM 404  H HD3  . LYS A 1 26 ? -2.656  -5.259  9.812   1.00 10.00 ? 26 LYS A HD3  1 
ATOM 405  H HE2  . LYS A 1 26 ? -0.201  -5.642  9.959   1.00 10.00 ? 26 LYS A HE2  1 
ATOM 406  H HE3  . LYS A 1 26 ? 0.088   -4.396  8.732   1.00 10.00 ? 26 LYS A HE3  1 
ATOM 407  H HZ1  . LYS A 1 26 ? -0.757  -2.752  10.260  1.00 10.00 ? 26 LYS A HZ1  1 
ATOM 408  H HZ2  . LYS A 1 26 ? 0.491   -3.556  10.924  1.00 10.00 ? 26 LYS A HZ2  1 
ATOM 409  H HZ3  . LYS A 1 26 ? -1.052  -3.878  11.402  1.00 10.00 ? 26 LYS A HZ3  1 
ATOM 410  N N    . GLU A 1 27 ? -5.765  -7.608  5.696   1.00 10.00 ? 27 GLU A N    1 
ATOM 411  C CA   . GLU A 1 27 ? -6.878  -8.508  5.421   1.00 10.00 ? 27 GLU A CA   1 
ATOM 412  C C    . GLU A 1 27 ? -6.781  -9.220  4.053   1.00 10.00 ? 27 GLU A C    1 
ATOM 413  O O    . GLU A 1 27 ? -7.618  -10.076 3.767   1.00 10.00 ? 27 GLU A O    1 
ATOM 414  C CB   . GLU A 1 27 ? -8.206  -7.761  5.658   1.00 10.00 ? 27 GLU A CB   1 
ATOM 415  C CG   . GLU A 1 27 ? -8.367  -7.429  7.158   1.00 10.00 ? 27 GLU A CG   1 
ATOM 416  C CD   . GLU A 1 27 ? -9.620  -6.626  7.491   1.00 10.00 ? 27 GLU A CD   1 
ATOM 417  O OE1  . GLU A 1 27 ? -10.138 -5.934  6.594   1.00 10.00 ? 27 GLU A OE1  1 
ATOM 418  O OE2  . GLU A 1 27 ? -10.017 -6.645  8.682   1.00 10.00 ? 27 GLU A OE2  1 
ATOM 419  H H    . GLU A 1 27 ? -5.942  -6.609  5.662   1.00 10.00 ? 27 GLU A H    1 
ATOM 420  H HA   . GLU A 1 27 ? -6.846  -9.311  6.159   1.00 10.00 ? 27 GLU A HA   1 
ATOM 421  H HB2  . GLU A 1 27 ? -8.223  -6.846  5.064   1.00 10.00 ? 27 GLU A HB2  1 
ATOM 422  H HB3  . GLU A 1 27 ? -9.041  -8.392  5.350   1.00 10.00 ? 27 GLU A HB3  1 
ATOM 423  H HG2  . GLU A 1 27 ? -8.402  -8.359  7.725   1.00 10.00 ? 27 GLU A HG2  1 
ATOM 424  H HG3  . GLU A 1 27 ? -7.515  -6.848  7.502   1.00 10.00 ? 27 GLU A HG3  1 
ATOM 425  N N    . ILE A 1 28 ? -5.780  -8.923  3.212   1.00 10.00 ? 28 ILE A N    1 
ATOM 426  C CA   . ILE A 1 28 ? -5.472  -9.710  2.013   1.00 10.00 ? 28 ILE A CA   1 
ATOM 427  C C    . ILE A 1 28 ? -4.580  -10.888 2.439   1.00 10.00 ? 28 ILE A C    1 
ATOM 428  O O    . ILE A 1 28 ? -3.654  -10.714 3.222   1.00 10.00 ? 28 ILE A O    1 
ATOM 429  C CB   . ILE A 1 28 ? -4.744  -8.860  0.945   1.00 10.00 ? 28 ILE A CB   1 
ATOM 430  C CG1  . ILE A 1 28 ? -5.428  -7.513  0.655   1.00 10.00 ? 28 ILE A CG1  1 
ATOM 431  C CG2  . ILE A 1 28 ? -4.613  -9.626  -0.382  1.00 10.00 ? 28 ILE A CG2  1 
ATOM 432  C CD1  . ILE A 1 28 ? -4.529  -6.587  -0.172  1.00 10.00 ? 28 ILE A CD1  1 
ATOM 433  H H    . ILE A 1 28 ? -5.099  -8.225  3.486   1.00 10.00 ? 28 ILE A H    1 
ATOM 434  H HA   . ILE A 1 28 ? -6.400  -10.082 1.578   1.00 10.00 ? 28 ILE A HA   1 
ATOM 435  H HB   . ILE A 1 28 ? -3.747  -8.648  1.323   1.00 10.00 ? 28 ILE A HB   1 
ATOM 436  H HG12 . ILE A 1 28 ? -6.377  -7.670  0.141   1.00 10.00 ? 28 ILE A HG12 1 
ATOM 437  H HG13 . ILE A 1 28 ? -5.625  -7.003  1.590   1.00 10.00 ? 28 ILE A HG13 1 
ATOM 438  H HG21 . ILE A 1 28 ? -3.904  -9.129  -1.041  1.00 10.00 ? 28 ILE A HG21 1 
ATOM 439  H HG22 . ILE A 1 28 ? -4.246  -10.633 -0.221  1.00 10.00 ? 28 ILE A HG22 1 
ATOM 440  H HG23 . ILE A 1 28 ? -5.581  -9.689  -0.877  1.00 10.00 ? 28 ILE A HG23 1 
ATOM 441  H HD11 . ILE A 1 28 ? -4.380  -6.987  -1.170  1.00 10.00 ? 28 ILE A HD11 1 
ATOM 442  H HD12 . ILE A 1 28 ? -4.998  -5.606  -0.258  1.00 10.00 ? 28 ILE A HD12 1 
ATOM 443  H HD13 . ILE A 1 28 ? -3.557  -6.482  0.309   1.00 10.00 ? 28 ILE A HD13 1 
ATOM 444  N N    . GLU A 1 29 ? -4.820  -12.087 1.900   1.00 10.00 ? 29 GLU A N    1 
ATOM 445  C CA   . GLU A 1 29 ? -4.135  -13.305 2.289   1.00 10.00 ? 29 GLU A CA   1 
ATOM 446  C C    . GLU A 1 29 ? -2.759  -13.492 1.635   1.00 10.00 ? 29 GLU A C    1 
ATOM 447  O O    . GLU A 1 29 ? -1.930  -14.257 2.118   1.00 10.00 ? 29 GLU A O    1 
ATOM 448  C CB   . GLU A 1 29 ? -5.076  -14.461 1.948   1.00 10.00 ? 29 GLU A CB   1 
ATOM 449  C CG   . GLU A 1 29 ? -6.380  -14.403 2.758   1.00 10.00 ? 29 GLU A CG   1 
ATOM 450  C CD   . GLU A 1 29 ? -7.259  -15.612 2.461   1.00 10.00 ? 29 GLU A CD   1 
ATOM 451  O OE1  . GLU A 1 29 ? -7.628  -15.756 1.276   1.00 10.00 ? 29 GLU A OE1  1 
ATOM 452  O OE2  . GLU A 1 29 ? -7.532  -16.369 3.416   1.00 10.00 ? 29 GLU A OE2  1 
ATOM 453  H H    . GLU A 1 29 ? -5.622  -12.232 1.313   1.00 10.00 ? 29 GLU A H    1 
ATOM 454  H HA   . GLU A 1 29 ? -3.958  -13.280 3.358   1.00 10.00 ? 29 GLU A HA   1 
ATOM 455  H HB2  . GLU A 1 29 ? -5.309  -14.468 0.882   1.00 10.00 ? 29 GLU A HB2  1 
ATOM 456  H HB3  . GLU A 1 29 ? -4.568  -15.382 2.184   1.00 10.00 ? 29 GLU A HB3  1 
ATOM 457  H HG2  . GLU A 1 29 ? -6.145  -14.393 3.822   1.00 10.00 ? 29 GLU A HG2  1 
ATOM 458  H HG3  . GLU A 1 29 ? -6.953  -13.509 2.516   1.00 10.00 ? 29 GLU A HG3  1 
ATOM 459  N N    . GLY A 1 30 ? -2.529  -12.817 0.510   1.00 10.00 ? 30 GLY A N    1 
ATOM 460  C CA   . GLY A 1 30 ? -1.322  -12.957 -0.301  1.00 10.00 ? 30 GLY A CA   1 
ATOM 461  C C    . GLY A 1 30 ? -0.112  -12.238 0.300   1.00 10.00 ? 30 GLY A C    1 
ATOM 462  O O    . GLY A 1 30 ? 1.037   -12.565 0.004   1.00 10.00 ? 30 GLY A O    1 
ATOM 463  H H    . GLY A 1 30 ? -3.280  -12.226 0.206   1.00 10.00 ? 30 GLY A H    1 
ATOM 464  H HA2  . GLY A 1 30 ? -1.082  -14.013 -0.428  1.00 10.00 ? 30 GLY A HA2  1 
ATOM 465  H HA3  . GLY A 1 30 ? -1.517  -12.530 -1.284  1.00 10.00 ? 30 GLY A HA3  1 
ATOM 466  N N    . VAL A 1 31 ? -0.357  -11.210 1.114   1.00 10.00 ? 31 VAL A N    1 
ATOM 467  C CA   . VAL A 1 31 ? 0.680   -10.442 1.768   1.00 10.00 ? 31 VAL A CA   1 
ATOM 468  C C    . VAL A 1 31 ? 0.944   -11.048 3.152   1.00 10.00 ? 31 VAL A C    1 
ATOM 469  O O    . VAL A 1 31 ? 0.085   -11.729 3.709   1.00 10.00 ? 31 VAL A O    1 
ATOM 470  C CB   . VAL A 1 31 ? 0.226   -8.977  1.797   1.00 10.00 ? 31 VAL A CB   1 
ATOM 471  C CG1  . VAL A 1 31 ? -0.954  -8.741  2.733   1.00 10.00 ? 31 VAL A CG1  1 
ATOM 472  C CG2  . VAL A 1 31 ? 1.359   -8.059  2.214   1.00 10.00 ? 31 VAL A CG2  1 
ATOM 473  H H    . VAL A 1 31 ? -1.297  -11.003 1.403   1.00 10.00 ? 31 VAL A H    1 
ATOM 474  H HA   . VAL A 1 31 ? 1.595   -10.493 1.179   1.00 10.00 ? 31 VAL A HA   1 
ATOM 475  H HB   . VAL A 1 31 ? -0.077  -8.691  0.789   1.00 10.00 ? 31 VAL A HB   1 
ATOM 476  H HG11 . VAL A 1 31 ? -1.786  -9.369  2.438   1.00 10.00 ? 31 VAL A HG11 1 
ATOM 477  H HG12 . VAL A 1 31 ? -0.678  -8.951  3.766   1.00 10.00 ? 31 VAL A HG12 1 
ATOM 478  H HG13 . VAL A 1 31 ? -1.257  -7.704  2.645   1.00 10.00 ? 31 VAL A HG13 1 
ATOM 479  H HG21 . VAL A 1 31 ? 1.593   -8.249  3.257   1.00 10.00 ? 31 VAL A HG21 1 
ATOM 480  H HG22 . VAL A 1 31 ? 2.222   -8.260  1.586   1.00 10.00 ? 31 VAL A HG22 1 
ATOM 481  H HG23 . VAL A 1 31 ? 1.049   -7.022  2.094   1.00 10.00 ? 31 VAL A HG23 1 
ATOM 482  N N    . THR A 1 32 ? 2.134   -10.806 3.700   1.00 10.00 ? 32 THR A N    1 
ATOM 483  C CA   . THR A 1 32 ? 2.545   -11.241 5.025   1.00 10.00 ? 32 THR A CA   1 
ATOM 484  C C    . THR A 1 32 ? 2.623   -10.018 5.932   1.00 10.00 ? 32 THR A C    1 
ATOM 485  O O    . THR A 1 32 ? 1.957   -9.987  6.964   1.00 10.00 ? 32 THR A O    1 
ATOM 486  C CB   . THR A 1 32 ? 3.879   -11.996 4.935   1.00 10.00 ? 32 THR A CB   1 
ATOM 487  O OG1  . THR A 1 32 ? 3.796   -12.968 3.911   1.00 10.00 ? 32 THR A OG1  1 
ATOM 488  C CG2  . THR A 1 32 ? 4.218   -12.695 6.254   1.00 10.00 ? 32 THR A CG2  1 
ATOM 489  H H    . THR A 1 32 ? 2.781   -10.211 3.200   1.00 10.00 ? 32 THR A H    1 
ATOM 490  H HA   . THR A 1 32 ? 1.801   -11.922 5.443   1.00 10.00 ? 32 THR A HA   1 
ATOM 491  H HB   . THR A 1 32 ? 4.685   -11.302 4.689   1.00 10.00 ? 32 THR A HB   1 
ATOM 492  H HG1  . THR A 1 32 ? 2.943   -13.407 3.974   1.00 10.00 ? 32 THR A HG1  1 
ATOM 493  H HG21 . THR A 1 32 ? 3.431   -13.402 6.520   1.00 10.00 ? 32 THR A HG21 1 
ATOM 494  H HG22 . THR A 1 32 ? 5.160   -13.236 6.144   1.00 10.00 ? 32 THR A HG22 1 
ATOM 495  H HG23 . THR A 1 32 ? 4.327   -11.961 7.053   1.00 10.00 ? 32 THR A HG23 1 
ATOM 496  N N    . GLU A 1 33 ? 3.399   -9.004  5.528   1.00 10.00 ? 33 GLU A N    1 
ATOM 497  C CA   . GLU A 1 33 ? 3.415   -7.720  6.231   1.00 10.00 ? 33 GLU A CA   1 
ATOM 498  C C    . GLU A 1 33 ? 3.194   -6.560  5.265   1.00 10.00 ? 33 GLU A C    1 
ATOM 499  O O    . GLU A 1 33 ? 3.381   -6.696  4.061   1.00 10.00 ? 33 GLU A O    1 
ATOM 500  C CB   . GLU A 1 33 ? 4.718   -7.533  7.015   1.00 10.00 ? 33 GLU A CB   1 
ATOM 501  C CG   . GLU A 1 33 ? 4.891   -8.599  8.100   1.00 10.00 ? 33 GLU A CG   1 
ATOM 502  C CD   . GLU A 1 33 ? 5.960   -8.176  9.098   1.00 10.00 ? 33 GLU A CD   1 
ATOM 503  O OE1  . GLU A 1 33 ? 7.082   -7.884  8.627   1.00 10.00 ? 33 GLU A OE1  1 
ATOM 504  O OE2  . GLU A 1 33 ? 5.629   -8.118  10.300  1.00 10.00 ? 33 GLU A OE2  1 
ATOM 505  H H    . GLU A 1 33 ? 3.890   -9.089  4.628   1.00 10.00 ? 33 GLU A H    1 
ATOM 506  H HA   . GLU A 1 33 ? 2.592   -7.672  6.946   1.00 10.00 ? 33 GLU A HA   1 
ATOM 507  H HB2  . GLU A 1 33 ? 5.584   -7.560  6.353   1.00 10.00 ? 33 GLU A HB2  1 
ATOM 508  H HB3  . GLU A 1 33 ? 4.697   -6.559  7.505   1.00 10.00 ? 33 GLU A HB3  1 
ATOM 509  H HG2  . GLU A 1 33 ? 3.949   -8.736  8.630   1.00 10.00 ? 33 GLU A HG2  1 
ATOM 510  H HG3  . GLU A 1 33 ? 5.185   -9.547  7.652   1.00 10.00 ? 33 GLU A HG3  1 
ATOM 511  N N    . ALA A 1 34 ? 2.813   -5.394  5.784   1.00 10.00 ? 34 ALA A N    1 
ATOM 512  C CA   . ALA A 1 34 ? 2.714   -4.177  4.997   1.00 10.00 ? 34 ALA A CA   1 
ATOM 513  C C    . ALA A 1 34 ? 2.889   -2.998  5.944   1.00 10.00 ? 34 ALA A C    1 
ATOM 514  O O    . ALA A 1 34 ? 2.442   -3.075  7.090   1.00 10.00 ? 34 ALA A O    1 
ATOM 515  C CB   . ALA A 1 34 ? 1.371   -4.115  4.270   1.00 10.00 ? 34 ALA A CB   1 
ATOM 516  H H    . ALA A 1 34 ? 2.682   -5.296  6.784   1.00 10.00 ? 34 ALA A H    1 
ATOM 517  H HA   . ALA A 1 34 ? 3.529   -4.174  4.274   1.00 10.00 ? 34 ALA A HA   1 
ATOM 518  H HB1  . ALA A 1 34 ? 0.555   -4.150  4.990   1.00 10.00 ? 34 ALA A HB1  1 
ATOM 519  H HB2  . ALA A 1 34 ? 1.308   -3.192  3.700   1.00 10.00 ? 34 ALA A HB2  1 
ATOM 520  H HB3  . ALA A 1 34 ? 1.296   -4.961  3.593   1.00 10.00 ? 34 ALA A HB3  1 
ATOM 521  N N    . ILE A 1 35 ? 3.565   -1.939  5.485   1.00 10.00 ? 35 ILE A N    1 
ATOM 522  C CA   . ILE A 1 35 ? 3.872   -0.773  6.310   1.00 10.00 ? 35 ILE A CA   1 
ATOM 523  C C    . ILE A 1 35 ? 3.528   0.470   5.491   1.00 10.00 ? 35 ILE A C    1 
ATOM 524  O O    . ILE A 1 35 ? 4.232   0.793   4.532   1.00 10.00 ? 35 ILE A O    1 
ATOM 525  C CB   . ILE A 1 35 ? 5.343   -0.803  6.781   1.00 10.00 ? 35 ILE A CB   1 
ATOM 526  C CG1  . ILE A 1 35 ? 5.658   -2.112  7.538   1.00 10.00 ? 35 ILE A CG1  1 
ATOM 527  C CG2  . ILE A 1 35 ? 5.624   0.409   7.684   1.00 10.00 ? 35 ILE A CG2  1 
ATOM 528  C CD1  . ILE A 1 35 ? 7.132   -2.253  7.923   1.00 10.00 ? 35 ILE A CD1  1 
ATOM 529  H H    . ILE A 1 35 ? 3.856   -1.943  4.502   1.00 10.00 ? 35 ILE A H    1 
ATOM 530  H HA   . ILE A 1 35 ? 3.247   -0.773  7.205   1.00 10.00 ? 35 ILE A HA   1 
ATOM 531  H HB   . ILE A 1 35 ? 5.999   -0.740  5.916   1.00 10.00 ? 35 ILE A HB   1 
ATOM 532  H HG12 . ILE A 1 35 ? 5.044   -2.174  8.437   1.00 10.00 ? 35 ILE A HG12 1 
ATOM 533  H HG13 . ILE A 1 35 ? 5.431   -2.968  6.904   1.00 10.00 ? 35 ILE A HG13 1 
ATOM 534  H HG21 . ILE A 1 35 ? 5.045   0.334   8.603   1.00 10.00 ? 35 ILE A HG21 1 
ATOM 535  H HG22 . ILE A 1 35 ? 6.684   0.462   7.930   1.00 10.00 ? 35 ILE A HG22 1 
ATOM 536  H HG23 . ILE A 1 35 ? 5.359   1.336   7.176   1.00 10.00 ? 35 ILE A HG23 1 
ATOM 537  H HD11 . ILE A 1 35 ? 7.760   -2.139  7.038   1.00 10.00 ? 35 ILE A HD11 1 
ATOM 538  H HD12 . ILE A 1 35 ? 7.416   -1.514  8.671   1.00 10.00 ? 35 ILE A HD12 1 
ATOM 539  H HD13 . ILE A 1 35 ? 7.294   -3.245  8.344   1.00 10.00 ? 35 ILE A HD13 1 
ATOM 540  N N    . VAL A 1 36 ? 2.425   1.138   5.840   1.00 10.00 ? 36 VAL A N    1 
ATOM 541  C CA   . VAL A 1 36 ? 1.894   2.253   5.070   1.00 10.00 ? 36 VAL A CA   1 
ATOM 542  C C    . VAL A 1 36 ? 2.298   3.577   5.728   1.00 10.00 ? 36 VAL A C    1 
ATOM 543  O O    . VAL A 1 36 ? 1.888   3.887   6.843   1.00 10.00 ? 36 VAL A O    1 
ATOM 544  C CB   . VAL A 1 36 ? 0.382   2.075   4.806   1.00 10.00 ? 36 VAL A CB   1 
ATOM 545  C CG1  . VAL A 1 36 ? 0.039   0.592   4.579   1.00 10.00 ? 36 VAL A CG1  1 
ATOM 546  C CG2  . VAL A 1 36 ? -0.535  2.656   5.888   1.00 10.00 ? 36 VAL A CG2  1 
ATOM 547  H H    . VAL A 1 36 ? 1.886   0.838   6.639   1.00 10.00 ? 36 VAL A H    1 
ATOM 548  H HA   . VAL A 1 36 ? 2.340   2.230   4.080   1.00 10.00 ? 36 VAL A HA   1 
ATOM 549  H HB   . VAL A 1 36 ? 0.151   2.607   3.882   1.00 10.00 ? 36 VAL A HB   1 
ATOM 550  H HG11 . VAL A 1 36 ? -0.973  0.504   4.183   1.00 10.00 ? 36 VAL A HG11 1 
ATOM 551  H HG12 . VAL A 1 36 ? 0.735   0.134   3.881   1.00 10.00 ? 36 VAL A HG12 1 
ATOM 552  H HG13 . VAL A 1 36 ? 0.103   0.032   5.510   1.00 10.00 ? 36 VAL A HG13 1 
ATOM 553  H HG21 . VAL A 1 36 ? -1.565  2.367   5.681   1.00 10.00 ? 36 VAL A HG21 1 
ATOM 554  H HG22 . VAL A 1 36 ? -0.483  3.745   5.877   1.00 10.00 ? 36 VAL A HG22 1 
ATOM 555  H HG23 . VAL A 1 36 ? -0.247  2.289   6.873   1.00 10.00 ? 36 VAL A HG23 1 
ATOM 556  N N    . ASN A 1 37 ? 3.137   4.354   5.043   1.00 10.00 ? 37 ASN A N    1 
ATOM 557  C CA   . ASN A 1 37 ? 3.562   5.684   5.458   1.00 10.00 ? 37 ASN A CA   1 
ATOM 558  C C    . ASN A 1 37 ? 2.749   6.673   4.634   1.00 10.00 ? 37 ASN A C    1 
ATOM 559  O O    . ASN A 1 37 ? 3.252   7.288   3.692   1.00 10.00 ? 37 ASN A O    1 
ATOM 560  C CB   . ASN A 1 37 ? 5.069   5.874   5.237   1.00 10.00 ? 37 ASN A CB   1 
ATOM 561  C CG   . ASN A 1 37 ? 5.911   4.987   6.146   1.00 10.00 ? 37 ASN A CG   1 
ATOM 562  O OD1  . ASN A 1 37 ? 6.480   5.456   7.125   1.00 10.00 ? 37 ASN A OD1  1 
ATOM 563  N ND2  . ASN A 1 37 ? 6.025   3.699   5.829   1.00 10.00 ? 37 ASN A ND2  1 
ATOM 564  H H    . ASN A 1 37 ? 3.391   4.076   4.103   1.00 10.00 ? 37 ASN A H    1 
ATOM 565  H HA   . ASN A 1 37 ? 3.358   5.855   6.516   1.00 10.00 ? 37 ASN A HA   1 
ATOM 566  H HB2  . ASN A 1 37 ? 5.324   5.687   4.196   1.00 10.00 ? 37 ASN A HB2  1 
ATOM 567  H HB3  . ASN A 1 37 ? 5.317   6.912   5.461   1.00 10.00 ? 37 ASN A HB3  1 
ATOM 568  H HD21 . ASN A 1 37 ? 5.523   3.311   5.043   1.00 10.00 ? 37 ASN A HD21 1 
ATOM 569  H HD22 . ASN A 1 37 ? 6.585   3.110   6.426   1.00 10.00 ? 37 ASN A HD22 1 
ATOM 570  N N    . PHE A 1 38 ? 1.465   6.775   4.973   1.00 10.00 ? 38 PHE A N    1 
ATOM 571  C CA   . PHE A 1 38 ? 0.529   7.687   4.334   1.00 10.00 ? 38 PHE A CA   1 
ATOM 572  C C    . PHE A 1 38 ? 0.712   9.094   4.903   1.00 10.00 ? 38 PHE A C    1 
ATOM 573  O O    . PHE A 1 38 ? 1.195   9.257   6.020   1.00 10.00 ? 38 PHE A O    1 
ATOM 574  C CB   . PHE A 1 38 ? -0.903  7.190   4.562   1.00 10.00 ? 38 PHE A CB   1 
ATOM 575  C CG   . PHE A 1 38 ? -1.393  6.078   3.649   1.00 10.00 ? 38 PHE A CG   1 
ATOM 576  C CD1  . PHE A 1 38 ? -0.501  5.291   2.891   1.00 10.00 ? 38 PHE A CD1  1 
ATOM 577  C CD2  . PHE A 1 38 ? -2.779  5.927   3.456   1.00 10.00 ? 38 PHE A CD2  1 
ATOM 578  C CE1  . PHE A 1 38 ? -0.990  4.533   1.813   1.00 10.00 ? 38 PHE A CE1  1 
ATOM 579  C CE2  . PHE A 1 38 ? -3.258  5.104   2.425   1.00 10.00 ? 38 PHE A CE2  1 
ATOM 580  C CZ   . PHE A 1 38 ? -2.354  4.579   1.495   1.00 10.00 ? 38 PHE A CZ   1 
ATOM 581  H H    . PHE A 1 38 ? 1.146   6.238   5.768   1.00 10.00 ? 38 PHE A H    1 
ATOM 582  H HA   . PHE A 1 38 ? 0.725   7.734   3.260   1.00 10.00 ? 38 PHE A HA   1 
ATOM 583  H HB2  . PHE A 1 38 ? -0.997  6.867   5.595   1.00 10.00 ? 38 PHE A HB2  1 
ATOM 584  H HB3  . PHE A 1 38 ? -1.578  8.036   4.419   1.00 10.00 ? 38 PHE A HB3  1 
ATOM 585  H HD1  . PHE A 1 38 ? 0.564   5.328   3.051   1.00 10.00 ? 38 PHE A HD1  1 
ATOM 586  H HD2  . PHE A 1 38 ? -3.482  6.498   4.044   1.00 10.00 ? 38 PHE A HD2  1 
ATOM 587  H HE1  . PHE A 1 38 ? -0.312  4.009   1.162   1.00 10.00 ? 38 PHE A HE1  1 
ATOM 588  H HE2  . PHE A 1 38 ? -4.319  4.998   2.255   1.00 10.00 ? 38 PHE A HE2  1 
ATOM 589  H HZ   . PHE A 1 38 ? -2.721  4.151   0.575   1.00 10.00 ? 38 PHE A HZ   1 
ATOM 590  N N    . GLY A 1 39 ? 0.321   10.103  4.123   1.00 10.00 ? 39 GLY A N    1 
ATOM 591  C CA   . GLY A 1 39 ? 0.477   11.510  4.459   1.00 10.00 ? 39 GLY A CA   1 
ATOM 592  C C    . GLY A 1 39 ? 1.106   12.223  3.272   1.00 10.00 ? 39 GLY A C    1 
ATOM 593  O O    . GLY A 1 39 ? 0.491   13.096  2.669   1.00 10.00 ? 39 GLY A O    1 
ATOM 594  H H    . GLY A 1 39 ? -0.067  9.893   3.214   1.00 10.00 ? 39 GLY A H    1 
ATOM 595  H HA2  . GLY A 1 39 ? -0.501  11.941  4.670   1.00 10.00 ? 39 GLY A HA2  1 
ATOM 596  H HA3  . GLY A 1 39 ? 1.116   11.652  5.333   1.00 10.00 ? 39 GLY A HA3  1 
ATOM 597  N N    . ALA A 1 40 ? 2.328   11.814  2.918   1.00 10.00 ? 40 ALA A N    1 
ATOM 598  C CA   . ALA A 1 40 ? 3.065   12.336  1.774   1.00 10.00 ? 40 ALA A CA   1 
ATOM 599  C C    . ALA A 1 40 ? 4.271   11.435  1.523   1.00 10.00 ? 40 ALA A C    1 
ATOM 600  O O    . ALA A 1 40 ? 5.412   11.894  1.555   1.00 10.00 ? 40 ALA A O    1 
ATOM 601  C CB   . ALA A 1 40 ? 3.501   13.785  2.042   1.00 10.00 ? 40 ALA A CB   1 
ATOM 602  H H    . ALA A 1 40 ? 2.765   11.086  3.469   1.00 10.00 ? 40 ALA A H    1 
ATOM 603  H HA   . ALA A 1 40 ? 2.428   12.319  0.888   1.00 10.00 ? 40 ALA A HA   1 
ATOM 604  H HB1  . ALA A 1 40 ? 4.112   13.832  2.944   1.00 10.00 ? 40 ALA A HB1  1 
ATOM 605  H HB2  . ALA A 1 40 ? 4.084   14.155  1.198   1.00 10.00 ? 40 ALA A HB2  1 
ATOM 606  H HB3  . ALA A 1 40 ? 2.632   14.432  2.169   1.00 10.00 ? 40 ALA A HB3  1 
ATOM 607  N N    . SER A 1 41 ? 4.037   10.131  1.347   1.00 10.00 ? 41 SER A N    1 
ATOM 608  C CA   . SER A 1 41 ? 5.111   9.157   1.195   1.00 10.00 ? 41 SER A CA   1 
ATOM 609  C C    . SER A 1 41 ? 4.662   7.897   0.444   1.00 10.00 ? 41 SER A C    1 
ATOM 610  O O    . SER A 1 41 ? 4.494   7.926   -0.776  1.00 10.00 ? 41 SER A O    1 
ATOM 611  C CB   . SER A 1 41 ? 5.788   8.893   2.554   1.00 10.00 ? 41 SER A CB   1 
ATOM 612  O OG   . SER A 1 41 ? 6.740   9.895   2.850   1.00 10.00 ? 41 SER A OG   1 
ATOM 613  H H    . SER A 1 41 ? 3.083   9.806   1.285   1.00 10.00 ? 41 SER A H    1 
ATOM 614  H HA   . SER A 1 41 ? 5.877   9.569   0.547   1.00 10.00 ? 41 SER A HA   1 
ATOM 615  H HB2  . SER A 1 41 ? 5.050   8.860   3.354   1.00 10.00 ? 41 SER A HB2  1 
ATOM 616  H HB3  . SER A 1 41 ? 6.333   7.953   2.535   1.00 10.00 ? 41 SER A HB3  1 
ATOM 617  H HG   . SER A 1 41 ? 6.402   10.751  2.552   1.00 10.00 ? 41 SER A HG   1 
ATOM 618  N N    . LYS A 1 42 ? 4.605   6.760   1.135   1.00 10.00 ? 42 LYS A N    1 
ATOM 619  C CA   . LYS A 1 42 ? 4.807   5.473   0.481   1.00 10.00 ? 42 LYS A CA   1 
ATOM 620  C C    . LYS A 1 42 ? 4.189   4.316   1.248   1.00 10.00 ? 42 LYS A C    1 
ATOM 621  O O    . LYS A 1 42 ? 3.819   4.456   2.408   1.00 10.00 ? 42 LYS A O    1 
ATOM 622  C CB   . LYS A 1 42 ? 6.306   5.272   0.188   1.00 10.00 ? 42 LYS A CB   1 
ATOM 623  C CG   . LYS A 1 42 ? 7.210   5.174   1.427   1.00 10.00 ? 42 LYS A CG   1 
ATOM 624  C CD   . LYS A 1 42 ? 8.613   5.734   1.130   1.00 10.00 ? 42 LYS A CD   1 
ATOM 625  C CE   . LYS A 1 42 ? 9.314   4.966   -0.005  1.00 10.00 ? 42 LYS A CE   1 
ATOM 626  N NZ   . LYS A 1 42 ? 10.488  5.672   -0.556  1.00 10.00 ? 42 LYS A NZ   1 
ATOM 627  H H    . LYS A 1 42 ? 4.518   6.796   2.144   1.00 10.00 ? 42 LYS A H    1 
ATOM 628  H HA   . LYS A 1 42 ? 4.281   5.497   -0.473  1.00 10.00 ? 42 LYS A HA   1 
ATOM 629  H HB2  . LYS A 1 42 ? 6.436   4.364   -0.397  1.00 10.00 ? 42 LYS A HB2  1 
ATOM 630  H HB3  . LYS A 1 42 ? 6.630   6.112   -0.429  1.00 10.00 ? 42 LYS A HB3  1 
ATOM 631  H HG2  . LYS A 1 42 ? 6.785   5.745   2.249   1.00 10.00 ? 42 LYS A HG2  1 
ATOM 632  H HG3  . LYS A 1 42 ? 7.275   4.134   1.751   1.00 10.00 ? 42 LYS A HG3  1 
ATOM 633  H HD2  . LYS A 1 42 ? 8.508   6.788   0.865   1.00 10.00 ? 42 LYS A HD2  1 
ATOM 634  H HD3  . LYS A 1 42 ? 9.215   5.669   2.041   1.00 10.00 ? 42 LYS A HD3  1 
ATOM 635  H HE2  . LYS A 1 42 ? 9.629   3.987   0.357   1.00 10.00 ? 42 LYS A HE2  1 
ATOM 636  H HE3  . LYS A 1 42 ? 8.633   4.818   -0.844  1.00 10.00 ? 42 LYS A HE3  1 
ATOM 637  H HZ1  . LYS A 1 42 ? 11.239  5.775   0.110   1.00 10.00 ? 42 LYS A HZ1  1 
ATOM 638  H HZ2  . LYS A 1 42 ? 10.810  5.118   -1.354  1.00 10.00 ? 42 LYS A HZ2  1 
ATOM 639  H HZ3  . LYS A 1 42 ? 10.238  6.559   -0.973  1.00 10.00 ? 42 LYS A HZ3  1 
ATOM 640  N N    . ILE A 1 43 ? 4.076   3.173   0.577   1.00 10.00 ? 43 ILE A N    1 
ATOM 641  C CA   . ILE A 1 43 ? 3.390   1.982   1.046   1.00 10.00 ? 43 ILE A CA   1 
ATOM 642  C C    . ILE A 1 43 ? 4.296   0.785   0.764   1.00 10.00 ? 43 ILE A C    1 
ATOM 643  O O    . ILE A 1 43 ? 4.566   0.476   -0.398  1.00 10.00 ? 43 ILE A O    1 
ATOM 644  C CB   . ILE A 1 43 ? 1.995   1.939   0.388   1.00 10.00 ? 43 ILE A CB   1 
ATOM 645  C CG1  . ILE A 1 43 ? 1.041   0.828   0.858   1.00 10.00 ? 43 ILE A CG1  1 
ATOM 646  C CG2  . ILE A 1 43 ? 2.019   2.002   -1.141  1.00 10.00 ? 43 ILE A CG2  1 
ATOM 647  C CD1  . ILE A 1 43 ? 1.491   -0.603  0.589   1.00 10.00 ? 43 ILE A CD1  1 
ATOM 648  H H    . ILE A 1 43 ? 4.411   3.161   -0.383  1.00 10.00 ? 43 ILE A H    1 
ATOM 649  H HA   . ILE A 1 43 ? 3.246   2.044   2.122   1.00 10.00 ? 43 ILE A HA   1 
ATOM 650  H HB   . ILE A 1 43 ? 1.517   2.866   0.698   1.00 10.00 ? 43 ILE A HB   1 
ATOM 651  H HG12 . ILE A 1 43 ? 0.847   0.955   1.917   1.00 10.00 ? 43 ILE A HG12 1 
ATOM 652  H HG13 . ILE A 1 43 ? 0.100   0.934   0.328   1.00 10.00 ? 43 ILE A HG13 1 
ATOM 653  H HG21 . ILE A 1 43 ? 2.496   2.916   -1.485  1.00 10.00 ? 43 ILE A HG21 1 
ATOM 654  H HG22 . ILE A 1 43 ? 2.525   1.140   -1.565  1.00 10.00 ? 43 ILE A HG22 1 
ATOM 655  H HG23 . ILE A 1 43 ? 0.994   2.012   -1.494  1.00 10.00 ? 43 ILE A HG23 1 
ATOM 656  H HD11 . ILE A 1 43 ? 2.342   -0.853  1.211   1.00 10.00 ? 43 ILE A HD11 1 
ATOM 657  H HD12 . ILE A 1 43 ? 0.681   -1.286  0.842   1.00 10.00 ? 43 ILE A HD12 1 
ATOM 658  H HD13 . ILE A 1 43 ? 1.743   -0.721  -0.462  1.00 10.00 ? 43 ILE A HD13 1 
ATOM 659  N N    . THR A 1 44 ? 4.820   0.149   1.820   1.00 10.00 ? 44 THR A N    1 
ATOM 660  C CA   . THR A 1 44 ? 5.572   -1.094  1.711   1.00 10.00 ? 44 THR A CA   1 
ATOM 661  C C    . THR A 1 44 ? 4.609   -2.263  1.844   1.00 10.00 ? 44 THR A C    1 
ATOM 662  O O    . THR A 1 44 ? 3.763   -2.272  2.734   1.00 10.00 ? 44 THR A O    1 
ATOM 663  C CB   . THR A 1 44 ? 6.686   -1.168  2.764   1.00 10.00 ? 44 THR A CB   1 
ATOM 664  O OG1  . THR A 1 44 ? 7.486   -0.022  2.638   1.00 10.00 ? 44 THR A OG1  1 
ATOM 665  C CG2  . THR A 1 44 ? 7.570   -2.411  2.621   1.00 10.00 ? 44 THR A CG2  1 
ATOM 666  H H    . THR A 1 44 ? 4.561   0.448   2.757   1.00 10.00 ? 44 THR A H    1 
ATOM 667  H HA   . THR A 1 44 ? 6.050   -1.133  0.740   1.00 10.00 ? 44 THR A HA   1 
ATOM 668  H HB   . THR A 1 44 ? 6.251   -1.157  3.754   1.00 10.00 ? 44 THR A HB   1 
ATOM 669  H HG1  . THR A 1 44 ? 6.963   0.603   2.136   1.00 10.00 ? 44 THR A HG1  1 
ATOM 670  H HG21 . THR A 1 44 ? 8.000   -2.457  1.620   1.00 10.00 ? 44 THR A HG21 1 
ATOM 671  H HG22 . THR A 1 44 ? 8.379   -2.364  3.352   1.00 10.00 ? 44 THR A HG22 1 
ATOM 672  H HG23 . THR A 1 44 ? 6.993   -3.318  2.804   1.00 10.00 ? 44 THR A HG23 1 
ATOM 673  N N    . VAL A 1 45 ? 4.760   -3.240  0.962   1.00 10.00 ? 45 VAL A N    1 
ATOM 674  C CA   . VAL A 1 45 ? 4.108   -4.534  0.983   1.00 10.00 ? 45 VAL A CA   1 
ATOM 675  C C    . VAL A 1 45 ? 5.233   -5.542  1.171   1.00 10.00 ? 45 VAL A C    1 
ATOM 676  O O    . VAL A 1 45 ? 6.343   -5.340  0.673   1.00 10.00 ? 45 VAL A O    1 
ATOM 677  C CB   . VAL A 1 45 ? 3.403   -4.729  -0.369  1.00 10.00 ? 45 VAL A CB   1 
ATOM 678  C CG1  . VAL A 1 45 ? 3.085   -6.187  -0.724  1.00 10.00 ? 45 VAL A CG1  1 
ATOM 679  C CG2  . VAL A 1 45 ? 2.107   -3.920  -0.428  1.00 10.00 ? 45 VAL A CG2  1 
ATOM 680  H H    . VAL A 1 45 ? 5.529   -3.156  0.305   1.00 10.00 ? 45 VAL A H    1 
ATOM 681  H HA   . VAL A 1 45 ? 3.396   -4.609  1.806   1.00 10.00 ? 45 VAL A HA   1 
ATOM 682  H HB   . VAL A 1 45 ? 4.080   -4.327  -1.117  1.00 10.00 ? 45 VAL A HB   1 
ATOM 683  H HG11 . VAL A 1 45 ? 2.573   -6.224  -1.687  1.00 10.00 ? 45 VAL A HG11 1 
ATOM 684  H HG12 . VAL A 1 45 ? 3.996   -6.781  -0.807  1.00 10.00 ? 45 VAL A HG12 1 
ATOM 685  H HG13 . VAL A 1 45 ? 2.434   -6.617  0.032   1.00 10.00 ? 45 VAL A HG13 1 
ATOM 686  H HG21 . VAL A 1 45 ? 2.346   -2.874  -0.273  1.00 10.00 ? 45 VAL A HG21 1 
ATOM 687  H HG22 . VAL A 1 45 ? 1.642   -4.031  -1.407  1.00 10.00 ? 45 VAL A HG22 1 
ATOM 688  H HG23 . VAL A 1 45 ? 1.415   -4.256  0.344   1.00 10.00 ? 45 VAL A HG23 1 
ATOM 689  N N    . THR A 1 46 ? 4.977   -6.626  1.895   1.00 10.00 ? 46 THR A N    1 
ATOM 690  C CA   . THR A 1 46 ? 5.896   -7.730  2.034   1.00 10.00 ? 46 THR A CA   1 
ATOM 691  C C    . THR A 1 46 ? 5.087   -8.987  2.103   1.00 10.00 ? 46 THR A C    1 
ATOM 692  O O    . THR A 1 46 ? 4.195   -9.114  2.924   1.00 10.00 ? 46 THR A O    1 
ATOM 693  C CB   . THR A 1 46 ? 6.776   -7.544  3.272   1.00 10.00 ? 46 THR A CB   1 
ATOM 694  O OG1  . THR A 1 46 ? 7.565   -6.429  2.971   1.00 10.00 ? 46 THR A OG1  1 
ATOM 695  C CG2  . THR A 1 46 ? 7.696   -8.736  3.546   1.00 10.00 ? 46 THR A CG2  1 
ATOM 696  H H    . THR A 1 46 ? 4.099   -6.729  2.401   1.00 10.00 ? 46 THR A H    1 
ATOM 697  H HA   . THR A 1 46 ? 6.516   -7.805  1.147   1.00 10.00 ? 46 THR A HA   1 
ATOM 698  H HB   . THR A 1 46 ? 6.159   -7.341  4.148   1.00 10.00 ? 46 THR A HB   1 
ATOM 699  H HG1  . THR A 1 46 ? 7.290   -6.200  2.078   1.00 10.00 ? 46 THR A HG1  1 
ATOM 700  H HG21 . THR A 1 46 ? 8.272   -8.982  2.654   1.00 10.00 ? 46 THR A HG21 1 
ATOM 701  H HG22 . THR A 1 46 ? 8.383   -8.479  4.355   1.00 10.00 ? 46 THR A HG22 1 
ATOM 702  H HG23 . THR A 1 46 ? 7.113   -9.605  3.851   1.00 10.00 ? 46 THR A HG23 1 
ATOM 703  N N    . GLY A 1 47 ? 5.392   -9.935  1.246   1.00 10.00 ? 47 GLY A N    1 
ATOM 704  C CA   . GLY A 1 47 ? 4.849   -11.253 1.438   1.00 10.00 ? 47 GLY A CA   1 
ATOM 705  C C    . GLY A 1 47 ? 4.993   -11.982 0.114   1.00 10.00 ? 47 GLY A C    1 
ATOM 706  O O    . GLY A 1 47 ? 6.095   -12.389 -0.256  1.00 10.00 ? 47 GLY A O    1 
ATOM 707  H H    . GLY A 1 47 ? 6.069   -9.741  0.512   1.00 10.00 ? 47 GLY A H    1 
ATOM 708  H HA2  . GLY A 1 47 ? 5.377   -11.689 2.287   1.00 10.00 ? 47 GLY A HA2  1 
ATOM 709  H HA3  . GLY A 1 47 ? 3.802   -11.176 1.736   1.00 10.00 ? 47 GLY A HA3  1 
ATOM 710  N N    . GLU A 1 48 ? 3.888   -12.034 -0.632  1.00 10.00 ? 48 GLU A N    1 
ATOM 711  C CA   . GLU A 1 48 ? 3.833   -12.463 -2.022  1.00 10.00 ? 48 GLU A CA   1 
ATOM 712  C C    . GLU A 1 48 ? 2.594   -11.826 -2.677  1.00 10.00 ? 48 GLU A C    1 
ATOM 713  O O    . GLU A 1 48 ? 1.737   -12.507 -3.234  1.00 10.00 ? 48 GLU A O    1 
ATOM 714  C CB   . GLU A 1 48 ? 3.859   -14.000 -2.092  1.00 10.00 ? 48 GLU A CB   1 
ATOM 715  C CG   . GLU A 1 48 ? 4.280   -14.513 -3.475  1.00 10.00 ? 48 GLU A CG   1 
ATOM 716  C CD   . GLU A 1 48 ? 4.494   -16.022 -3.464  1.00 10.00 ? 48 GLU A CD   1 
ATOM 717  O OE1  . GLU A 1 48 ? 3.504   -16.733 -3.183  1.00 10.00 ? 48 GLU A OE1  1 
ATOM 718  O OE2  . GLU A 1 48 ? 5.643   -16.437 -3.727  1.00 10.00 ? 48 GLU A OE2  1 
ATOM 719  H H    . GLU A 1 48 ? 3.027   -11.703 -0.223  1.00 10.00 ? 48 GLU A H    1 
ATOM 720  H HA   . GLU A 1 48 ? 4.717   -12.078 -2.533  1.00 10.00 ? 48 GLU A HA   1 
ATOM 721  H HB2  . GLU A 1 48 ? 4.591   -14.381 -1.379  1.00 10.00 ? 48 GLU A HB2  1 
ATOM 722  H HB3  . GLU A 1 48 ? 2.881   -14.411 -1.829  1.00 10.00 ? 48 GLU A HB3  1 
ATOM 723  H HG2  . GLU A 1 48 ? 3.513   -14.277 -4.210  1.00 10.00 ? 48 GLU A HG2  1 
ATOM 724  H HG3  . GLU A 1 48 ? 5.216   -14.038 -3.773  1.00 10.00 ? 48 GLU A HG3  1 
ATOM 725  N N    . ALA A 1 49 ? 2.491   -10.491 -2.592  1.00 10.00 ? 49 ALA A N    1 
ATOM 726  C CA   . ALA A 1 49 ? 1.438   -9.711  -3.233  1.00 10.00 ? 49 ALA A CA   1 
ATOM 727  C C    . ALA A 1 49 ? 2.035   -8.466  -3.893  1.00 10.00 ? 49 ALA A C    1 
ATOM 728  O O    . ALA A 1 49 ? 3.200   -8.137  -3.673  1.00 10.00 ? 49 ALA A O    1 
ATOM 729  C CB   . ALA A 1 49 ? 0.377   -9.331  -2.198  1.00 10.00 ? 49 ALA A CB   1 
ATOM 730  H H    . ALA A 1 49 ? 3.220   -9.971  -2.128  1.00 10.00 ? 49 ALA A H    1 
ATOM 731  H HA   . ALA A 1 49 ? 0.963   -10.301 -4.020  1.00 10.00 ? 49 ALA A HA   1 
ATOM 732  H HB1  . ALA A 1 49 ? 0.829   -8.721  -1.418  1.00 10.00 ? 49 ALA A HB1  1 
ATOM 733  H HB2  . ALA A 1 49 ? -0.429  -8.771  -2.671  1.00 10.00 ? 49 ALA A HB2  1 
ATOM 734  H HB3  . ALA A 1 49 ? -0.039  -10.236 -1.756  1.00 10.00 ? 49 ALA A HB3  1 
ATOM 735  N N    . SER A 1 50 ? 1.220   -7.771  -4.693  1.00 10.00 ? 50 SER A N    1 
ATOM 736  C CA   . SER A 1 50 ? 1.585   -6.582  -5.450  1.00 10.00 ? 50 SER A CA   1 
ATOM 737  C C    . SER A 1 50 ? 0.588   -5.469  -5.150  1.00 10.00 ? 50 SER A C    1 
ATOM 738  O O    . SER A 1 50 ? -0.528  -5.763  -4.714  1.00 10.00 ? 50 SER A O    1 
ATOM 739  C CB   . SER A 1 50 ? 1.538   -6.912  -6.941  1.00 10.00 ? 50 SER A CB   1 
ATOM 740  O OG   . SER A 1 50 ? 2.478   -7.923  -7.244  1.00 10.00 ? 50 SER A OG   1 
ATOM 741  H H    . SER A 1 50 ? 0.256   -8.057  -4.761  1.00 10.00 ? 50 SER A H    1 
ATOM 742  H HA   . SER A 1 50 ? 2.584   -6.252  -5.173  1.00 10.00 ? 50 SER A HA   1 
ATOM 743  H HB2  . SER A 1 50 ? 0.543   -7.270  -7.211  1.00 10.00 ? 50 SER A HB2  1 
ATOM 744  H HB3  . SER A 1 50 ? 1.734   -6.007  -7.514  1.00 10.00 ? 50 SER A HB3  1 
ATOM 745  H HG   . SER A 1 50 ? 3.307   -7.738  -6.792  1.00 10.00 ? 50 SER A HG   1 
ATOM 746  N N    . ILE A 1 51 ? 0.955   -4.204  -5.416  1.00 10.00 ? 51 ILE A N    1 
ATOM 747  C CA   . ILE A 1 51 ? 0.095   -3.089  -5.082  1.00 10.00 ? 51 ILE A CA   1 
ATOM 748  C C    . ILE A 1 51 ? -1.301  -3.252  -5.659  1.00 10.00 ? 51 ILE A C    1 
ATOM 749  O O    . ILE A 1 51 ? -2.238  -2.882  -4.983  1.00 10.00 ? 51 ILE A O    1 
ATOM 750  C CB   . ILE A 1 51 ? 0.704   -1.726  -5.456  1.00 10.00 ? 51 ILE A CB   1 
ATOM 751  C CG1  . ILE A 1 51 ? 0.075   -0.618  -4.620  1.00 10.00 ? 51 ILE A CG1  1 
ATOM 752  C CG2  . ILE A 1 51 ? 0.601   -1.408  -6.954  1.00 10.00 ? 51 ILE A CG2  1 
ATOM 753  C CD1  . ILE A 1 51 ? 0.595   -0.605  -3.174  1.00 10.00 ? 51 ILE A CD1  1 
ATOM 754  H H    . ILE A 1 51 ? 1.884   -3.971  -5.739  1.00 10.00 ? 51 ILE A H    1 
ATOM 755  H HA   . ILE A 1 51 ? -0.008  -3.140  -4.001  1.00 10.00 ? 51 ILE A HA   1 
ATOM 756  H HB   . ILE A 1 51 ? 1.742   -1.666  -5.179  1.00 10.00 ? 51 ILE A HB   1 
ATOM 757  H HG12 . ILE A 1 51 ? 0.366   0.312   -5.091  1.00 10.00 ? 51 ILE A HG12 1 
ATOM 758  H HG13 . ILE A 1 51 ? -1.004  -0.714  -4.642  1.00 10.00 ? 51 ILE A HG13 1 
ATOM 759  H HG21 . ILE A 1 51 ? -0.436  -1.231  -7.241  1.00 10.00 ? 51 ILE A HG21 1 
ATOM 760  H HG22 . ILE A 1 51 ? 1.175   -0.507  -7.176  1.00 10.00 ? 51 ILE A HG22 1 
ATOM 761  H HG23 . ILE A 1 51 ? 1.006   -2.231  -7.542  1.00 10.00 ? 51 ILE A HG23 1 
ATOM 762  H HD11 . ILE A 1 51 ? 0.434   -1.552  -2.664  1.00 10.00 ? 51 ILE A HD11 1 
ATOM 763  H HD12 . ILE A 1 51 ? 1.661   -0.390  -3.174  1.00 10.00 ? 51 ILE A HD12 1 
ATOM 764  H HD13 . ILE A 1 51 ? 0.080   0.168   -2.609  1.00 10.00 ? 51 ILE A HD13 1 
ATOM 765  N N    . GLN A 1 52 ? -1.461  -3.823  -6.853  1.00 10.00 ? 52 GLN A N    1 
ATOM 766  C CA   . GLN A 1 52 ? -2.746  -4.031  -7.523  1.00 10.00 ? 52 GLN A CA   1 
ATOM 767  C C    . GLN A 1 52 ? -3.914  -4.289  -6.557  1.00 10.00 ? 52 GLN A C    1 
ATOM 768  O O    . GLN A 1 52 ? -4.961  -3.647  -6.638  1.00 10.00 ? 52 GLN A O    1 
ATOM 769  C CB   . GLN A 1 52 ? -2.594  -5.194  -8.508  1.00 10.00 ? 52 GLN A CB   1 
ATOM 770  C CG   . GLN A 1 52 ? -1.636  -4.870  -9.665  1.00 10.00 ? 52 GLN A CG   1 
ATOM 771  C CD   . GLN A 1 52 ? -2.295  -4.072  -10.791 1.00 10.00 ? 52 GLN A CD   1 
ATOM 772  O OE1  . GLN A 1 52 ? -2.587  -4.643  -11.836 1.00 10.00 ? 52 GLN A OE1  1 
ATOM 773  N NE2  . GLN A 1 52 ? -2.530  -2.770  -10.642 1.00 10.00 ? 52 GLN A NE2  1 
ATOM 774  H H    . GLN A 1 52 ? -0.624  -4.104  -7.333  1.00 10.00 ? 52 GLN A H    1 
ATOM 775  H HA   . GLN A 1 52 ? -2.996  -3.129  -8.074  1.00 10.00 ? 52 GLN A HA   1 
ATOM 776  H HB2  . GLN A 1 52 ? -2.211  -6.059  -7.964  1.00 10.00 ? 52 GLN A HB2  1 
ATOM 777  H HB3  . GLN A 1 52 ? -3.569  -5.459  -8.920  1.00 10.00 ? 52 GLN A HB3  1 
ATOM 778  H HG2  . GLN A 1 52 ? -0.739  -4.354  -9.325  1.00 10.00 ? 52 GLN A HG2  1 
ATOM 779  H HG3  . GLN A 1 52 ? -1.322  -5.823  -10.093 1.00 10.00 ? 52 GLN A HG3  1 
ATOM 780  H HE21 . GLN A 1 52 ? -2.386  -2.207  -9.789  1.00 10.00 ? 52 GLN A HE21 1 
ATOM 781  H HE22 . GLN A 1 52 ? -2.944  -2.286  -11.420 1.00 10.00 ? 52 GLN A HE22 1 
ATOM 782  N N    . GLN A 1 53 ? -3.734  -5.219  -5.618  1.00 10.00 ? 53 GLN A N    1 
ATOM 783  C CA   . GLN A 1 53 ? -4.795  -5.519  -4.657  1.00 10.00 ? 53 GLN A CA   1 
ATOM 784  C C    . GLN A 1 53 ? -5.028  -4.362  -3.667  1.00 10.00 ? 53 GLN A C    1 
ATOM 785  O O    . GLN A 1 53 ? -6.160  -4.002  -3.350  1.00 10.00 ? 53 GLN A O    1 
ATOM 786  C CB   . GLN A 1 53 ? -4.501  -6.837  -3.949  1.00 10.00 ? 53 GLN A CB   1 
ATOM 787  C CG   . GLN A 1 53 ? -4.590  -7.992  -4.952  1.00 10.00 ? 53 GLN A CG   1 
ATOM 788  C CD   . GLN A 1 53 ? -4.454  -9.323  -4.239  1.00 10.00 ? 53 GLN A CD   1 
ATOM 789  O OE1  . GLN A 1 53 ? -5.430  -9.898  -3.772  1.00 10.00 ? 53 GLN A OE1  1 
ATOM 790  N NE2  . GLN A 1 53 ? -3.228  -9.820  -4.137  1.00 10.00 ? 53 GLN A NE2  1 
ATOM 791  H H    . GLN A 1 53 ? -2.814  -5.645  -5.543  1.00 10.00 ? 53 GLN A H    1 
ATOM 792  H HA   . GLN A 1 53 ? -5.718  -5.696  -5.204  1.00 10.00 ? 53 GLN A HA   1 
ATOM 793  H HB2  . GLN A 1 53 ? -3.520  -6.811  -3.472  1.00 10.00 ? 53 GLN A HB2  1 
ATOM 794  H HB3  . GLN A 1 53 ? -5.273  -6.994  -3.195  1.00 10.00 ? 53 GLN A HB3  1 
ATOM 795  H HG2  . GLN A 1 53 ? -5.560  -7.973  -5.451  1.00 10.00 ? 53 GLN A HG2  1 
ATOM 796  H HG3  . GLN A 1 53 ? -3.810  -7.897  -5.709  1.00 10.00 ? 53 GLN A HG3  1 
ATOM 797  H HE21 . GLN A 1 53 ? -2.450  -9.325  -4.541  1.00 10.00 ? 53 GLN A HE21 1 
ATOM 798  H HE22 . GLN A 1 53 ? -3.117  -10.706 -3.678  1.00 10.00 ? 53 GLN A HE22 1 
ATOM 799  N N    . VAL A 1 54 ? -3.938  -3.769  -3.185  1.00 10.00 ? 54 VAL A N    1 
ATOM 800  C CA   . VAL A 1 54 ? -3.917  -2.621  -2.286  1.00 10.00 ? 54 VAL A CA   1 
ATOM 801  C C    . VAL A 1 54 ? -4.582  -1.408  -2.966  1.00 10.00 ? 54 VAL A C    1 
ATOM 802  O O    . VAL A 1 54 ? -5.442  -0.741  -2.396  1.00 10.00 ? 54 VAL A O    1 
ATOM 803  C CB   . VAL A 1 54 ? -2.447  -2.368  -1.881  1.00 10.00 ? 54 VAL A CB   1 
ATOM 804  C CG1  . VAL A 1 54 ? -2.317  -1.203  -0.909  1.00 10.00 ? 54 VAL A CG1  1 
ATOM 805  C CG2  . VAL A 1 54 ? -1.791  -3.640  -1.322  1.00 10.00 ? 54 VAL A CG2  1 
ATOM 806  H H    . VAL A 1 54 ? -3.061  -3.999  -3.634  1.00 10.00 ? 54 VAL A H    1 
ATOM 807  H HA   . VAL A 1 54 ? -4.484  -2.874  -1.391  1.00 10.00 ? 54 VAL A HA   1 
ATOM 808  H HB   . VAL A 1 54 ? -1.858  -2.060  -2.739  1.00 10.00 ? 54 VAL A HB   1 
ATOM 809  H HG11 . VAL A 1 54 ? -1.365  -1.236  -0.384  1.00 10.00 ? 54 VAL A HG11 1 
ATOM 810  H HG12 . VAL A 1 54 ? -2.333  -0.296  -1.506  1.00 10.00 ? 54 VAL A HG12 1 
ATOM 811  H HG13 . VAL A 1 54 ? -3.138  -1.199  -0.193  1.00 10.00 ? 54 VAL A HG13 1 
ATOM 812  H HG21 . VAL A 1 54 ? -2.438  -4.114  -0.588  1.00 10.00 ? 54 VAL A HG21 1 
ATOM 813  H HG22 . VAL A 1 54 ? -1.601  -4.351  -2.125  1.00 10.00 ? 54 VAL A HG22 1 
ATOM 814  H HG23 . VAL A 1 54 ? -0.835  -3.399  -0.857  1.00 10.00 ? 54 VAL A HG23 1 
ATOM 815  N N    . GLU A 1 55 ? -4.189  -1.153  -4.212  1.00 10.00 ? 55 GLU A N    1 
ATOM 816  C CA   . GLU A 1 55 ? -4.715  -0.180  -5.147  1.00 10.00 ? 55 GLU A CA   1 
ATOM 817  C C    . GLU A 1 55 ? -6.232  -0.357  -5.245  1.00 10.00 ? 55 GLU A C    1 
ATOM 818  O O    . GLU A 1 55 ? -6.977  0.586   -4.979  1.00 10.00 ? 55 GLU A O    1 
ATOM 819  C CB   . GLU A 1 55 ? -3.980  -0.415  -6.478  1.00 10.00 ? 55 GLU A CB   1 
ATOM 820  C CG   . GLU A 1 55 ? -4.067  0.717   -7.500  1.00 10.00 ? 55 GLU A CG   1 
ATOM 821  C CD   . GLU A 1 55 ? -3.260  0.395   -8.762  1.00 10.00 ? 55 GLU A CD   1 
ATOM 822  O OE1  . GLU A 1 55 ? -2.754  -0.750  -8.867  1.00 10.00 ? 55 GLU A OE1  1 
ATOM 823  O OE2  . GLU A 1 55 ? -3.160  1.312   -9.602  1.00 10.00 ? 55 GLU A OE2  1 
ATOM 824  H H    . GLU A 1 55 ? -3.499  -1.773  -4.594  1.00 10.00 ? 55 GLU A H    1 
ATOM 825  H HA   . GLU A 1 55 ? -4.483  0.820   -4.777  1.00 10.00 ? 55 GLU A HA   1 
ATOM 826  H HB2  . GLU A 1 55 ? -2.918  -0.554  -6.278  1.00 10.00 ? 55 GLU A HB2  1 
ATOM 827  H HB3  . GLU A 1 55 ? -4.357  -1.316  -6.958  1.00 10.00 ? 55 GLU A HB3  1 
ATOM 828  H HG2  . GLU A 1 55 ? -5.108  0.881   -7.778  1.00 10.00 ? 55 GLU A HG2  1 
ATOM 829  H HG3  . GLU A 1 55 ? -3.672  1.629   -7.056  1.00 10.00 ? 55 GLU A HG3  1 
ATOM 830  N N    . GLN A 1 56 ? -6.694  -1.577  -5.557  1.00 10.00 ? 56 GLN A N    1 
ATOM 831  C CA   . GLN A 1 56 ? -8.116  -1.898  -5.568  1.00 10.00 ? 56 GLN A CA   1 
ATOM 832  C C    . GLN A 1 56 ? -8.760  -1.497  -4.237  1.00 10.00 ? 56 GLN A C    1 
ATOM 833  O O    . GLN A 1 56 ? -9.741  -0.756  -4.225  1.00 10.00 ? 56 GLN A O    1 
ATOM 834  C CB   . GLN A 1 56 ? -8.334  -3.388  -5.874  1.00 10.00 ? 56 GLN A CB   1 
ATOM 835  C CG   . GLN A 1 56 ? -9.811  -3.674  -6.180  1.00 10.00 ? 56 GLN A CG   1 
ATOM 836  C CD   . GLN A 1 56 ? -10.113 -5.164  -6.298  1.00 10.00 ? 56 GLN A CD   1 
ATOM 837  O OE1  . GLN A 1 56 ? -9.228  -6.009  -6.210  1.00 10.00 ? 56 GLN A OE1  1 
ATOM 838  N NE2  . GLN A 1 56 ? -11.385 -5.507  -6.493  1.00 10.00 ? 56 GLN A NE2  1 
ATOM 839  H H    . GLN A 1 56 ? -6.031  -2.311  -5.800  1.00 10.00 ? 56 GLN A H    1 
ATOM 840  H HA   . GLN A 1 56 ? -8.576  -1.313  -6.365  1.00 10.00 ? 56 GLN A HA   1 
ATOM 841  H HB2  . GLN A 1 56 ? -7.738  -3.677  -6.740  1.00 10.00 ? 56 GLN A HB2  1 
ATOM 842  H HB3  . GLN A 1 56 ? -8.024  -3.988  -5.020  1.00 10.00 ? 56 GLN A HB3  1 
ATOM 843  H HG2  . GLN A 1 56 ? -10.436 -3.270  -5.384  1.00 10.00 ? 56 GLN A HG2  1 
ATOM 844  H HG3  . GLN A 1 56 ? -10.075 -3.184  -7.117  1.00 10.00 ? 56 GLN A HG3  1 
ATOM 845  H HE21 . GLN A 1 56 ? -12.103 -4.804  -6.564  1.00 10.00 ? 56 GLN A HE21 1 
ATOM 846  H HE22 . GLN A 1 56 ? -11.609 -6.489  -6.561  1.00 10.00 ? 56 GLN A HE22 1 
ATOM 847  N N    . ALA A 1 57 ? -8.205  -1.956  -3.112  1.00 10.00 ? 57 ALA A N    1 
ATOM 848  C CA   . ALA A 1 57 ? -8.656  -1.566  -1.781  1.00 10.00 ? 57 ALA A CA   1 
ATOM 849  C C    . ALA A 1 57 ? -8.795  -0.043  -1.662  1.00 10.00 ? 57 ALA A C    1 
ATOM 850  O O    . ALA A 1 57 ? -9.778  0.453   -1.113  1.00 10.00 ? 57 ALA A O    1 
ATOM 851  C CB   . ALA A 1 57 ? -7.698  -2.139  -0.724  1.00 10.00 ? 57 ALA A CB   1 
ATOM 852  H H    . ALA A 1 57 ? -7.413  -2.586  -3.173  1.00 10.00 ? 57 ALA A H    1 
ATOM 853  H HA   . ALA A 1 57 ? -9.643  -2.006  -1.622  1.00 10.00 ? 57 ALA A HA   1 
ATOM 854  H HB1  . ALA A 1 57 ? -6.862  -2.660  -1.185  1.00 10.00 ? 57 ALA A HB1  1 
ATOM 855  H HB2  . ALA A 1 57 ? -7.292  -1.344  -0.097  1.00 10.00 ? 57 ALA A HB2  1 
ATOM 856  H HB3  . ALA A 1 57 ? -8.235  -2.857  -0.104  1.00 10.00 ? 57 ALA A HB3  1 
ATOM 857  N N    . GLY A 1 58 ? -7.824  0.705   -2.188  1.00 10.00 ? 58 GLY A N    1 
ATOM 858  C CA   . GLY A 1 58 ? -7.775  2.155   -2.101  1.00 10.00 ? 58 GLY A CA   1 
ATOM 859  C C    . GLY A 1 58 ? -8.843  2.837   -2.956  1.00 10.00 ? 58 GLY A C    1 
ATOM 860  O O    . GLY A 1 58 ? -8.998  4.057   -2.883  1.00 10.00 ? 58 GLY A O    1 
ATOM 861  H H    . GLY A 1 58 ? -7.047  0.249   -2.658  1.00 10.00 ? 58 GLY A H    1 
ATOM 862  H HA2  . GLY A 1 58 ? -7.899  2.450   -1.053  1.00 10.00 ? 58 GLY A HA2  1 
ATOM 863  H HA3  . GLY A 1 58 ? -6.795  2.488   -2.443  1.00 10.00 ? 58 GLY A HA3  1 
ATOM 864  N N    . ALA A 1 59 ? -9.625  2.075   -3.729  1.00 10.00 ? 59 ALA A N    1 
ATOM 865  C CA   . ALA A 1 59 ? -10.793 2.591   -4.424  1.00 10.00 ? 59 ALA A CA   1 
ATOM 866  C C    . ALA A 1 59 ? -11.716 3.369   -3.482  1.00 10.00 ? 59 ALA A C    1 
ATOM 867  O O    . ALA A 1 59 ? -12.434 4.244   -3.954  1.00 10.00 ? 59 ALA A O    1 
ATOM 868  C CB   . ALA A 1 59 ? -11.553 1.458   -5.117  1.00 10.00 ? 59 ALA A CB   1 
ATOM 869  H H    . ALA A 1 59 ? -9.440  1.078   -3.809  1.00 10.00 ? 59 ALA A H    1 
ATOM 870  H HA   . ALA A 1 59 ? -10.446 3.277   -5.198  1.00 10.00 ? 59 ALA A HA   1 
ATOM 871  H HB1  . ALA A 1 59 ? -11.914 0.743   -4.378  1.00 10.00 ? 59 ALA A HB1  1 
ATOM 872  H HB2  . ALA A 1 59 ? -12.405 1.869   -5.659  1.00 10.00 ? 59 ALA A HB2  1 
ATOM 873  H HB3  . ALA A 1 59 ? -10.897 0.952   -5.827  1.00 10.00 ? 59 ALA A HB3  1 
ATOM 874  N N    . PHE A 1 60 ? -11.685 3.109   -2.166  1.00 10.00 ? 60 PHE A N    1 
ATOM 875  C CA   . PHE A 1 60 ? -12.449 3.912   -1.219  1.00 10.00 ? 60 PHE A CA   1 
ATOM 876  C C    . PHE A 1 60 ? -12.162 5.417   -1.333  1.00 10.00 ? 60 PHE A C    1 
ATOM 877  O O    . PHE A 1 60 ? -13.073 6.210   -1.113  1.00 10.00 ? 60 PHE A O    1 
ATOM 878  C CB   . PHE A 1 60 ? -12.336 3.379   0.220   1.00 10.00 ? 60 PHE A CB   1 
ATOM 879  C CG   . PHE A 1 60 ? -10.984 3.460   0.916   1.00 10.00 ? 60 PHE A CG   1 
ATOM 880  C CD1  . PHE A 1 60 ? -10.500 4.700   1.376   1.00 10.00 ? 60 PHE A CD1  1 
ATOM 881  C CD2  . PHE A 1 60 ? -10.337 2.279   1.329   1.00 10.00 ? 60 PHE A CD2  1 
ATOM 882  C CE1  . PHE A 1 60 ? -9.348  4.765   2.178   1.00 10.00 ? 60 PHE A CE1  1 
ATOM 883  C CE2  . PHE A 1 60 ? -9.209  2.339   2.167   1.00 10.00 ? 60 PHE A CE2  1 
ATOM 884  C CZ   . PHE A 1 60 ? -8.709  3.583   2.588   1.00 10.00 ? 60 PHE A CZ   1 
ATOM 885  H H    . PHE A 1 60 ? -11.086 2.370   -1.818  1.00 10.00 ? 60 PHE A H    1 
ATOM 886  H HA   . PHE A 1 60 ? -13.498 3.786   -1.496  1.00 10.00 ? 60 PHE A HA   1 
ATOM 887  H HB2  . PHE A 1 60 ? -13.044 3.948   0.824   1.00 10.00 ? 60 PHE A HB2  1 
ATOM 888  H HB3  . PHE A 1 60 ? -12.676 2.343   0.215   1.00 10.00 ? 60 PHE A HB3  1 
ATOM 889  H HD1  . PHE A 1 60 ? -11.023 5.616   1.148   1.00 10.00 ? 60 PHE A HD1  1 
ATOM 890  H HD2  . PHE A 1 60 ? -10.713 1.313   1.023   1.00 10.00 ? 60 PHE A HD2  1 
ATOM 891  H HE1  . PHE A 1 60 ? -8.971  5.731   2.494   1.00 10.00 ? 60 PHE A HE1  1 
ATOM 892  H HE2  . PHE A 1 60 ? -8.734  1.423   2.491   1.00 10.00 ? 60 PHE A HE2  1 
ATOM 893  H HZ   . PHE A 1 60 ? -7.840  3.637   3.229   1.00 10.00 ? 60 PHE A HZ   1 
ATOM 894  N N    . GLU A 1 61 ? -10.926 5.809   -1.674  1.00 10.00 ? 61 GLU A N    1 
ATOM 895  C CA   . GLU A 1 61 ? -10.542 7.207   -1.901  1.00 10.00 ? 61 GLU A CA   1 
ATOM 896  C C    . GLU A 1 61 ? -9.933  7.446   -3.291  1.00 10.00 ? 61 GLU A C    1 
ATOM 897  O O    . GLU A 1 61 ? -9.610  8.584   -3.620  1.00 10.00 ? 61 GLU A O    1 
ATOM 898  C CB   . GLU A 1 61 ? -9.602  7.682   -0.781  1.00 10.00 ? 61 GLU A CB   1 
ATOM 899  C CG   . GLU A 1 61 ? -10.369 8.432   0.317   1.00 10.00 ? 61 GLU A CG   1 
ATOM 900  C CD   . GLU A 1 61 ? -9.478  8.823   1.489   1.00 10.00 ? 61 GLU A CD   1 
ATOM 901  O OE1  . GLU A 1 61 ? -8.296  8.425   1.496   1.00 10.00 ? 61 GLU A OE1  1 
ATOM 902  O OE2  . GLU A 1 61 ? -9.997  9.483   2.414   1.00 10.00 ? 61 GLU A OE2  1 
ATOM 903  H H    . GLU A 1 61 ? -10.215 5.096   -1.808  1.00 10.00 ? 61 GLU A H    1 
ATOM 904  H HA   . GLU A 1 61 ? -11.428 7.843   -1.882  1.00 10.00 ? 61 GLU A HA   1 
ATOM 905  H HB2  . GLU A 1 61 ? -9.075  6.834   -0.345  1.00 10.00 ? 61 GLU A HB2  1 
ATOM 906  H HB3  . GLU A 1 61 ? -8.857  8.374   -1.177  1.00 10.00 ? 61 GLU A HB3  1 
ATOM 907  H HG2  . GLU A 1 61 ? -10.790 9.347   -0.103  1.00 10.00 ? 61 GLU A HG2  1 
ATOM 908  H HG3  . GLU A 1 61 ? -11.187 7.822   0.694   1.00 10.00 ? 61 GLU A HG3  1 
ATOM 909  N N    . HIS A 1 62 ? -9.785  6.403   -4.113  1.00 10.00 ? 62 HIS A N    1 
ATOM 910  C CA   . HIS A 1 62 ? -9.252  6.493   -5.470  1.00 10.00 ? 62 HIS A CA   1 
ATOM 911  C C    . HIS A 1 62 ? -7.782  6.928   -5.433  1.00 10.00 ? 62 HIS A C    1 
ATOM 912  O O    . HIS A 1 62 ? -7.376  7.827   -6.170  1.00 10.00 ? 62 HIS A O    1 
ATOM 913  C CB   . HIS A 1 62 ? -10.082 7.439   -6.366  1.00 10.00 ? 62 HIS A CB   1 
ATOM 914  C CG   . HIS A 1 62 ? -11.586 7.298   -6.338  1.00 10.00 ? 62 HIS A CG   1 
ATOM 915  N ND1  . HIS A 1 62 ? -12.330 6.336   -5.694  1.00 10.00 ? 62 HIS A ND1  1 
ATOM 916  C CD2  . HIS A 1 62 ? -12.469 8.162   -6.929  1.00 10.00 ? 62 HIS A CD2  1 
ATOM 917  C CE1  . HIS A 1 62 ? -13.627 6.615   -5.899  1.00 10.00 ? 62 HIS A CE1  1 
ATOM 918  N NE2  . HIS A 1 62 ? -13.764 7.718   -6.650  1.00 10.00 ? 62 HIS A NE2  1 
ATOM 919  H H    . HIS A 1 62 ? -9.930  5.476   -3.735  1.00 10.00 ? 62 HIS A H    1 
ATOM 920  H HA   . HIS A 1 62 ? -9.293  5.494   -5.907  1.00 10.00 ? 62 HIS A HA   1 
ATOM 921  H HB2  . HIS A 1 62 ? -9.859  8.474   -6.104  1.00 10.00 ? 62 HIS A HB2  1 
ATOM 922  H HB3  . HIS A 1 62 ? -9.757  7.291   -7.396  1.00 10.00 ? 62 HIS A HB3  1 
ATOM 923  H HD1  . HIS A 1 62 ? -11.987 5.573   -5.124  1.00 10.00 ? 62 HIS A HD1  1 
ATOM 924  H HD2  . HIS A 1 62 ? -12.210 9.043   -7.499  1.00 10.00 ? 62 HIS A HD2  1 
ATOM 925  H HE1  . HIS A 1 62 ? -14.447 6.034   -5.501  1.00 10.00 ? 62 HIS A HE1  1 
ATOM 926  N N    . LEU A 1 63 ? -6.968  6.307   -4.573  1.00 10.00 ? 63 LEU A N    1 
ATOM 927  C CA   . LEU A 1 63 ? -5.560  6.677   -4.519  1.00 10.00 ? 63 LEU A CA   1 
ATOM 928  C C    . LEU A 1 63 ? -4.858  6.223   -5.796  1.00 10.00 ? 63 LEU A C    1 
ATOM 929  O O    . LEU A 1 63 ? -5.258  5.231   -6.400  1.00 10.00 ? 63 LEU A O    1 
ATOM 930  C CB   . LEU A 1 63 ? -4.869  6.099   -3.277  1.00 10.00 ? 63 LEU A CB   1 
ATOM 931  C CG   . LEU A 1 63 ? -5.412  6.602   -1.927  1.00 10.00 ? 63 LEU A CG   1 
ATOM 932  C CD1  . LEU A 1 63 ? -5.844  8.072   -1.961  1.00 10.00 ? 63 LEU A CD1  1 
ATOM 933  C CD2  . LEU A 1 63 ? -6.568  5.753   -1.391  1.00 10.00 ? 63 LEU A CD2  1 
ATOM 934  H H    . LEU A 1 63 ? -7.301  5.528   -4.017  1.00 10.00 ? 63 LEU A H    1 
ATOM 935  H HA   . LEU A 1 63 ? -5.478  7.765   -4.488  1.00 10.00 ? 63 LEU A HA   1 
ATOM 936  H HB2  . LEU A 1 63 ? -4.902  5.008   -3.309  1.00 10.00 ? 63 LEU A HB2  1 
ATOM 937  H HB3  . LEU A 1 63 ? -3.822  6.398   -3.331  1.00 10.00 ? 63 LEU A HB3  1 
ATOM 938  H HG   . LEU A 1 63 ? -4.596  6.507   -1.212  1.00 10.00 ? 63 LEU A HG   1 
ATOM 939  H HD11 . LEU A 1 63 ? -6.183  8.357   -0.970  1.00 10.00 ? 63 LEU A HD11 1 
ATOM 940  H HD12 . LEU A 1 63 ? -5.009  8.705   -2.255  1.00 10.00 ? 63 LEU A HD12 1 
ATOM 941  H HD13 . LEU A 1 63 ? -6.681  8.224   -2.641  1.00 10.00 ? 63 LEU A HD13 1 
ATOM 942  H HD21 . LEU A 1 63 ? -7.464  5.914   -1.984  1.00 10.00 ? 63 LEU A HD21 1 
ATOM 943  H HD22 . LEU A 1 63 ? -6.300  4.697   -1.405  1.00 10.00 ? 63 LEU A HD22 1 
ATOM 944  H HD23 . LEU A 1 63 ? -6.777  6.045   -0.361  1.00 10.00 ? 63 LEU A HD23 1 
ATOM 945  N N    . LYS A 1 64 ? -3.799  6.940   -6.191  1.00 10.00 ? 64 LYS A N    1 
ATOM 946  C CA   . LYS A 1 64 ? -2.892  6.489   -7.235  1.00 10.00 ? 64 LYS A CA   1 
ATOM 947  C C    . LYS A 1 64 ? -1.597  6.126   -6.528  1.00 10.00 ? 64 LYS A C    1 
ATOM 948  O O    . LYS A 1 64 ? -1.081  6.936   -5.753  1.00 10.00 ? 64 LYS A O    1 
ATOM 949  C CB   . LYS A 1 64 ? -2.703  7.519   -8.368  1.00 10.00 ? 64 LYS A CB   1 
ATOM 950  C CG   . LYS A 1 64 ? -3.044  8.990   -8.087  1.00 10.00 ? 64 LYS A CG   1 
ATOM 951  C CD   . LYS A 1 64 ? -1.904  9.718   -7.358  1.00 10.00 ? 64 LYS A CD   1 
ATOM 952  C CE   . LYS A 1 64 ? -2.184  11.223  -7.201  1.00 10.00 ? 64 LYS A CE   1 
ATOM 953  N NZ   . LYS A 1 64 ? -3.365  11.502  -6.355  1.00 10.00 ? 64 LYS A NZ   1 
ATOM 954  H H    . LYS A 1 64 ? -3.436  7.654   -5.574  1.00 10.00 ? 64 LYS A H    1 
ATOM 955  H HA   . LYS A 1 64 ? -3.272  5.581   -7.708  1.00 10.00 ? 64 LYS A HA   1 
ATOM 956  H HB2  . LYS A 1 64 ? -1.679  7.457   -8.743  1.00 10.00 ? 64 LYS A HB2  1 
ATOM 957  H HB3  . LYS A 1 64 ? -3.366  7.208   -9.176  1.00 10.00 ? 64 LYS A HB3  1 
ATOM 958  H HG2  . LYS A 1 64 ? -3.174  9.470   -9.060  1.00 10.00 ? 64 LYS A HG2  1 
ATOM 959  H HG3  . LYS A 1 64 ? -3.994  9.044   -7.558  1.00 10.00 ? 64 LYS A HG3  1 
ATOM 960  H HD2  . LYS A 1 64 ? -1.718  9.247   -6.392  1.00 10.00 ? 64 LYS A HD2  1 
ATOM 961  H HD3  . LYS A 1 64 ? -0.990  9.606   -7.946  1.00 10.00 ? 64 LYS A HD3  1 
ATOM 962  H HE2  . LYS A 1 64 ? -1.313  11.711  -6.757  1.00 10.00 ? 64 LYS A HE2  1 
ATOM 963  H HE3  . LYS A 1 64 ? -2.322  11.668  -8.188  1.00 10.00 ? 64 LYS A HE3  1 
ATOM 964  H HZ1  . LYS A 1 64 ? -2.812  11.039  -5.636  1.00 10.00 ? 64 LYS A HZ1  1 
ATOM 965  H HZ2  . LYS A 1 64 ? -4.002  10.895  -5.857  1.00 10.00 ? 64 LYS A HZ2  1 
ATOM 966  H HZ3  . LYS A 1 64 ? -3.903  11.134  -7.122  1.00 10.00 ? 64 LYS A HZ3  1 
ATOM 967  N N    . ILE A 1 65 ? -1.124  4.895   -6.748  1.00 10.00 ? 65 ILE A N    1 
ATOM 968  C CA   . ILE A 1 65 ? 0.104   4.390   -6.167  1.00 10.00 ? 65 ILE A CA   1 
ATOM 969  C C    . ILE A 1 65 ? 1.030   4.023   -7.323  1.00 10.00 ? 65 ILE A C    1 
ATOM 970  O O    . ILE A 1 65 ? 0.665   3.216   -8.172  1.00 10.00 ? 65 ILE A O    1 
ATOM 971  C CB   . ILE A 1 65 ? -0.156  3.211   -5.211  1.00 10.00 ? 65 ILE A CB   1 
ATOM 972  C CG1  . ILE A 1 65 ? -1.452  3.406   -4.412  1.00 10.00 ? 65 ILE A CG1  1 
ATOM 973  C CG2  . ILE A 1 65 ? 1.074   2.990   -4.333  1.00 10.00 ? 65 ILE A CG2  1 
ATOM 974  C CD1  . ILE A 1 65 ? -1.619  2.548   -3.162  1.00 10.00 ? 65 ILE A CD1  1 
ATOM 975  H H    . ILE A 1 65 ? -1.600  4.283   -7.397  1.00 10.00 ? 65 ILE A H    1 
ATOM 976  H HA   . ILE A 1 65 ? 0.551   5.189   -5.593  1.00 10.00 ? 65 ILE A HA   1 
ATOM 977  H HB   . ILE A 1 65 ? -0.295  2.314   -5.797  1.00 10.00 ? 65 ILE A HB   1 
ATOM 978  H HG12 . ILE A 1 65 ? -1.555  4.446   -4.108  1.00 10.00 ? 65 ILE A HG12 1 
ATOM 979  H HG13 . ILE A 1 65 ? -2.260  3.115   -5.081  1.00 10.00 ? 65 ILE A HG13 1 
ATOM 980  H HG21 . ILE A 1 65 ? 0.982   2.063   -3.781  1.00 10.00 ? 65 ILE A HG21 1 
ATOM 981  H HG22 . ILE A 1 65 ? 1.954   2.928   -4.966  1.00 10.00 ? 65 ILE A HG22 1 
ATOM 982  H HG23 . ILE A 1 65 ? 1.200   3.810   -3.633  1.00 10.00 ? 65 ILE A HG23 1 
ATOM 983  H HD11 . ILE A 1 65 ? -0.855  2.787   -2.427  1.00 10.00 ? 65 ILE A HD11 1 
ATOM 984  H HD12 . ILE A 1 65 ? -2.591  2.784   -2.732  1.00 10.00 ? 65 ILE A HD12 1 
ATOM 985  H HD13 . ILE A 1 65 ? -1.590  1.492   -3.424  1.00 10.00 ? 65 ILE A HD13 1 
ATOM 986  N N    . ILE A 1 66 ? 2.204   4.652   -7.386  1.00 10.00 ? 66 ILE A N    1 
ATOM 987  C CA   . ILE A 1 66 ? 3.163   4.493   -8.462  1.00 10.00 ? 66 ILE A CA   1 
ATOM 988  C C    . ILE A 1 66 ? 4.315   3.666   -7.888  1.00 10.00 ? 66 ILE A C    1 
ATOM 989  O O    . ILE A 1 66 ? 4.811   3.999   -6.810  1.00 10.00 ? 66 ILE A O    1 
ATOM 990  C CB   . ILE A 1 66 ? 3.638   5.880   -8.944  1.00 10.00 ? 66 ILE A CB   1 
ATOM 991  C CG1  . ILE A 1 66 ? 2.441   6.720   -9.434  1.00 10.00 ? 66 ILE A CG1  1 
ATOM 992  C CG2  . ILE A 1 66 ? 4.680   5.734   -10.067 1.00 10.00 ? 66 ILE A CG2  1 
ATOM 993  C CD1  . ILE A 1 66 ? 2.824   8.154   -9.811  1.00 10.00 ? 66 ILE A CD1  1 
ATOM 994  H H    . ILE A 1 66 ? 2.507   5.188   -6.580  1.00 10.00 ? 66 ILE A H    1 
ATOM 995  H HA   . ILE A 1 66 ? 2.686   3.991   -9.301  1.00 10.00 ? 66 ILE A HA   1 
ATOM 996  H HB   . ILE A 1 66 ? 4.107   6.398   -8.106  1.00 10.00 ? 66 ILE A HB   1 
ATOM 997  H HG12 . ILE A 1 66 ? 1.979   6.236   -10.296 1.00 10.00 ? 66 ILE A HG12 1 
ATOM 998  H HG13 . ILE A 1 66 ? 1.694   6.794   -8.642  1.00 10.00 ? 66 ILE A HG13 1 
ATOM 999  H HG21 . ILE A 1 66 ? 5.513   5.113   -9.743  1.00 10.00 ? 66 ILE A HG21 1 
ATOM 1000 H HG22 . ILE A 1 66 ? 4.220   5.285   -10.947 1.00 10.00 ? 66 ILE A HG22 1 
ATOM 1001 H HG23 . ILE A 1 66 ? 5.087   6.708   -10.337 1.00 10.00 ? 66 ILE A HG23 1 
ATOM 1002 H HD11 . ILE A 1 66 ? 3.444   8.169   -10.705 1.00 10.00 ? 66 ILE A HD11 1 
ATOM 1003 H HD12 . ILE A 1 66 ? 1.918   8.724   -10.013 1.00 10.00 ? 66 ILE A HD12 1 
ATOM 1004 H HD13 . ILE A 1 66 ? 3.361   8.624   -8.986  1.00 10.00 ? 66 ILE A HD13 1 
ATOM 1005 N N    . PRO A 1 67 ? 4.762   2.595   -8.560  1.00 10.00 ? 67 PRO A N    1 
ATOM 1006 C CA   . PRO A 1 67 ? 5.940   1.875   -8.124  1.00 10.00 ? 67 PRO A CA   1 
ATOM 1007 C C    . PRO A 1 67 ? 7.146   2.814   -8.172  1.00 10.00 ? 67 PRO A C    1 
ATOM 1008 O O    . PRO A 1 67 ? 7.546   3.246   -9.252  1.00 10.00 ? 67 PRO A O    1 
ATOM 1009 C CB   . PRO A 1 67 ? 6.080   0.684   -9.079  1.00 10.00 ? 67 PRO A CB   1 
ATOM 1010 C CG   . PRO A 1 67 ? 5.368   1.151   -10.350 1.00 10.00 ? 67 PRO A CG   1 
ATOM 1011 C CD   . PRO A 1 67 ? 4.264   2.069   -9.824  1.00 10.00 ? 67 PRO A CD   1 
ATOM 1012 H HA   . PRO A 1 67 ? 5.817   1.505   -7.106  1.00 10.00 ? 67 PRO A HA   1 
ATOM 1013 H HB2  . PRO A 1 67 ? 7.120   0.416   -9.265  1.00 10.00 ? 67 PRO A HB2  1 
ATOM 1014 H HB3  . PRO A 1 67 ? 5.544   -0.175  -8.674  1.00 10.00 ? 67 PRO A HB3  1 
ATOM 1015 H HG2  . PRO A 1 67 ? 6.062   1.735   -10.956 1.00 10.00 ? 67 PRO A HG2  1 
ATOM 1016 H HG3  . PRO A 1 67 ? 4.971   0.320   -10.932 1.00 10.00 ? 67 PRO A HG3  1 
ATOM 1017 H HD2  . PRO A 1 67 ? 4.072   2.846   -10.563 1.00 10.00 ? 67 PRO A HD2  1 
ATOM 1018 H HD3  . PRO A 1 67 ? 3.355   1.494   -9.639  1.00 10.00 ? 67 PRO A HD3  1 
ATOM 1019 N N    . GLU A 1 68 ? 7.725   3.120   -7.006  1.00 10.00 ? 68 GLU A N    1 
ATOM 1020 C CA   . GLU A 1 68 ? 8.989   3.806   -6.839  1.00 10.00 ? 68 GLU A CA   1 
ATOM 1021 C C    . GLU A 1 68 ? 10.124  2.904   -7.352  1.00 10.00 ? 68 GLU A C    1 
ATOM 1022 O O    . GLU A 1 68 ? 11.009  2.497   -6.601  1.00 10.00 ? 68 GLU A O    1 
ATOM 1023 C CB   . GLU A 1 68 ? 9.135   4.146   -5.343  1.00 10.00 ? 68 GLU A CB   1 
ATOM 1024 C CG   . GLU A 1 68 ? 10.054  5.355   -5.145  1.00 10.00 ? 68 GLU A CG   1 
ATOM 1025 C CD   . GLU A 1 68 ? 10.394  5.619   -3.680  1.00 10.00 ? 68 GLU A CD   1 
ATOM 1026 O OE1  . GLU A 1 68 ? 10.477  4.647   -2.903  1.00 10.00 ? 68 GLU A OE1  1 
ATOM 1027 O OE2  . GLU A 1 68 ? 10.536  6.808   -3.302  1.00 10.00 ? 68 GLU A OE2  1 
ATOM 1028 H H    . GLU A 1 68 ? 7.284   2.844   -6.150  1.00 10.00 ? 68 GLU A H    1 
ATOM 1029 H HA   . GLU A 1 68 ? 8.964   4.727   -7.423  1.00 10.00 ? 68 GLU A HA   1 
ATOM 1030 H HB2  . GLU A 1 68 ? 8.164   4.399   -4.919  1.00 10.00 ? 68 GLU A HB2  1 
ATOM 1031 H HB3  . GLU A 1 68 ? 9.520   3.281   -4.796  1.00 10.00 ? 68 GLU A HB3  1 
ATOM 1032 H HG2  . GLU A 1 68 ? 10.981  5.167   -5.684  1.00 10.00 ? 68 GLU A HG2  1 
ATOM 1033 H HG3  . GLU A 1 68 ? 9.546   6.210   -5.585  1.00 10.00 ? 68 GLU A HG3  1 
ATOM 1034 N N    . LYS A 1 69 ? 10.083  2.548   -8.637  1.00 10.00 ? 69 LYS A N    1 
ATOM 1035 C CA   . LYS A 1 69 ? 11.058  1.653   -9.221  1.00 10.00 ? 69 LYS A CA   1 
ATOM 1036 C C    . LYS A 1 69 ? 12.387  2.395   -9.323  1.00 10.00 ? 69 LYS A C    1 
ATOM 1037 O O    . LYS A 1 69 ? 12.570  3.231   -10.204 1.00 10.00 ? 69 LYS A O    1 
ATOM 1038 C CB   . LYS A 1 69 ? 10.590  1.139   -10.591 1.00 10.00 ? 69 LYS A CB   1 
ATOM 1039 C CG   . LYS A 1 69 ? 11.518  -0.002  -11.043 1.00 10.00 ? 69 LYS A CG   1 
ATOM 1040 C CD   . LYS A 1 69 ? 11.728  -0.014  -12.562 1.00 10.00 ? 69 LYS A CD   1 
ATOM 1041 C CE   . LYS A 1 69 ? 12.869  -0.970  -12.940 1.00 10.00 ? 69 LYS A CE   1 
ATOM 1042 N NZ   . LYS A 1 69 ? 14.200  -0.407  -12.620 1.00 10.00 ? 69 LYS A NZ   1 
ATOM 1043 H H    . LYS A 1 69 ? 9.340   2.914   -9.222  1.00 10.00 ? 69 LYS A H    1 
ATOM 1044 H HA   . LYS A 1 69 ? 11.160  0.787   -8.564  1.00 10.00 ? 69 LYS A HA   1 
ATOM 1045 H HB2  . LYS A 1 69 ? 9.569   0.762   -10.524 1.00 10.00 ? 69 LYS A HB2  1 
ATOM 1046 H HB3  . LYS A 1 69 ? 10.609  1.963   -11.306 1.00 10.00 ? 69 LYS A HB3  1 
ATOM 1047 H HG2  . LYS A 1 69 ? 12.486  0.109   -10.560 1.00 10.00 ? 69 LYS A HG2  1 
ATOM 1048 H HG3  . LYS A 1 69 ? 11.095  -0.953  -10.714 1.00 10.00 ? 69 LYS A HG3  1 
ATOM 1049 H HD2  . LYS A 1 69 ? 10.802  -0.337  -13.040 1.00 10.00 ? 69 LYS A HD2  1 
ATOM 1050 H HD3  . LYS A 1 69 ? 11.968  0.992   -12.918 1.00 10.00 ? 69 LYS A HD3  1 
ATOM 1051 H HE2  . LYS A 1 69 ? 12.737  -1.922  -12.424 1.00 10.00 ? 69 LYS A HE2  1 
ATOM 1052 H HE3  . LYS A 1 69 ? 12.832  -1.152  -14.017 1.00 10.00 ? 69 LYS A HE3  1 
ATOM 1053 H HZ1  . LYS A 1 69 ? 14.388  0.422   -13.182 1.00 10.00 ? 69 LYS A HZ1  1 
ATOM 1054 H HZ2  . LYS A 1 69 ? 14.292  -0.082  -11.660 1.00 10.00 ? 69 LYS A HZ2  1 
ATOM 1055 H HZ3  . LYS A 1 69 ? 14.947  -1.056  -12.809 1.00 10.00 ? 69 LYS A HZ3  1 
ATOM 1056 N N    . GLU A 1 70 ? 13.321  2.053   -8.437  1.00 10.00 ? 70 GLU A N    1 
ATOM 1057 C CA   . GLU A 1 70 ? 14.712  2.443   -8.567  1.00 10.00 ? 70 GLU A CA   1 
ATOM 1058 C C    . GLU A 1 70 ? 15.225  2.046   -9.963  1.00 10.00 ? 70 GLU A C    1 
ATOM 1059 O O    . GLU A 1 70 ? 14.890  0.961   -10.454 1.00 10.00 ? 70 GLU A O    1 
ATOM 1060 C CB   . GLU A 1 70 ? 15.498  1.755   -7.444  1.00 10.00 ? 70 GLU A CB   1 
ATOM 1061 C CG   . GLU A 1 70 ? 16.949  2.246   -7.327  1.00 10.00 ? 70 GLU A CG   1 
ATOM 1062 C CD   . GLU A 1 70 ? 17.945  1.106   -7.513  1.00 10.00 ? 70 GLU A CD   1 
ATOM 1063 O OE1  . GLU A 1 70 ? 17.818  0.121   -6.756  1.00 10.00 ? 70 GLU A OE1  1 
ATOM 1064 O OE2  . GLU A 1 70 ? 18.799  1.242   -8.413  1.00 10.00 ? 70 GLU A OE2  1 
ATOM 1065 H H    . GLU A 1 70 ? 13.058  1.443   -7.678  1.00 10.00 ? 70 GLU A H    1 
ATOM 1066 H HA   . GLU A 1 70 ? 14.771  3.525   -8.437  1.00 10.00 ? 70 GLU A HA   1 
ATOM 1067 H HB2  . GLU A 1 70 ? 15.005  1.949   -6.490  1.00 10.00 ? 70 GLU A HB2  1 
ATOM 1068 H HB3  . GLU A 1 70 ? 15.484  0.677   -7.616  1.00 10.00 ? 70 GLU A HB3  1 
ATOM 1069 H HG2  . GLU A 1 70 ? 17.162  3.024   -8.058  1.00 10.00 ? 70 GLU A HG2  1 
ATOM 1070 H HG3  . GLU A 1 70 ? 17.108  2.663   -6.333  1.00 10.00 ? 70 GLU A HG3  1 
ATOM 1071 N N    . ALA A 1 71 ? 16.007  2.933   -10.585 1.00 10.00 ? 71 ALA A N    1 
ATOM 1072 C CA   . ALA A 1 71 ? 16.603  2.786   -11.907 1.00 10.00 ? 71 ALA A CA   1 
ATOM 1073 C C    . ALA A 1 71 ? 15.535  2.774   -13.004 1.00 10.00 ? 71 ALA A C    1 
ATOM 1074 O O    . ALA A 1 71 ? 15.309  1.694   -13.594 1.00 10.00 ? 71 ALA A O    1 
ATOM 1075 C CB   . ALA A 1 71 ? 17.540  1.570   -11.957 1.00 10.00 ? 71 ALA A CB   1 
ATOM 1076 O OXT  . ALA A 1 71 ? 14.952  3.852   -13.239 1.00 10.00 ? 71 ALA A OXT  1 
ATOM 1077 H H    . ALA A 1 71 ? 16.177  3.807   -10.114 1.00 10.00 ? 71 ALA A H    1 
ATOM 1078 H HA   . ALA A 1 71 ? 17.219  3.669   -12.076 1.00 10.00 ? 71 ALA A HA   1 
ATOM 1079 H HB1  . ALA A 1 71 ? 18.062  1.560   -12.913 1.00 10.00 ? 71 ALA A HB1  1 
ATOM 1080 H HB2  . ALA A 1 71 ? 16.984  0.639   -11.850 1.00 10.00 ? 71 ALA A HB2  1 
ATOM 1081 H HB3  . ALA A 1 71 ? 18.271  1.639   -11.151 1.00 10.00 ? 71 ALA A HB3  1 
# 
